data_1KG1
#
_entry.id   1KG1
#
_entity_poly.entity_id   1
_entity_poly.type   'polypeptide(L)'
_entity_poly.pdbx_seq_one_letter_code
;DRCRYTLCCDGALKAVSACLHESESCLVPGDCCRGKSRLTLCSYGEGGNGFQCPTGYRQC
;
_entity_poly.pdbx_strand_id   A
#
# COMPACT_ATOMS: atom_id res chain seq x y z
N ASP A 1 12.73 -7.44 -20.71
CA ASP A 1 11.75 -6.39 -20.95
C ASP A 1 12.05 -5.21 -20.02
N ARG A 2 11.28 -4.15 -20.22
CA ARG A 2 11.44 -2.94 -19.41
C ARG A 2 10.73 -3.10 -18.07
N CYS A 3 11.21 -2.35 -17.09
CA CYS A 3 10.63 -2.40 -15.76
C CYS A 3 9.12 -2.20 -15.89
N ARG A 4 8.40 -2.61 -14.85
CA ARG A 4 6.95 -2.48 -14.83
C ARG A 4 6.53 -1.46 -13.77
N TYR A 5 6.32 -0.23 -14.23
CA TYR A 5 5.90 0.84 -13.34
C TYR A 5 4.74 0.39 -12.45
N THR A 6 5.05 0.23 -11.17
CA THR A 6 4.04 -0.19 -10.20
C THR A 6 3.74 0.95 -9.23
N LEU A 7 2.62 0.79 -8.52
CA LEU A 7 2.21 1.79 -7.55
C LEU A 7 2.58 1.31 -6.15
N CYS A 8 3.58 1.97 -5.57
CA CYS A 8 4.05 1.63 -4.24
C CYS A 8 4.08 2.91 -3.40
N CYS A 9 4.19 2.71 -2.10
CA CYS A 9 4.23 3.84 -1.17
C CYS A 9 5.69 4.04 -0.73
N ASP A 10 6.00 5.29 -0.44
CA ASP A 10 7.34 5.64 0.00
C ASP A 10 7.43 5.51 1.52
N GLY A 11 6.27 5.37 2.14
CA GLY A 11 6.19 5.24 3.58
C GLY A 11 6.11 6.61 4.25
N ALA A 12 6.68 7.61 3.56
CA ALA A 12 6.68 8.96 4.08
C ALA A 12 6.70 9.94 2.91
N LEU A 13 5.53 10.13 2.31
CA LEU A 13 5.40 11.04 1.19
C LEU A 13 3.99 10.93 0.61
N LYS A 14 3.81 9.94 -0.26
CA LYS A 14 2.52 9.71 -0.88
C LYS A 14 2.65 8.60 -1.92
N ALA A 15 1.71 7.66 -1.86
CA ALA A 15 1.71 6.55 -2.78
C ALA A 15 1.85 7.07 -4.21
N VAL A 16 2.84 6.54 -4.91
CA VAL A 16 3.09 6.95 -6.29
C VAL A 16 3.56 5.73 -7.09
N SER A 17 3.91 5.99 -8.35
CA SER A 17 4.37 4.95 -9.22
C SER A 17 5.91 4.93 -9.27
N ALA A 18 6.46 3.73 -9.13
CA ALA A 18 7.90 3.57 -9.15
C ALA A 18 8.29 2.57 -10.25
N CYS A 19 9.54 2.65 -10.67
CA CYS A 19 10.03 1.77 -11.70
C CYS A 19 10.73 0.59 -11.03
N LEU A 20 9.94 -0.41 -10.68
CA LEU A 20 10.46 -1.60 -10.03
C LEU A 20 10.18 -2.82 -10.92
N HIS A 21 10.99 -3.85 -10.71
CA HIS A 21 10.85 -5.08 -11.48
C HIS A 21 10.00 -6.08 -10.68
N GLU A 22 9.66 -7.17 -11.35
CA GLU A 22 8.86 -8.21 -10.73
C GLU A 22 9.66 -8.90 -9.63
N SER A 23 10.97 -8.96 -9.84
CA SER A 23 11.86 -9.60 -8.87
C SER A 23 12.12 -8.66 -7.70
N GLU A 24 11.46 -7.51 -7.75
CA GLU A 24 11.59 -6.51 -6.69
C GLU A 24 10.23 -6.17 -6.10
N SER A 25 10.25 -5.80 -4.83
CA SER A 25 9.02 -5.44 -4.13
C SER A 25 9.17 -4.06 -3.48
N CYS A 26 8.05 -3.54 -3.00
CA CYS A 26 8.04 -2.25 -2.36
C CYS A 26 6.88 -2.21 -1.36
N LEU A 27 6.87 -1.15 -0.56
CA LEU A 27 5.83 -0.99 0.44
C LEU A 27 4.49 -0.75 -0.27
N VAL A 28 3.77 -1.84 -0.48
CA VAL A 28 2.47 -1.76 -1.14
C VAL A 28 1.47 -1.10 -0.20
N PRO A 29 0.56 -0.29 -0.80
CA PRO A 29 -0.45 0.40 -0.04
C PRO A 29 -1.56 -0.55 0.41
N GLY A 30 -2.61 0.02 0.97
CA GLY A 30 -3.74 -0.77 1.44
C GLY A 30 -5.04 0.03 1.34
N ASP A 31 -6.10 -0.69 0.98
CA ASP A 31 -7.41 -0.08 0.84
C ASP A 31 -8.26 -0.41 2.07
N CYS A 32 -8.51 0.62 2.87
CA CYS A 32 -9.30 0.45 4.08
C CYS A 32 -10.77 0.68 3.72
N CYS A 33 -11.59 -0.31 4.06
CA CYS A 33 -13.02 -0.22 3.77
C CYS A 33 -13.73 0.24 5.05
N ARG A 34 -14.60 1.23 4.87
CA ARG A 34 -15.36 1.76 6.00
C ARG A 34 -16.85 1.77 5.68
N GLY A 35 -17.51 0.67 6.04
CA GLY A 35 -18.93 0.53 5.81
C GLY A 35 -19.23 0.43 4.31
N LYS A 36 -19.27 1.58 3.66
CA LYS A 36 -19.55 1.64 2.24
C LYS A 36 -18.64 2.68 1.59
N SER A 37 -17.54 2.96 2.25
CA SER A 37 -16.58 3.94 1.75
C SER A 37 -15.17 3.34 1.77
N ARG A 38 -14.58 3.24 0.59
CA ARG A 38 -13.25 2.69 0.46
C ARG A 38 -12.22 3.82 0.44
N LEU A 39 -11.04 3.53 0.96
CA LEU A 39 -9.97 4.50 1.01
C LEU A 39 -8.62 3.77 0.87
N THR A 40 -7.70 4.45 0.19
CA THR A 40 -6.37 3.89 -0.02
C THR A 40 -5.31 4.79 0.62
N LEU A 41 -4.60 4.22 1.58
CA LEU A 41 -3.55 4.94 2.28
C LEU A 41 -2.37 4.01 2.54
N CYS A 42 -1.31 4.58 3.08
CA CYS A 42 -0.11 3.82 3.38
C CYS A 42 0.01 3.69 4.90
N SER A 43 -0.08 2.45 5.36
CA SER A 43 0.02 2.19 6.79
C SER A 43 0.39 0.72 7.03
N TYR A 44 1.43 0.52 7.82
CA TYR A 44 1.89 -0.83 8.14
C TYR A 44 1.19 -1.37 9.38
N GLY A 45 1.33 -2.67 9.58
CA GLY A 45 0.73 -3.32 10.74
C GLY A 45 1.76 -4.10 11.54
N GLU A 46 1.92 -3.71 12.79
CA GLU A 46 2.89 -4.36 13.67
C GLU A 46 2.88 -5.87 13.43
N GLY A 47 4.07 -6.39 13.15
CA GLY A 47 4.22 -7.82 12.90
C GLY A 47 5.56 -8.12 12.22
N GLY A 48 5.71 -7.58 11.02
CA GLY A 48 6.93 -7.78 10.26
C GLY A 48 6.86 -7.06 8.91
N ASN A 49 5.99 -7.57 8.05
CA ASN A 49 5.82 -6.99 6.73
C ASN A 49 4.36 -7.17 6.29
N GLY A 50 3.48 -6.40 6.94
CA GLY A 50 2.07 -6.46 6.63
C GLY A 50 1.41 -5.09 6.81
N PHE A 51 0.34 -4.88 6.08
CA PHE A 51 -0.40 -3.62 6.16
C PHE A 51 -1.63 -3.76 7.04
N GLN A 52 -1.98 -2.66 7.71
CA GLN A 52 -3.13 -2.65 8.59
C GLN A 52 -4.04 -1.47 8.25
N CYS A 53 -5.15 -1.39 8.97
CA CYS A 53 -6.10 -0.32 8.76
C CYS A 53 -6.24 0.46 10.06
N PRO A 54 -6.67 1.74 9.91
CA PRO A 54 -6.85 2.61 11.07
C PRO A 54 -8.11 2.25 11.85
N THR A 55 -8.20 2.80 13.05
CA THR A 55 -9.34 2.54 13.91
C THR A 55 -10.63 3.07 13.26
N GLY A 56 -11.63 2.19 13.20
CA GLY A 56 -12.91 2.55 12.62
C GLY A 56 -12.98 2.10 11.16
N TYR A 57 -11.86 1.57 10.67
CA TYR A 57 -11.80 1.09 9.30
C TYR A 57 -11.56 -0.41 9.25
N ARG A 58 -11.59 -0.94 8.04
CA ARG A 58 -11.38 -2.37 7.84
C ARG A 58 -10.63 -2.62 6.53
N GLN A 59 -10.42 -3.90 6.24
CA GLN A 59 -9.71 -4.28 5.03
C GLN A 59 -10.70 -4.43 3.86
N CYS A 60 -10.31 -3.86 2.73
CA CYS A 60 -11.15 -3.92 1.55
C CYS A 60 -10.96 -5.29 0.89
N ASP A 1 5.34 -2.01 -21.03
CA ASP A 1 6.05 -3.02 -21.79
C ASP A 1 6.70 -4.01 -20.82
N ARG A 2 7.60 -3.48 -20.00
CA ARG A 2 8.31 -4.31 -19.03
C ARG A 2 8.03 -3.80 -17.61
N CYS A 3 8.29 -4.68 -16.65
CA CYS A 3 8.06 -4.34 -15.25
C CYS A 3 6.59 -3.99 -15.07
N ARG A 4 6.14 -4.09 -13.83
CA ARG A 4 4.76 -3.79 -13.51
C ARG A 4 4.67 -2.53 -12.65
N TYR A 5 4.65 -1.39 -13.32
CA TYR A 5 4.57 -0.11 -12.64
C TYR A 5 3.63 -0.19 -11.43
N THR A 6 4.24 -0.34 -10.26
CA THR A 6 3.47 -0.43 -9.03
C THR A 6 3.64 0.84 -8.20
N LEU A 7 2.71 1.04 -7.28
CA LEU A 7 2.75 2.21 -6.41
C LEU A 7 3.46 1.86 -5.11
N CYS A 8 4.50 2.63 -4.81
CA CYS A 8 5.27 2.40 -3.60
C CYS A 8 5.12 3.62 -2.70
N CYS A 9 5.38 3.41 -1.42
CA CYS A 9 5.27 4.48 -0.44
C CYS A 9 6.69 4.84 0.03
N ASP A 10 6.89 6.13 0.24
CA ASP A 10 8.18 6.63 0.69
C ASP A 10 8.22 6.63 2.22
N GLY A 11 7.06 6.34 2.81
CA GLY A 11 6.95 6.30 4.26
C GLY A 11 6.59 7.68 4.81
N ALA A 12 7.09 8.71 4.13
CA ALA A 12 6.83 10.08 4.55
C ALA A 12 6.87 10.99 3.33
N LEU A 13 5.77 11.01 2.60
CA LEU A 13 5.67 11.84 1.41
C LEU A 13 4.31 11.59 0.73
N LYS A 14 4.33 10.67 -0.23
CA LYS A 14 3.12 10.34 -0.96
C LYS A 14 3.41 9.18 -1.91
N ALA A 15 2.67 8.10 -1.74
CA ALA A 15 2.84 6.92 -2.57
C ALA A 15 3.06 7.36 -4.02
N VAL A 16 4.19 6.94 -4.56
CA VAL A 16 4.54 7.27 -5.93
C VAL A 16 4.75 5.99 -6.74
N SER A 17 4.43 6.08 -8.02
CA SER A 17 4.57 4.94 -8.90
C SER A 17 6.06 4.61 -9.11
N ALA A 18 6.33 3.34 -9.37
CA ALA A 18 7.69 2.89 -9.59
C ALA A 18 7.69 1.70 -10.53
N CYS A 19 8.75 1.60 -11.32
CA CYS A 19 8.89 0.51 -12.27
C CYS A 19 9.70 -0.60 -11.61
N LEU A 20 9.01 -1.40 -10.82
CA LEU A 20 9.66 -2.51 -10.13
C LEU A 20 9.19 -3.83 -10.74
N HIS A 21 10.02 -4.85 -10.56
CA HIS A 21 9.69 -6.16 -11.08
C HIS A 21 9.29 -7.09 -9.94
N GLU A 22 8.97 -8.32 -10.30
CA GLU A 22 8.56 -9.31 -9.31
C GLU A 22 9.73 -9.64 -8.37
N SER A 23 10.93 -9.48 -8.89
CA SER A 23 12.13 -9.76 -8.11
C SER A 23 12.42 -8.58 -7.18
N GLU A 24 11.56 -7.58 -7.25
CA GLU A 24 11.71 -6.39 -6.43
C GLU A 24 10.41 -6.07 -5.70
N SER A 25 10.55 -5.46 -4.53
CA SER A 25 9.40 -5.10 -3.72
C SER A 25 9.71 -3.85 -2.90
N CYS A 26 8.73 -2.95 -2.88
CA CYS A 26 8.89 -1.71 -2.13
C CYS A 26 7.74 -1.60 -1.13
N LEU A 27 7.82 -0.58 -0.29
CA LEU A 27 6.80 -0.36 0.71
C LEU A 27 5.47 -0.03 0.02
N VAL A 28 4.83 -1.07 -0.50
CA VAL A 28 3.56 -0.90 -1.18
C VAL A 28 2.50 -0.43 -0.18
N PRO A 29 1.61 0.48 -0.68
CA PRO A 29 0.55 1.01 0.16
C PRO A 29 -0.56 -0.02 0.37
N GLY A 30 -1.67 0.46 0.91
CA GLY A 30 -2.81 -0.41 1.16
C GLY A 30 -4.12 0.35 1.01
N ASP A 31 -5.14 -0.36 0.55
CA ASP A 31 -6.45 0.23 0.35
C ASP A 31 -7.40 -0.26 1.45
N CYS A 32 -7.66 0.62 2.40
CA CYS A 32 -8.54 0.28 3.50
C CYS A 32 -9.97 0.62 3.09
N CYS A 33 -10.77 -0.43 2.93
CA CYS A 33 -12.17 -0.26 2.54
C CYS A 33 -13.05 -0.82 3.66
N ARG A 34 -14.18 -0.16 3.88
CA ARG A 34 -15.11 -0.57 4.90
C ARG A 34 -16.50 0.02 4.63
N GLY A 35 -17.48 -0.86 4.61
CA GLY A 35 -18.86 -0.44 4.36
C GLY A 35 -19.03 0.05 2.92
N LYS A 36 -18.78 1.34 2.75
CA LYS A 36 -18.91 1.95 1.43
C LYS A 36 -17.91 3.10 1.31
N SER A 37 -16.80 2.96 2.02
CA SER A 37 -15.76 3.97 2.00
C SER A 37 -14.39 3.30 1.87
N ARG A 38 -13.68 3.67 0.82
CA ARG A 38 -12.36 3.13 0.56
C ARG A 38 -11.31 4.24 0.56
N LEU A 39 -10.10 3.89 0.99
CA LEU A 39 -9.02 4.84 1.04
C LEU A 39 -7.69 4.11 0.88
N THR A 40 -6.86 4.64 -0.02
CA THR A 40 -5.56 4.04 -0.28
C THR A 40 -4.45 4.95 0.23
N LEU A 41 -3.78 4.49 1.28
CA LEU A 41 -2.69 5.25 1.86
C LEU A 41 -1.70 4.28 2.52
N CYS A 42 -0.62 4.85 3.05
CA CYS A 42 0.39 4.06 3.70
C CYS A 42 0.02 3.91 5.18
N SER A 43 -0.22 2.67 5.57
CA SER A 43 -0.58 2.37 6.95
C SER A 43 -0.03 1.01 7.36
N TYR A 44 1.09 1.04 8.08
CA TYR A 44 1.72 -0.17 8.54
C TYR A 44 1.31 -0.50 9.97
N GLY A 45 1.56 -1.74 10.36
CA GLY A 45 1.22 -2.19 11.70
C GLY A 45 0.85 -3.68 11.70
N GLU A 46 1.07 -4.30 12.85
CA GLU A 46 0.76 -5.72 13.00
C GLU A 46 1.56 -6.54 11.99
N GLY A 47 1.84 -7.78 12.37
CA GLY A 47 2.59 -8.68 11.51
C GLY A 47 4.09 -8.42 11.62
N GLY A 48 4.45 -7.16 11.50
CA GLY A 48 5.86 -6.76 11.60
C GLY A 48 6.19 -5.70 10.54
N ASN A 49 5.96 -6.06 9.29
CA ASN A 49 6.24 -5.15 8.19
C ASN A 49 5.26 -5.42 7.06
N GLY A 50 4.22 -4.59 7.01
CA GLY A 50 3.20 -4.72 5.98
C GLY A 50 2.18 -3.59 6.06
N PHE A 51 0.91 -3.96 5.92
CA PHE A 51 -0.16 -2.99 5.99
C PHE A 51 -1.21 -3.39 7.02
N GLN A 52 -1.86 -2.39 7.58
CA GLN A 52 -2.89 -2.62 8.58
C GLN A 52 -4.05 -1.64 8.40
N CYS A 53 -5.24 -2.09 8.79
CA CYS A 53 -6.42 -1.27 8.67
C CYS A 53 -6.94 -0.98 10.09
N PRO A 54 -7.07 0.33 10.41
CA PRO A 54 -7.56 0.74 11.71
C PRO A 54 -9.07 0.54 11.82
N THR A 55 -9.62 0.99 12.94
CA THR A 55 -11.04 0.87 13.18
C THR A 55 -11.84 1.61 12.09
N GLY A 56 -12.87 0.95 11.60
CA GLY A 56 -13.71 1.54 10.57
C GLY A 56 -13.14 1.26 9.18
N TYR A 57 -12.02 0.55 9.16
CA TYR A 57 -11.37 0.21 7.91
C TYR A 57 -11.12 -1.30 7.80
N ARG A 58 -11.23 -1.80 6.59
CA ARG A 58 -11.02 -3.21 6.34
C ARG A 58 -10.24 -3.41 5.04
N GLN A 59 -9.00 -3.84 5.19
CA GLN A 59 -8.14 -4.08 4.04
C GLN A 59 -8.96 -4.62 2.87
N CYS A 60 -8.86 -3.93 1.74
CA CYS A 60 -9.58 -4.33 0.54
C CYS A 60 -8.82 -5.49 -0.11
N ASP A 1 10.34 -0.89 -21.64
CA ASP A 1 10.74 -2.23 -22.10
C ASP A 1 10.65 -3.21 -20.94
N ARG A 2 11.43 -2.92 -19.90
CA ARG A 2 11.45 -3.78 -18.72
C ARG A 2 10.92 -3.02 -17.51
N CYS A 3 10.44 -3.78 -16.54
CA CYS A 3 9.89 -3.20 -15.33
C CYS A 3 8.41 -2.88 -15.56
N ARG A 4 7.60 -3.19 -14.56
CA ARG A 4 6.18 -2.95 -14.65
C ARG A 4 5.77 -1.86 -13.66
N TYR A 5 5.77 -0.63 -14.14
CA TYR A 5 5.40 0.50 -13.30
C TYR A 5 4.28 0.13 -12.34
N THR A 6 4.67 -0.18 -11.11
CA THR A 6 3.71 -0.56 -10.10
C THR A 6 3.56 0.57 -9.05
N LEU A 7 2.36 0.67 -8.51
CA LEU A 7 2.07 1.69 -7.51
C LEU A 7 2.60 1.22 -6.15
N CYS A 8 3.50 2.01 -5.59
CA CYS A 8 4.07 1.68 -4.29
C CYS A 8 4.08 2.95 -3.44
N CYS A 9 4.37 2.77 -2.17
CA CYS A 9 4.41 3.88 -1.23
C CYS A 9 5.87 4.11 -0.82
N ASP A 10 6.20 5.38 -0.65
CA ASP A 10 7.56 5.75 -0.26
C ASP A 10 7.65 5.77 1.27
N GLY A 11 6.49 5.73 1.90
CA GLY A 11 6.43 5.74 3.35
C GLY A 11 6.46 7.17 3.90
N ALA A 12 7.02 8.06 3.09
CA ALA A 12 7.12 9.45 3.47
C ALA A 12 7.10 10.33 2.21
N LEU A 13 5.90 10.44 1.65
CA LEU A 13 5.72 11.24 0.44
C LEU A 13 4.27 11.13 -0.02
N LYS A 14 4.03 10.18 -0.91
CA LYS A 14 2.69 9.96 -1.44
C LYS A 14 2.73 8.81 -2.44
N ALA A 15 2.00 7.76 -2.11
CA ALA A 15 1.93 6.59 -2.97
C ALA A 15 1.95 7.03 -4.43
N VAL A 16 2.90 6.49 -5.18
CA VAL A 16 3.03 6.82 -6.59
C VAL A 16 3.49 5.57 -7.36
N SER A 17 3.63 5.75 -8.67
CA SER A 17 4.05 4.66 -9.53
C SER A 17 5.58 4.61 -9.59
N ALA A 18 6.11 3.40 -9.49
CA ALA A 18 7.55 3.20 -9.54
C ALA A 18 7.88 2.14 -10.60
N CYS A 19 8.99 2.37 -11.28
CA CYS A 19 9.43 1.46 -12.33
C CYS A 19 10.32 0.40 -11.68
N LEU A 20 9.68 -0.57 -11.03
CA LEU A 20 10.40 -1.63 -10.37
C LEU A 20 10.23 -2.93 -11.17
N HIS A 21 11.18 -3.84 -10.96
CA HIS A 21 11.14 -5.12 -11.66
C HIS A 21 10.51 -6.18 -10.75
N GLU A 22 10.33 -7.36 -11.32
CA GLU A 22 9.73 -8.46 -10.58
C GLU A 22 10.69 -8.92 -9.46
N SER A 23 11.97 -8.76 -9.73
CA SER A 23 12.99 -9.16 -8.77
C SER A 23 13.13 -8.09 -7.69
N GLU A 24 12.27 -7.08 -7.79
CA GLU A 24 12.28 -5.99 -6.83
C GLU A 24 10.92 -5.84 -6.17
N SER A 25 10.93 -5.35 -4.95
CA SER A 25 9.69 -5.16 -4.21
C SER A 25 9.74 -3.83 -3.44
N CYS A 26 8.61 -3.14 -3.44
CA CYS A 26 8.51 -1.85 -2.75
C CYS A 26 7.42 -1.97 -1.69
N LEU A 27 7.33 -0.93 -0.88
CA LEU A 27 6.33 -0.89 0.19
C LEU A 27 4.94 -0.67 -0.44
N VAL A 28 4.29 -1.77 -0.75
CA VAL A 28 2.96 -1.71 -1.34
C VAL A 28 1.99 -1.07 -0.35
N PRO A 29 1.04 -0.26 -0.91
CA PRO A 29 0.06 0.41 -0.08
C PRO A 29 -1.01 -0.56 0.41
N GLY A 30 -2.06 0.00 0.98
CA GLY A 30 -3.16 -0.80 1.50
C GLY A 30 -4.48 -0.06 1.40
N ASP A 31 -5.54 -0.82 1.17
CA ASP A 31 -6.87 -0.25 1.05
C ASP A 31 -7.66 -0.53 2.32
N CYS A 32 -8.20 0.54 2.90
CA CYS A 32 -8.97 0.42 4.12
C CYS A 32 -10.45 0.49 3.75
N CYS A 33 -11.18 -0.54 4.15
CA CYS A 33 -12.61 -0.60 3.87
C CYS A 33 -13.36 -0.10 5.10
N ARG A 34 -14.31 0.80 4.86
CA ARG A 34 -15.11 1.36 5.94
C ARG A 34 -16.59 1.33 5.57
N GLY A 35 -17.24 0.25 5.98
CA GLY A 35 -18.65 0.08 5.71
C GLY A 35 -18.91 -0.10 4.21
N LYS A 36 -19.01 1.02 3.51
CA LYS A 36 -19.24 1.00 2.08
C LYS A 36 -18.34 2.04 1.41
N SER A 37 -17.26 2.37 2.09
CA SER A 37 -16.31 3.34 1.56
C SER A 37 -14.90 2.76 1.60
N ARG A 38 -14.28 2.73 0.43
CA ARG A 38 -12.93 2.20 0.30
C ARG A 38 -11.92 3.35 0.32
N LEU A 39 -10.75 3.05 0.89
CA LEU A 39 -9.69 4.05 0.98
C LEU A 39 -8.36 3.39 0.64
N THR A 40 -7.38 4.23 0.32
CA THR A 40 -6.06 3.75 -0.04
C THR A 40 -4.98 4.69 0.52
N LEU A 41 -4.19 4.15 1.43
CA LEU A 41 -3.12 4.92 2.04
C LEU A 41 -1.98 3.99 2.42
N CYS A 42 -0.92 4.58 2.95
CA CYS A 42 0.25 3.82 3.37
C CYS A 42 0.21 3.68 4.89
N SER A 43 0.14 2.43 5.33
CA SER A 43 0.10 2.14 6.76
C SER A 43 0.60 0.72 7.02
N TYR A 44 1.82 0.62 7.52
CA TYR A 44 2.41 -0.67 7.81
C TYR A 44 2.28 -1.00 9.30
N GLY A 45 2.40 -2.29 9.59
CA GLY A 45 2.30 -2.76 10.97
C GLY A 45 3.20 -3.97 11.20
N GLU A 46 3.74 -4.04 12.42
CA GLU A 46 4.63 -5.13 12.78
C GLU A 46 3.89 -6.10 13.72
N GLY A 47 4.21 -7.38 13.55
CA GLY A 47 3.60 -8.41 14.37
C GLY A 47 2.08 -8.43 14.18
N GLY A 48 1.67 -8.29 12.93
CA GLY A 48 0.25 -8.30 12.61
C GLY A 48 0.02 -8.89 11.22
N ASN A 49 -0.27 -8.01 10.27
CA ASN A 49 -0.52 -8.44 8.90
C ASN A 49 -0.07 -7.34 7.94
N GLY A 50 1.23 -7.32 7.67
CA GLY A 50 1.79 -6.33 6.77
C GLY A 50 1.11 -4.98 6.96
N PHE A 51 0.34 -4.60 5.94
CA PHE A 51 -0.37 -3.33 5.98
C PHE A 51 -1.40 -3.31 7.11
N GLN A 52 -1.62 -2.11 7.63
CA GLN A 52 -2.58 -1.94 8.72
C GLN A 52 -3.71 -1.00 8.29
N CYS A 53 -4.50 -0.60 9.27
CA CYS A 53 -5.61 0.30 9.01
C CYS A 53 -5.90 1.09 10.29
N PRO A 54 -6.51 2.30 10.09
CA PRO A 54 -6.83 3.17 11.22
C PRO A 54 -8.05 2.63 11.98
N THR A 55 -8.27 3.20 13.15
CA THR A 55 -9.39 2.80 13.99
C THR A 55 -10.71 3.14 13.30
N GLY A 56 -11.56 2.13 13.19
CA GLY A 56 -12.86 2.31 12.56
C GLY A 56 -12.84 1.84 11.12
N TYR A 57 -11.66 1.46 10.66
CA TYR A 57 -11.48 0.98 9.30
C TYR A 57 -11.13 -0.50 9.28
N ARG A 58 -11.18 -1.07 8.09
CA ARG A 58 -10.87 -2.48 7.92
C ARG A 58 -10.00 -2.70 6.68
N GLN A 59 -9.88 -3.95 6.28
CA GLN A 59 -9.08 -4.29 5.12
C GLN A 59 -9.98 -4.47 3.90
N CYS A 60 -9.67 -3.70 2.85
CA CYS A 60 -10.44 -3.76 1.63
C CYS A 60 -9.94 -4.95 0.81
N ASP A 1 9.49 -7.32 -21.28
CA ASP A 1 9.39 -6.05 -22.00
C ASP A 1 10.05 -4.94 -21.17
N ARG A 2 9.24 -4.35 -20.31
CA ARG A 2 9.73 -3.27 -19.46
C ARG A 2 9.29 -3.50 -18.01
N CYS A 3 10.00 -2.85 -17.09
CA CYS A 3 9.67 -2.97 -15.68
C CYS A 3 8.16 -2.88 -15.51
N ARG A 4 7.68 -3.35 -14.37
CA ARG A 4 6.27 -3.33 -14.08
C ARG A 4 5.94 -2.17 -13.13
N TYR A 5 5.84 -0.98 -13.72
CA TYR A 5 5.54 0.21 -12.94
C TYR A 5 4.32 -0.02 -12.04
N THR A 6 4.57 0.06 -10.75
CA THR A 6 3.51 -0.14 -9.76
C THR A 6 3.45 1.05 -8.80
N LEU A 7 2.34 1.13 -8.08
CA LEU A 7 2.15 2.20 -7.12
C LEU A 7 2.70 1.76 -5.76
N CYS A 8 3.75 2.44 -5.32
CA CYS A 8 4.37 2.14 -4.05
C CYS A 8 4.37 3.40 -3.20
N CYS A 9 4.67 3.21 -1.92
CA CYS A 9 4.70 4.34 -0.99
C CYS A 9 6.17 4.73 -0.77
N ASP A 10 6.36 6.02 -0.54
CA ASP A 10 7.70 6.53 -0.31
C ASP A 10 8.02 6.47 1.18
N GLY A 11 6.98 6.27 1.97
CA GLY A 11 7.14 6.18 3.41
C GLY A 11 7.12 7.57 4.06
N ALA A 12 7.48 8.55 3.26
CA ALA A 12 7.51 9.93 3.73
C ALA A 12 7.26 10.87 2.56
N LEU A 13 6.00 10.90 2.12
CA LEU A 13 5.60 11.75 1.01
C LEU A 13 4.14 11.47 0.66
N LYS A 14 3.95 10.51 -0.25
CA LYS A 14 2.61 10.14 -0.67
C LYS A 14 2.72 9.05 -1.75
N ALA A 15 1.91 8.02 -1.58
CA ALA A 15 1.90 6.92 -2.53
C ALA A 15 2.04 7.47 -3.95
N VAL A 16 2.98 6.89 -4.69
CA VAL A 16 3.22 7.31 -6.05
C VAL A 16 3.58 6.09 -6.90
N SER A 17 3.97 6.37 -8.14
CA SER A 17 4.34 5.30 -9.06
C SER A 17 5.84 5.04 -8.97
N ALA A 18 6.20 3.78 -9.16
CA ALA A 18 7.59 3.37 -9.11
C ALA A 18 7.86 2.34 -10.20
N CYS A 19 9.09 2.37 -10.72
CA CYS A 19 9.48 1.44 -11.76
C CYS A 19 10.31 0.33 -11.12
N LEU A 20 9.62 -0.72 -10.69
CA LEU A 20 10.28 -1.85 -10.07
C LEU A 20 9.97 -3.12 -10.85
N HIS A 21 10.88 -4.08 -10.76
CA HIS A 21 10.73 -5.34 -11.45
C HIS A 21 10.01 -6.35 -10.54
N GLU A 22 9.73 -7.50 -11.11
CA GLU A 22 9.05 -8.55 -10.37
C GLU A 22 9.94 -9.06 -9.24
N SER A 23 11.25 -9.01 -9.48
CA SER A 23 12.22 -9.45 -8.50
C SER A 23 12.42 -8.38 -7.43
N GLU A 24 11.65 -7.30 -7.57
CA GLU A 24 11.73 -6.20 -6.63
C GLU A 24 10.35 -5.88 -6.05
N SER A 25 10.36 -5.31 -4.86
CA SER A 25 9.12 -4.96 -4.19
C SER A 25 9.34 -3.73 -3.29
N CYS A 26 8.36 -2.84 -3.33
CA CYS A 26 8.43 -1.62 -2.53
C CYS A 26 7.26 -1.63 -1.56
N LEU A 27 7.33 -0.72 -0.59
CA LEU A 27 6.28 -0.60 0.41
C LEU A 27 4.96 -0.27 -0.29
N VAL A 28 4.24 -1.33 -0.66
CA VAL A 28 2.96 -1.17 -1.33
C VAL A 28 1.92 -0.68 -0.31
N PRO A 29 1.03 0.23 -0.79
CA PRO A 29 -0.01 0.78 0.05
C PRO A 29 -1.13 -0.25 0.28
N GLY A 30 -2.21 0.23 0.88
CA GLY A 30 -3.35 -0.63 1.16
C GLY A 30 -4.66 0.16 1.12
N ASP A 31 -5.67 -0.45 0.53
CA ASP A 31 -6.97 0.18 0.42
C ASP A 31 -7.87 -0.31 1.55
N CYS A 32 -8.13 0.58 2.50
CA CYS A 32 -8.97 0.26 3.63
C CYS A 32 -10.41 0.60 3.27
N CYS A 33 -11.26 -0.42 3.31
CA CYS A 33 -12.66 -0.24 2.99
C CYS A 33 -13.47 -0.41 4.28
N ARG A 34 -14.50 0.42 4.41
CA ARG A 34 -15.35 0.37 5.58
C ARG A 34 -16.77 0.83 5.22
N GLY A 35 -17.72 -0.06 5.47
CA GLY A 35 -19.11 0.25 5.18
C GLY A 35 -19.33 0.47 3.68
N LYS A 36 -19.14 1.72 3.28
CA LYS A 36 -19.31 2.08 1.88
C LYS A 36 -18.30 3.16 1.51
N SER A 37 -17.18 3.14 2.22
CA SER A 37 -16.12 4.11 1.98
C SER A 37 -14.76 3.42 1.97
N ARG A 38 -14.08 3.54 0.85
CA ARG A 38 -12.77 2.92 0.70
C ARG A 38 -11.73 3.99 0.33
N LEU A 39 -10.52 3.77 0.82
CA LEU A 39 -9.42 4.69 0.55
C LEU A 39 -8.10 3.93 0.55
N THR A 40 -7.15 4.44 -0.23
CA THR A 40 -5.85 3.82 -0.33
C THR A 40 -4.78 4.73 0.27
N LEU A 41 -4.12 4.24 1.30
CA LEU A 41 -3.07 4.99 1.96
C LEU A 41 -2.03 4.02 2.54
N CYS A 42 -0.94 4.60 3.01
CA CYS A 42 0.13 3.80 3.60
C CYS A 42 -0.13 3.67 5.09
N SER A 43 -0.28 2.43 5.53
CA SER A 43 -0.54 2.15 6.93
C SER A 43 0.05 0.80 7.32
N TYR A 44 1.31 0.83 7.72
CA TYR A 44 2.01 -0.38 8.12
C TYR A 44 1.83 -0.65 9.61
N GLY A 45 2.13 -1.88 10.00
CA GLY A 45 2.01 -2.27 11.39
C GLY A 45 3.32 -2.88 11.91
N GLU A 46 3.22 -3.54 13.06
CA GLU A 46 4.38 -4.17 13.66
C GLU A 46 4.06 -5.61 14.04
N GLY A 47 5.02 -6.49 13.79
CA GLY A 47 4.87 -7.89 14.11
C GLY A 47 3.46 -8.38 13.73
N GLY A 48 3.02 -7.95 12.56
CA GLY A 48 1.71 -8.33 12.08
C GLY A 48 1.78 -8.85 10.63
N ASN A 49 1.28 -8.02 9.72
CA ASN A 49 1.29 -8.40 8.32
C ASN A 49 1.37 -7.12 7.46
N GLY A 50 2.60 -6.69 7.21
CA GLY A 50 2.83 -5.50 6.42
C GLY A 50 1.76 -4.43 6.71
N PHE A 51 0.91 -4.21 5.73
CA PHE A 51 -0.15 -3.23 5.87
C PHE A 51 -1.03 -3.53 7.08
N GLN A 52 -1.61 -2.49 7.64
CA GLN A 52 -2.48 -2.63 8.80
C GLN A 52 -3.58 -1.56 8.77
N CYS A 53 -4.81 -2.03 8.68
CA CYS A 53 -5.95 -1.13 8.65
C CYS A 53 -6.23 -0.66 10.09
N PRO A 54 -6.48 0.67 10.22
CA PRO A 54 -6.76 1.24 11.53
C PRO A 54 -8.18 0.89 11.98
N THR A 55 -8.48 1.26 13.22
CA THR A 55 -9.79 0.99 13.79
C THR A 55 -10.87 1.72 12.98
N GLY A 56 -11.87 0.95 12.56
CA GLY A 56 -12.97 1.50 11.78
C GLY A 56 -12.78 1.22 10.29
N TYR A 57 -11.67 0.57 9.98
CA TYR A 57 -11.36 0.24 8.60
C TYR A 57 -11.21 -1.27 8.42
N ARG A 58 -11.36 -1.72 7.18
CA ARG A 58 -11.24 -3.13 6.87
C ARG A 58 -10.52 -3.31 5.54
N GLN A 59 -9.24 -3.65 5.64
CA GLN A 59 -8.42 -3.86 4.46
C GLN A 59 -9.24 -4.54 3.36
N CYS A 60 -9.23 -3.93 2.18
CA CYS A 60 -9.97 -4.46 1.06
C CYS A 60 -9.15 -5.60 0.44
N ASP A 1 14.89 -2.95 -19.61
CA ASP A 1 14.24 -3.37 -20.84
C ASP A 1 12.74 -3.50 -20.60
N ARG A 2 12.39 -4.26 -19.58
CA ARG A 2 10.99 -4.47 -19.24
C ARG A 2 10.76 -4.21 -17.74
N CYS A 3 9.53 -3.88 -17.41
CA CYS A 3 9.16 -3.61 -16.03
C CYS A 3 7.69 -3.23 -15.99
N ARG A 4 7.07 -3.49 -14.85
CA ARG A 4 5.67 -3.18 -14.66
C ARG A 4 5.50 -1.99 -13.70
N TYR A 5 5.68 -0.80 -14.24
CA TYR A 5 5.55 0.41 -13.45
C TYR A 5 4.32 0.34 -12.54
N THR A 6 4.58 0.50 -11.25
CA THR A 6 3.51 0.46 -10.27
C THR A 6 3.64 1.62 -9.29
N LEU A 7 2.57 1.85 -8.54
CA LEU A 7 2.56 2.93 -7.57
C LEU A 7 2.88 2.36 -6.18
N CYS A 8 3.84 3.01 -5.52
CA CYS A 8 4.25 2.58 -4.20
C CYS A 8 4.50 3.83 -3.35
N CYS A 9 4.59 3.61 -2.05
CA CYS A 9 4.82 4.71 -1.12
C CYS A 9 6.32 4.79 -0.84
N ASP A 10 6.74 5.94 -0.35
CA ASP A 10 8.14 6.16 -0.03
C ASP A 10 8.41 5.70 1.40
N GLY A 11 7.33 5.54 2.15
CA GLY A 11 7.44 5.11 3.53
C GLY A 11 7.10 6.25 4.50
N ALA A 12 7.53 7.44 4.12
CA ALA A 12 7.28 8.63 4.93
C ALA A 12 7.25 9.87 4.03
N LEU A 13 6.18 9.97 3.26
CA LEU A 13 6.03 11.10 2.36
C LEU A 13 4.69 10.97 1.62
N LYS A 14 4.78 10.48 0.39
CA LYS A 14 3.59 10.30 -0.44
C LYS A 14 3.76 9.05 -1.30
N ALA A 15 2.73 8.79 -2.11
CA ALA A 15 2.76 7.64 -2.98
C ALA A 15 3.10 8.08 -4.41
N VAL A 16 4.20 7.54 -4.92
CA VAL A 16 4.64 7.87 -6.26
C VAL A 16 4.75 6.58 -7.09
N SER A 17 5.03 6.77 -8.36
CA SER A 17 5.17 5.65 -9.28
C SER A 17 6.63 5.21 -9.37
N ALA A 18 6.81 3.93 -9.66
CA ALA A 18 8.15 3.38 -9.78
C ALA A 18 8.15 2.26 -10.82
N CYS A 19 9.33 1.98 -11.34
CA CYS A 19 9.47 0.93 -12.34
C CYS A 19 10.21 -0.24 -11.71
N LEU A 20 9.43 -1.17 -11.17
CA LEU A 20 9.99 -2.34 -10.52
C LEU A 20 9.54 -3.60 -11.28
N HIS A 21 10.34 -4.64 -11.16
CA HIS A 21 10.03 -5.90 -11.82
C HIS A 21 9.25 -6.81 -10.86
N GLU A 22 8.86 -7.97 -11.38
CA GLU A 22 8.11 -8.93 -10.59
C GLU A 22 8.97 -9.44 -9.43
N SER A 23 10.27 -9.49 -9.68
CA SER A 23 11.21 -9.97 -8.67
C SER A 23 11.47 -8.87 -7.64
N GLU A 24 10.80 -7.75 -7.83
CA GLU A 24 10.95 -6.61 -6.94
C GLU A 24 9.59 -6.15 -6.43
N SER A 25 9.61 -5.55 -5.25
CA SER A 25 8.39 -5.06 -4.64
C SER A 25 8.69 -3.85 -3.75
N CYS A 26 7.82 -2.84 -3.85
CA CYS A 26 7.99 -1.63 -3.07
C CYS A 26 6.84 -1.55 -2.05
N LEU A 27 6.97 -0.61 -1.14
CA LEU A 27 5.96 -0.41 -0.11
C LEU A 27 4.62 -0.07 -0.77
N VAL A 28 3.89 -1.13 -1.11
CA VAL A 28 2.59 -0.96 -1.76
C VAL A 28 1.56 -0.55 -0.70
N PRO A 29 0.61 0.31 -1.14
CA PRO A 29 -0.44 0.78 -0.25
C PRO A 29 -1.49 -0.30 -0.02
N GLY A 30 -2.59 0.11 0.60
CA GLY A 30 -3.67 -0.81 0.88
C GLY A 30 -5.03 -0.10 0.86
N ASP A 31 -6.07 -0.88 0.64
CA ASP A 31 -7.41 -0.34 0.59
C ASP A 31 -8.14 -0.65 1.90
N CYS A 32 -8.50 0.41 2.60
CA CYS A 32 -9.21 0.27 3.87
C CYS A 32 -10.71 0.29 3.60
N CYS A 33 -11.36 -0.82 3.95
CA CYS A 33 -12.79 -0.94 3.75
C CYS A 33 -13.49 -0.44 5.01
N ARG A 34 -14.47 0.43 4.81
CA ARG A 34 -15.22 0.98 5.91
C ARG A 34 -16.73 0.90 5.63
N GLY A 35 -17.35 -0.08 6.26
CA GLY A 35 -18.78 -0.30 6.10
C GLY A 35 -19.15 -0.36 4.61
N LYS A 36 -19.45 0.81 4.07
CA LYS A 36 -19.83 0.90 2.66
C LYS A 36 -19.02 2.03 1.99
N SER A 37 -17.73 2.03 2.29
CA SER A 37 -16.84 3.03 1.72
C SER A 37 -15.41 2.51 1.71
N ARG A 38 -14.82 2.49 0.52
CA ARG A 38 -13.46 2.02 0.36
C ARG A 38 -12.49 3.20 0.31
N LEU A 39 -11.29 2.97 0.83
CA LEU A 39 -10.28 4.00 0.85
C LEU A 39 -8.92 3.38 0.50
N THR A 40 -7.98 4.24 0.13
CA THR A 40 -6.65 3.80 -0.24
C THR A 40 -5.60 4.70 0.41
N LEU A 41 -4.84 4.11 1.33
CA LEU A 41 -3.80 4.85 2.02
C LEU A 41 -2.68 3.88 2.41
N CYS A 42 -1.57 4.46 2.86
CA CYS A 42 -0.43 3.66 3.27
C CYS A 42 -0.43 3.57 4.80
N SER A 43 -0.36 2.34 5.29
CA SER A 43 -0.36 2.10 6.72
C SER A 43 0.22 0.71 7.02
N TYR A 44 1.46 0.71 7.51
CA TYR A 44 2.13 -0.53 7.84
C TYR A 44 2.14 -0.77 9.35
N GLY A 45 2.33 -2.02 9.72
CA GLY A 45 2.36 -2.39 11.12
C GLY A 45 3.33 -3.54 11.36
N GLU A 46 4.61 -3.25 11.19
CA GLU A 46 5.65 -4.25 11.39
C GLU A 46 5.28 -5.18 12.55
N GLY A 47 5.56 -6.46 12.35
CA GLY A 47 5.26 -7.45 13.36
C GLY A 47 3.75 -7.62 13.55
N GLY A 48 3.17 -8.47 12.71
CA GLY A 48 1.75 -8.73 12.77
C GLY A 48 1.14 -8.79 11.36
N ASN A 49 1.08 -7.63 10.73
CA ASN A 49 0.53 -7.54 9.38
C ASN A 49 1.19 -6.37 8.65
N GLY A 50 2.00 -6.71 7.66
CA GLY A 50 2.69 -5.72 6.86
C GLY A 50 1.85 -4.45 6.73
N PHE A 51 0.57 -4.65 6.45
CA PHE A 51 -0.35 -3.54 6.29
C PHE A 51 -1.29 -3.43 7.50
N GLN A 52 -1.71 -2.20 7.77
CA GLN A 52 -2.61 -1.95 8.88
C GLN A 52 -3.66 -0.90 8.49
N CYS A 53 -4.81 -1.00 9.12
CA CYS A 53 -5.90 -0.08 8.85
C CYS A 53 -6.20 0.69 10.14
N PRO A 54 -6.69 1.95 9.94
CA PRO A 54 -7.01 2.81 11.08
C PRO A 54 -8.32 2.36 11.73
N THR A 55 -8.64 3.01 12.85
CA THR A 55 -9.85 2.69 13.58
C THR A 55 -11.08 2.98 12.72
N GLY A 56 -11.99 2.00 12.69
CA GLY A 56 -13.21 2.14 11.91
C GLY A 56 -13.01 1.60 10.49
N TYR A 57 -11.77 1.25 10.19
CA TYR A 57 -11.44 0.72 8.88
C TYR A 57 -10.96 -0.73 8.98
N ARG A 58 -11.09 -1.44 7.86
CA ARG A 58 -10.68 -2.84 7.80
C ARG A 58 -10.23 -3.20 6.39
N GLN A 59 -9.02 -3.71 6.30
CA GLN A 59 -8.47 -4.11 5.01
C GLN A 59 -9.57 -4.69 4.13
N CYS A 60 -9.49 -4.35 2.85
CA CYS A 60 -10.47 -4.81 1.88
C CYS A 60 -10.11 -6.25 1.50
N ASP A 1 11.11 -0.24 -20.58
CA ASP A 1 11.03 -1.46 -21.38
C ASP A 1 10.97 -2.67 -20.45
N ARG A 2 11.93 -2.74 -19.55
CA ARG A 2 12.01 -3.84 -18.60
C ARG A 2 11.39 -3.42 -17.26
N CYS A 3 10.95 -4.42 -16.51
CA CYS A 3 10.34 -4.17 -15.21
C CYS A 3 8.92 -3.66 -15.44
N ARG A 4 8.10 -3.82 -14.41
CA ARG A 4 6.71 -3.38 -14.49
C ARG A 4 6.48 -2.21 -13.53
N TYR A 5 6.56 -1.01 -14.09
CA TYR A 5 6.36 0.19 -13.31
C TYR A 5 5.09 0.09 -12.45
N THR A 6 5.31 0.10 -11.14
CA THR A 6 4.20 0.01 -10.20
C THR A 6 4.18 1.23 -9.28
N LEU A 7 3.05 1.40 -8.61
CA LEU A 7 2.89 2.51 -7.68
C LEU A 7 3.05 2.01 -6.25
N CYS A 8 4.18 2.37 -5.65
CA CYS A 8 4.46 1.96 -4.28
C CYS A 8 4.74 3.22 -3.45
N CYS A 9 4.65 3.05 -2.14
CA CYS A 9 4.90 4.17 -1.24
C CYS A 9 6.40 4.25 -0.97
N ASP A 10 6.84 5.46 -0.67
CA ASP A 10 8.25 5.69 -0.40
C ASP A 10 8.45 5.89 1.11
N GLY A 11 7.38 5.65 1.85
CA GLY A 11 7.42 5.80 3.30
C GLY A 11 7.18 7.25 3.71
N ALA A 12 7.50 8.15 2.79
CA ALA A 12 7.32 9.57 3.04
C ALA A 12 5.92 10.00 2.62
N LEU A 13 4.95 9.18 3.00
CA LEU A 13 3.56 9.46 2.65
C LEU A 13 3.51 10.18 1.31
N LYS A 14 4.13 9.57 0.32
CA LYS A 14 4.14 10.14 -1.02
C LYS A 14 4.26 9.02 -2.05
N ALA A 15 3.14 8.38 -2.31
CA ALA A 15 3.09 7.29 -3.27
C ALA A 15 3.71 7.76 -4.60
N VAL A 16 4.51 6.88 -5.18
CA VAL A 16 5.16 7.19 -6.44
C VAL A 16 5.36 5.90 -7.24
N SER A 17 5.64 6.08 -8.52
CA SER A 17 5.86 4.93 -9.39
C SER A 17 7.33 4.52 -9.37
N ALA A 18 7.55 3.23 -9.19
CA ALA A 18 8.90 2.70 -9.13
C ALA A 18 9.05 1.60 -10.19
N CYS A 19 10.29 1.39 -10.61
CA CYS A 19 10.57 0.37 -11.61
C CYS A 19 11.02 -0.90 -10.88
N LEU A 20 10.03 -1.68 -10.46
CA LEU A 20 10.29 -2.92 -9.75
C LEU A 20 9.83 -4.09 -10.61
N HIS A 21 10.39 -5.26 -10.31
CA HIS A 21 10.04 -6.47 -11.05
C HIS A 21 8.99 -7.25 -10.27
N GLU A 22 8.47 -8.28 -10.92
CA GLU A 22 7.46 -9.13 -10.29
C GLU A 22 8.05 -9.88 -9.11
N SER A 23 9.34 -10.20 -9.22
CA SER A 23 10.03 -10.92 -8.17
C SER A 23 10.41 -9.96 -7.05
N GLU A 24 10.00 -8.71 -7.22
CA GLU A 24 10.29 -7.69 -6.23
C GLU A 24 9.00 -7.05 -5.73
N SER A 25 9.02 -6.65 -4.46
CA SER A 25 7.86 -6.04 -3.85
C SER A 25 8.27 -4.74 -3.14
N CYS A 26 7.33 -3.81 -3.07
CA CYS A 26 7.58 -2.54 -2.42
C CYS A 26 6.42 -2.25 -1.46
N LEU A 27 6.61 -1.22 -0.66
CA LEU A 27 5.59 -0.82 0.31
C LEU A 27 4.31 -0.46 -0.44
N VAL A 28 3.47 -1.47 -0.62
CA VAL A 28 2.20 -1.27 -1.32
C VAL A 28 1.18 -0.68 -0.35
N PRO A 29 0.26 0.16 -0.91
CA PRO A 29 -0.77 0.79 -0.11
C PRO A 29 -1.86 -0.22 0.27
N GLY A 30 -2.93 0.32 0.85
CA GLY A 30 -4.05 -0.52 1.27
C GLY A 30 -5.36 0.25 1.20
N ASP A 31 -6.40 -0.44 0.78
CA ASP A 31 -7.71 0.16 0.67
C ASP A 31 -8.58 -0.28 1.84
N CYS A 32 -8.69 0.61 2.82
CA CYS A 32 -9.48 0.33 4.00
C CYS A 32 -10.92 0.78 3.74
N CYS A 33 -11.83 -0.18 3.80
CA CYS A 33 -13.23 0.11 3.58
C CYS A 33 -13.98 -0.06 4.90
N ARG A 34 -14.90 0.86 5.14
CA ARG A 34 -15.69 0.83 6.36
C ARG A 34 -17.16 1.15 6.06
N GLY A 35 -18.03 0.24 6.49
CA GLY A 35 -19.45 0.41 6.27
C GLY A 35 -19.75 0.73 4.81
N LYS A 36 -19.83 2.01 4.51
CA LYS A 36 -20.10 2.46 3.15
C LYS A 36 -19.11 3.55 2.76
N SER A 37 -17.84 3.27 3.01
CA SER A 37 -16.79 4.22 2.70
C SER A 37 -15.48 3.47 2.42
N ARG A 38 -14.62 4.13 1.64
CA ARG A 38 -13.34 3.53 1.28
C ARG A 38 -12.22 4.55 1.47
N LEU A 39 -11.03 4.03 1.76
CA LEU A 39 -9.87 4.88 1.96
C LEU A 39 -8.61 4.13 1.52
N THR A 40 -8.02 4.59 0.43
CA THR A 40 -6.82 3.99 -0.09
C THR A 40 -5.59 4.81 0.28
N LEU A 41 -4.88 4.33 1.29
CA LEU A 41 -3.68 5.00 1.76
C LEU A 41 -2.72 3.98 2.34
N CYS A 42 -1.50 4.44 2.60
CA CYS A 42 -0.47 3.57 3.15
C CYS A 42 -0.54 3.66 4.69
N SER A 43 -0.48 2.50 5.32
CA SER A 43 -0.54 2.43 6.77
C SER A 43 0.02 1.09 7.25
N TYR A 44 1.13 1.18 7.99
CA TYR A 44 1.77 0.00 8.51
C TYR A 44 1.27 -0.33 9.92
N GLY A 45 1.49 -1.57 10.34
CA GLY A 45 1.06 -2.01 11.65
C GLY A 45 1.08 -3.53 11.75
N GLU A 46 1.26 -4.02 12.97
CA GLU A 46 1.29 -5.45 13.21
C GLU A 46 2.44 -6.10 12.43
N GLY A 47 3.29 -5.23 11.89
CA GLY A 47 4.44 -5.71 11.13
C GLY A 47 5.15 -4.54 10.43
N GLY A 48 6.23 -4.10 11.05
CA GLY A 48 7.01 -3.00 10.51
C GLY A 48 7.08 -3.08 8.98
N ASN A 49 7.08 -4.30 8.48
CA ASN A 49 7.14 -4.52 7.04
C ASN A 49 5.82 -5.15 6.58
N GLY A 50 4.82 -4.29 6.42
CA GLY A 50 3.51 -4.75 5.98
C GLY A 50 2.45 -3.68 6.22
N PHE A 51 1.25 -3.94 5.73
CA PHE A 51 0.15 -3.01 5.89
C PHE A 51 -0.90 -3.57 6.84
N GLN A 52 -1.57 -2.65 7.53
CA GLN A 52 -2.60 -3.04 8.48
C GLN A 52 -3.68 -1.96 8.55
N CYS A 53 -4.92 -2.41 8.37
CA CYS A 53 -6.06 -1.50 8.41
C CYS A 53 -6.24 -1.03 9.86
N PRO A 54 -6.79 0.21 9.99
CA PRO A 54 -7.03 0.78 11.31
C PRO A 54 -8.25 0.14 11.97
N THR A 55 -8.42 0.44 13.25
CA THR A 55 -9.53 -0.10 14.01
C THR A 55 -10.86 0.43 13.46
N GLY A 56 -11.74 -0.51 13.13
CA GLY A 56 -13.05 -0.15 12.60
C GLY A 56 -13.04 -0.19 11.08
N TYR A 57 -11.87 -0.49 10.52
CA TYR A 57 -11.71 -0.56 9.08
C TYR A 57 -11.38 -1.98 8.64
N ARG A 58 -11.67 -2.26 7.37
CA ARG A 58 -11.41 -3.57 6.80
C ARG A 58 -11.10 -3.45 5.31
N GLN A 59 -10.01 -4.08 4.92
CA GLN A 59 -9.59 -4.06 3.52
C GLN A 59 -10.81 -4.17 2.61
N CYS A 60 -10.73 -3.46 1.49
CA CYS A 60 -11.82 -3.46 0.53
C CYS A 60 -11.72 -4.73 -0.31
N ASP A 1 16.00 -3.57 -20.33
CA ASP A 1 15.23 -4.48 -19.50
C ASP A 1 13.76 -4.06 -19.52
N ARG A 2 12.94 -4.84 -18.83
CA ARG A 2 11.52 -4.55 -18.76
C ARG A 2 11.08 -4.39 -17.29
N CYS A 3 9.94 -3.75 -17.13
CA CYS A 3 9.40 -3.53 -15.80
C CYS A 3 8.03 -2.87 -15.93
N ARG A 4 7.25 -2.95 -14.87
CA ARG A 4 5.91 -2.38 -14.86
C ARG A 4 5.81 -1.29 -13.79
N TYR A 5 6.14 -0.07 -14.20
CA TYR A 5 6.09 1.06 -13.29
C TYR A 5 4.82 1.03 -12.45
N THR A 6 5.00 0.81 -11.15
CA THR A 6 3.88 0.76 -10.23
C THR A 6 3.97 1.90 -9.21
N LEU A 7 2.85 2.15 -8.56
CA LEU A 7 2.78 3.20 -7.56
C LEU A 7 2.91 2.59 -6.16
N CYS A 8 4.06 2.81 -5.55
CA CYS A 8 4.32 2.28 -4.22
C CYS A 8 4.61 3.46 -3.29
N CYS A 9 4.58 3.18 -1.99
CA CYS A 9 4.84 4.20 -1.00
C CYS A 9 6.28 4.05 -0.51
N ASP A 10 6.83 5.14 -0.01
CA ASP A 10 8.19 5.15 0.48
C ASP A 10 8.19 4.77 1.95
N GLY A 11 7.00 4.70 2.52
CA GLY A 11 6.85 4.36 3.93
C GLY A 11 6.82 5.62 4.80
N ALA A 12 7.59 6.61 4.39
CA ALA A 12 7.65 7.87 5.12
C ALA A 12 8.01 9.00 4.15
N LEU A 13 7.02 9.41 3.38
CA LEU A 13 7.22 10.48 2.42
C LEU A 13 5.93 10.70 1.64
N LYS A 14 5.85 10.06 0.48
CA LYS A 14 4.68 10.18 -0.37
C LYS A 14 4.72 9.08 -1.44
N ALA A 15 3.53 8.60 -1.78
CA ALA A 15 3.42 7.56 -2.79
C ALA A 15 3.92 8.09 -4.13
N VAL A 16 4.66 7.23 -4.84
CA VAL A 16 5.21 7.61 -6.13
C VAL A 16 5.33 6.36 -7.00
N SER A 17 5.55 6.59 -8.29
CA SER A 17 5.70 5.50 -9.23
C SER A 17 7.18 5.08 -9.34
N ALA A 18 7.40 3.78 -9.24
CA ALA A 18 8.75 3.25 -9.33
C ALA A 18 8.78 2.11 -10.35
N CYS A 19 9.98 1.85 -10.86
CA CYS A 19 10.15 0.79 -11.84
C CYS A 19 10.59 -0.47 -11.10
N LEU A 20 9.60 -1.24 -10.68
CA LEU A 20 9.86 -2.48 -9.97
C LEU A 20 9.45 -3.66 -10.84
N HIS A 21 9.89 -4.85 -10.43
CA HIS A 21 9.58 -6.06 -11.16
C HIS A 21 8.57 -6.89 -10.37
N GLU A 22 8.08 -7.94 -11.01
CA GLU A 22 7.12 -8.82 -10.37
C GLU A 22 7.79 -9.63 -9.27
N SER A 23 9.07 -9.91 -9.47
CA SER A 23 9.84 -10.67 -8.50
C SER A 23 10.23 -9.78 -7.32
N GLU A 24 9.78 -8.54 -7.39
CA GLU A 24 10.07 -7.58 -6.34
C GLU A 24 8.79 -6.90 -5.86
N SER A 25 8.83 -6.43 -4.62
CA SER A 25 7.68 -5.76 -4.03
C SER A 25 8.12 -4.44 -3.39
N CYS A 26 7.12 -3.64 -3.04
CA CYS A 26 7.39 -2.36 -2.42
C CYS A 26 6.26 -2.06 -1.42
N LEU A 27 6.43 -0.97 -0.69
CA LEU A 27 5.44 -0.57 0.29
C LEU A 27 4.12 -0.25 -0.41
N VAL A 28 3.40 -1.31 -0.75
CA VAL A 28 2.12 -1.17 -1.42
C VAL A 28 1.06 -0.72 -0.42
N PRO A 29 0.14 0.16 -0.90
CA PRO A 29 -0.93 0.67 -0.06
C PRO A 29 -2.00 -0.39 0.17
N GLY A 30 -3.09 0.04 0.80
CA GLY A 30 -4.20 -0.86 1.07
C GLY A 30 -5.53 -0.11 1.07
N ASP A 31 -6.56 -0.79 0.59
CA ASP A 31 -7.88 -0.19 0.52
C ASP A 31 -8.69 -0.64 1.74
N CYS A 32 -8.88 0.29 2.66
CA CYS A 32 -9.63 0.01 3.87
C CYS A 32 -11.11 0.32 3.60
N CYS A 33 -11.93 -0.72 3.72
CA CYS A 33 -13.35 -0.57 3.49
C CYS A 33 -14.08 -0.79 4.82
N ARG A 34 -15.14 -0.02 5.02
CA ARG A 34 -15.92 -0.12 6.23
C ARG A 34 -17.34 0.41 6.01
N GLY A 35 -18.31 -0.43 6.31
CA GLY A 35 -19.71 -0.05 6.14
C GLY A 35 -20.05 0.15 4.67
N LYS A 36 -19.84 1.37 4.20
CA LYS A 36 -20.11 1.70 2.81
C LYS A 36 -19.13 2.77 2.34
N SER A 37 -17.95 2.75 2.93
CA SER A 37 -16.92 3.72 2.58
C SER A 37 -15.56 3.03 2.52
N ARG A 38 -14.93 3.11 1.35
CA ARG A 38 -13.63 2.50 1.14
C ARG A 38 -12.63 3.55 0.66
N LEU A 39 -11.39 3.37 1.09
CA LEU A 39 -10.32 4.29 0.71
C LEU A 39 -9.00 3.54 0.68
N THR A 40 -8.10 4.01 -0.17
CA THR A 40 -6.79 3.39 -0.30
C THR A 40 -5.70 4.37 0.15
N LEU A 41 -4.89 3.91 1.10
CA LEU A 41 -3.81 4.72 1.62
C LEU A 41 -2.66 3.81 2.07
N CYS A 42 -1.67 4.42 2.69
CA CYS A 42 -0.50 3.69 3.16
C CYS A 42 -0.48 3.77 4.69
N SER A 43 -0.61 2.61 5.32
CA SER A 43 -0.60 2.54 6.76
C SER A 43 -0.27 1.11 7.21
N TYR A 44 0.97 0.94 7.65
CA TYR A 44 1.42 -0.36 8.11
C TYR A 44 1.47 -0.42 9.64
N GLY A 45 1.87 -1.57 10.15
CA GLY A 45 1.96 -1.77 11.59
C GLY A 45 3.42 -1.72 12.06
N GLU A 46 4.07 -2.87 11.99
CA GLU A 46 5.46 -2.97 12.40
C GLU A 46 6.12 -4.18 11.73
N GLY A 47 7.41 -4.02 11.45
CA GLY A 47 8.16 -5.08 10.81
C GLY A 47 7.52 -5.49 9.48
N GLY A 48 7.18 -4.49 8.69
CA GLY A 48 6.56 -4.73 7.40
C GLY A 48 5.41 -5.72 7.53
N ASN A 49 4.27 -5.21 7.96
CA ASN A 49 3.08 -6.04 8.13
C ASN A 49 2.00 -5.59 7.14
N GLY A 50 2.33 -5.73 5.86
CA GLY A 50 1.40 -5.33 4.81
C GLY A 50 0.63 -4.07 5.20
N PHE A 51 -0.65 -4.25 5.46
CA PHE A 51 -1.51 -3.14 5.84
C PHE A 51 -1.97 -3.28 7.29
N GLN A 52 -2.47 -2.17 7.83
CA GLN A 52 -2.96 -2.16 9.20
C GLN A 52 -4.17 -1.24 9.32
N CYS A 53 -5.28 -1.71 8.78
CA CYS A 53 -6.53 -0.96 8.81
C CYS A 53 -6.79 -0.55 10.27
N PRO A 54 -6.91 0.79 10.48
CA PRO A 54 -7.17 1.32 11.81
C PRO A 54 -8.62 1.09 12.22
N THR A 55 -8.95 1.56 13.42
CA THR A 55 -10.29 1.41 13.94
C THR A 55 -11.29 2.11 13.03
N GLY A 56 -12.34 1.38 12.67
CA GLY A 56 -13.38 1.91 11.80
C GLY A 56 -13.12 1.53 10.34
N TYR A 57 -12.05 0.79 10.14
CA TYR A 57 -11.69 0.35 8.79
C TYR A 57 -11.51 -1.17 8.75
N ARG A 58 -11.80 -1.73 7.58
CA ARG A 58 -11.68 -3.16 7.38
C ARG A 58 -11.04 -3.46 6.03
N GLN A 59 -9.76 -3.80 6.08
CA GLN A 59 -9.02 -4.11 4.87
C GLN A 59 -9.92 -4.83 3.86
N CYS A 60 -10.02 -4.26 2.67
CA CYS A 60 -10.84 -4.83 1.62
C CYS A 60 -10.06 -6.00 0.99
N ASP A 1 14.53 -5.78 -19.12
CA ASP A 1 13.31 -6.58 -19.16
C ASP A 1 12.10 -5.66 -18.99
N ARG A 2 10.94 -6.29 -18.87
CA ARG A 2 9.70 -5.55 -18.69
C ARG A 2 9.48 -5.22 -17.21
N CYS A 3 8.58 -4.28 -16.97
CA CYS A 3 8.28 -3.87 -15.62
C CYS A 3 6.81 -3.43 -15.56
N ARG A 4 6.27 -3.42 -14.36
CA ARG A 4 4.88 -3.03 -14.16
C ARG A 4 4.81 -1.81 -13.23
N TYR A 5 4.97 -0.64 -13.83
CA TYR A 5 4.91 0.59 -13.05
C TYR A 5 3.87 0.51 -11.94
N THR A 6 4.36 0.35 -10.72
CA THR A 6 3.48 0.25 -9.57
C THR A 6 3.62 1.49 -8.68
N LEU A 7 2.54 1.80 -7.98
CA LEU A 7 2.53 2.96 -7.10
C LEU A 7 2.98 2.53 -5.70
N CYS A 8 4.19 2.95 -5.36
CA CYS A 8 4.74 2.62 -4.06
C CYS A 8 4.74 3.88 -3.19
N CYS A 9 4.68 3.68 -1.89
CA CYS A 9 4.66 4.78 -0.95
C CYS A 9 6.11 5.18 -0.63
N ASP A 10 6.28 6.41 -0.21
CA ASP A 10 7.60 6.92 0.12
C ASP A 10 7.82 6.79 1.63
N GLY A 11 7.19 5.76 2.21
CA GLY A 11 7.32 5.51 3.63
C GLY A 11 6.27 6.30 4.42
N ALA A 12 5.73 7.32 3.76
CA ALA A 12 4.72 8.15 4.39
C ALA A 12 3.44 8.13 3.54
N LEU A 13 2.89 9.31 3.34
CA LEU A 13 1.66 9.44 2.56
C LEU A 13 2.03 9.70 1.10
N LYS A 14 3.25 10.18 0.91
CA LYS A 14 3.74 10.48 -0.43
C LYS A 14 3.85 9.18 -1.24
N ALA A 15 3.01 9.07 -2.25
CA ALA A 15 3.00 7.88 -3.09
C ALA A 15 3.29 8.29 -4.53
N VAL A 16 4.12 7.49 -5.19
CA VAL A 16 4.48 7.76 -6.57
C VAL A 16 4.60 6.43 -7.32
N SER A 17 4.66 6.54 -8.65
CA SER A 17 4.77 5.37 -9.49
C SER A 17 6.24 5.08 -9.80
N ALA A 18 6.61 3.81 -9.70
CA ALA A 18 7.97 3.40 -9.96
C ALA A 18 7.96 2.17 -10.88
N CYS A 19 9.00 2.09 -11.71
CA CYS A 19 9.12 0.98 -12.64
C CYS A 19 9.88 -0.14 -11.95
N LEU A 20 9.16 -0.90 -11.14
CA LEU A 20 9.75 -2.01 -10.42
C LEU A 20 9.41 -3.32 -11.12
N HIS A 21 10.23 -4.33 -10.89
CA HIS A 21 10.03 -5.63 -11.49
C HIS A 21 9.40 -6.58 -10.47
N GLU A 22 9.10 -7.79 -10.93
CA GLU A 22 8.50 -8.79 -10.07
C GLU A 22 9.51 -9.27 -9.02
N SER A 23 10.78 -9.19 -9.39
CA SER A 23 11.84 -9.61 -8.50
C SER A 23 12.12 -8.51 -7.47
N GLU A 24 11.33 -7.45 -7.55
CA GLU A 24 11.47 -6.33 -6.64
C GLU A 24 10.15 -6.05 -5.93
N SER A 25 10.26 -5.46 -4.75
CA SER A 25 9.08 -5.12 -3.97
C SER A 25 9.32 -3.82 -3.21
N CYS A 26 8.30 -2.96 -3.24
CA CYS A 26 8.39 -1.68 -2.55
C CYS A 26 7.24 -1.60 -1.55
N LEU A 27 7.24 -0.52 -0.78
CA LEU A 27 6.22 -0.31 0.22
C LEU A 27 4.89 0.00 -0.47
N VAL A 28 4.14 -1.06 -0.76
CA VAL A 28 2.85 -0.91 -1.43
C VAL A 28 1.83 -0.38 -0.42
N PRO A 29 0.93 0.50 -0.94
CA PRO A 29 -0.11 1.09 -0.12
C PRO A 29 -1.22 0.08 0.18
N GLY A 30 -2.28 0.58 0.77
CA GLY A 30 -3.42 -0.26 1.11
C GLY A 30 -4.73 0.52 1.04
N ASP A 31 -5.79 -0.19 0.68
CA ASP A 31 -7.11 0.43 0.58
C ASP A 31 -7.96 -0.01 1.77
N CYS A 32 -8.23 0.95 2.64
CA CYS A 32 -9.04 0.68 3.82
C CYS A 32 -10.51 0.91 3.46
N CYS A 33 -11.31 -0.13 3.65
CA CYS A 33 -12.73 -0.06 3.35
C CYS A 33 -13.49 0.07 4.67
N ARG A 34 -14.45 0.99 4.68
CA ARG A 34 -15.26 1.23 5.86
C ARG A 34 -16.75 1.21 5.50
N GLY A 35 -17.39 0.11 5.83
CA GLY A 35 -18.81 -0.03 5.55
C GLY A 35 -19.06 -0.08 4.04
N LYS A 36 -19.21 1.10 3.46
CA LYS A 36 -19.46 1.20 2.03
C LYS A 36 -18.54 2.27 1.42
N SER A 37 -17.47 2.56 2.16
CA SER A 37 -16.52 3.57 1.72
C SER A 37 -15.14 2.93 1.55
N ARG A 38 -14.31 3.58 0.74
CA ARG A 38 -12.98 3.08 0.48
C ARG A 38 -11.97 4.24 0.47
N LEU A 39 -10.78 3.95 0.95
CA LEU A 39 -9.72 4.96 1.01
C LEU A 39 -8.36 4.28 0.85
N THR A 40 -7.45 5.01 0.24
CA THR A 40 -6.10 4.49 0.02
C THR A 40 -5.08 5.34 0.76
N LEU A 41 -4.30 4.68 1.59
CA LEU A 41 -3.27 5.35 2.36
C LEU A 41 -2.11 4.39 2.63
N CYS A 42 -1.09 4.90 3.30
CA CYS A 42 0.07 4.11 3.63
C CYS A 42 0.09 3.87 5.14
N SER A 43 0.02 2.59 5.50
CA SER A 43 0.03 2.22 6.91
C SER A 43 0.63 0.82 7.06
N TYR A 44 1.41 0.67 8.13
CA TYR A 44 2.03 -0.62 8.41
C TYR A 44 1.41 -1.27 9.64
N GLY A 45 1.83 -2.51 9.89
CA GLY A 45 1.32 -3.26 11.02
C GLY A 45 1.88 -4.68 11.04
N GLU A 46 1.16 -5.57 11.71
CA GLU A 46 1.57 -6.95 11.81
C GLU A 46 2.95 -7.05 12.47
N GLY A 47 3.18 -8.19 13.11
CA GLY A 47 4.44 -8.41 13.79
C GLY A 47 5.53 -8.85 12.80
N GLY A 48 5.62 -8.09 11.71
CA GLY A 48 6.61 -8.38 10.68
C GLY A 48 6.66 -7.27 9.64
N ASN A 49 6.01 -7.52 8.52
CA ASN A 49 5.96 -6.55 7.43
C ASN A 49 4.66 -6.73 6.64
N GLY A 50 3.75 -5.80 6.85
CA GLY A 50 2.47 -5.84 6.15
C GLY A 50 1.64 -4.59 6.45
N PHE A 51 0.85 -4.19 5.48
CA PHE A 51 0.01 -3.01 5.62
C PHE A 51 -1.12 -3.27 6.62
N GLN A 52 -1.53 -2.21 7.29
CA GLN A 52 -2.60 -2.30 8.27
C GLN A 52 -3.70 -1.28 7.95
N CYS A 53 -4.70 -1.25 8.83
CA CYS A 53 -5.81 -0.33 8.66
C CYS A 53 -6.09 0.34 10.00
N PRO A 54 -6.64 1.58 9.92
CA PRO A 54 -6.97 2.33 11.12
C PRO A 54 -8.22 1.77 11.80
N THR A 55 -8.49 2.30 12.99
CA THR A 55 -9.65 1.86 13.75
C THR A 55 -10.93 2.23 13.02
N GLY A 56 -11.80 1.24 12.88
CA GLY A 56 -13.07 1.44 12.20
C GLY A 56 -12.95 1.13 10.71
N TYR A 57 -11.74 0.81 10.30
CA TYR A 57 -11.47 0.50 8.91
C TYR A 57 -11.05 -0.96 8.74
N ARG A 58 -11.18 -1.45 7.52
CA ARG A 58 -10.81 -2.83 7.23
C ARG A 58 -10.36 -2.96 5.77
N GLN A 59 -9.16 -3.49 5.60
CA GLN A 59 -8.61 -3.67 4.27
C GLN A 59 -9.71 -4.07 3.29
N CYS A 60 -9.60 -3.53 2.08
CA CYS A 60 -10.58 -3.83 1.04
C CYS A 60 -10.24 -5.18 0.43
N ASP A 1 5.66 -9.16 -16.91
CA ASP A 1 6.38 -9.08 -18.18
C ASP A 1 7.49 -8.03 -18.08
N ARG A 2 7.06 -6.80 -17.84
CA ARG A 2 8.00 -5.69 -17.71
C ARG A 2 7.70 -4.88 -16.46
N CYS A 3 8.71 -4.15 -16.01
CA CYS A 3 8.56 -3.32 -14.81
C CYS A 3 7.22 -2.61 -14.88
N ARG A 4 6.46 -2.74 -13.81
CA ARG A 4 5.15 -2.12 -13.72
C ARG A 4 5.17 -0.97 -12.72
N TYR A 5 5.51 0.21 -13.23
CA TYR A 5 5.58 1.39 -12.39
C TYR A 5 4.46 1.38 -11.33
N THR A 6 4.84 0.93 -10.14
CA THR A 6 3.90 0.86 -9.04
C THR A 6 4.13 2.02 -8.06
N LEU A 7 3.03 2.52 -7.53
CA LEU A 7 3.08 3.62 -6.58
C LEU A 7 3.39 3.07 -5.19
N CYS A 8 4.65 3.19 -4.81
CA CYS A 8 5.09 2.72 -3.50
C CYS A 8 5.26 3.93 -2.59
N CYS A 9 5.14 3.67 -1.29
CA CYS A 9 5.27 4.72 -0.30
C CYS A 9 6.67 4.63 0.32
N ASP A 10 7.31 5.78 0.42
CA ASP A 10 8.65 5.85 1.00
C ASP A 10 8.54 6.07 2.50
N GLY A 11 7.31 6.09 2.98
CA GLY A 11 7.06 6.30 4.40
C GLY A 11 7.90 7.45 4.95
N ALA A 12 8.31 8.33 4.03
CA ALA A 12 9.12 9.48 4.41
C ALA A 12 8.82 10.64 3.46
N LEU A 13 7.53 10.89 3.26
CA LEU A 13 7.11 11.96 2.38
C LEU A 13 5.69 11.66 1.89
N LYS A 14 5.61 10.85 0.84
CA LYS A 14 4.33 10.49 0.27
C LYS A 14 4.53 9.31 -0.70
N ALA A 15 3.43 8.90 -1.31
CA ALA A 15 3.46 7.79 -2.24
C ALA A 15 4.00 8.28 -3.59
N VAL A 16 5.03 7.60 -4.05
CA VAL A 16 5.64 7.94 -5.33
C VAL A 16 5.70 6.71 -6.22
N SER A 17 5.84 6.95 -7.51
CA SER A 17 5.91 5.87 -8.48
C SER A 17 7.32 5.27 -8.49
N ALA A 18 7.37 3.96 -8.68
CA ALA A 18 8.63 3.26 -8.71
C ALA A 18 8.60 2.20 -9.82
N CYS A 19 9.69 2.12 -10.57
CA CYS A 19 9.80 1.17 -11.65
C CYS A 19 10.43 -0.11 -11.11
N LEU A 20 9.58 -0.97 -10.54
CA LEU A 20 10.03 -2.23 -9.99
C LEU A 20 9.41 -3.38 -10.77
N HIS A 21 10.06 -4.54 -10.68
CA HIS A 21 9.60 -5.72 -11.38
C HIS A 21 8.90 -6.66 -10.38
N GLU A 22 8.45 -7.78 -10.91
CA GLU A 22 7.77 -8.78 -10.08
C GLU A 22 8.73 -9.35 -9.05
N SER A 23 10.00 -9.36 -9.40
CA SER A 23 11.04 -9.87 -8.52
C SER A 23 11.38 -8.85 -7.45
N GLU A 24 10.70 -7.71 -7.53
CA GLU A 24 10.92 -6.64 -6.57
C GLU A 24 9.60 -6.20 -5.94
N SER A 25 9.70 -5.68 -4.73
CA SER A 25 8.53 -5.22 -4.01
C SER A 25 8.90 -4.06 -3.08
N CYS A 26 8.03 -3.07 -3.05
CA CYS A 26 8.24 -1.90 -2.21
C CYS A 26 7.04 -1.72 -1.29
N LEU A 27 7.15 -0.78 -0.37
CA LEU A 27 6.07 -0.51 0.57
C LEU A 27 4.84 -0.04 -0.21
N VAL A 28 4.10 -1.02 -0.72
CA VAL A 28 2.91 -0.72 -1.49
C VAL A 28 1.79 -0.30 -0.53
N PRO A 29 0.84 0.51 -1.06
CA PRO A 29 -0.28 0.99 -0.27
C PRO A 29 -1.30 -0.12 -0.05
N GLY A 30 -2.43 0.27 0.54
CA GLY A 30 -3.49 -0.67 0.81
C GLY A 30 -4.87 0.01 0.75
N ASP A 31 -5.88 -0.80 0.47
CA ASP A 31 -7.24 -0.28 0.38
C ASP A 31 -8.01 -0.68 1.63
N CYS A 32 -8.56 0.32 2.30
CA CYS A 32 -9.33 0.09 3.50
C CYS A 32 -10.82 0.22 3.17
N CYS A 33 -11.53 -0.89 3.34
CA CYS A 33 -12.95 -0.92 3.06
C CYS A 33 -13.71 -0.69 4.37
N ARG A 34 -14.63 0.26 4.33
CA ARG A 34 -15.42 0.57 5.51
C ARG A 34 -16.91 0.56 5.17
N GLY A 35 -17.51 -0.61 5.31
CA GLY A 35 -18.92 -0.79 5.02
C GLY A 35 -19.19 -0.66 3.52
N LYS A 36 -19.34 0.59 3.09
CA LYS A 36 -19.60 0.87 1.68
C LYS A 36 -18.70 2.02 1.22
N SER A 37 -17.62 2.23 1.97
CA SER A 37 -16.69 3.29 1.64
C SER A 37 -15.27 2.72 1.55
N ARG A 38 -14.75 2.72 0.33
CA ARG A 38 -13.41 2.20 0.09
C ARG A 38 -12.39 3.34 0.16
N LEU A 39 -11.19 3.00 0.62
CA LEU A 39 -10.12 3.98 0.73
C LEU A 39 -8.81 3.36 0.27
N THR A 40 -7.86 4.22 -0.04
CA THR A 40 -6.55 3.77 -0.50
C THR A 40 -5.45 4.69 0.02
N LEU A 41 -4.71 4.18 0.98
CA LEU A 41 -3.62 4.95 1.57
C LEU A 41 -2.53 4.00 2.06
N CYS A 42 -1.49 4.59 2.64
CA CYS A 42 -0.38 3.79 3.15
C CYS A 42 -0.48 3.76 4.68
N SER A 43 -0.46 2.55 5.21
CA SER A 43 -0.55 2.37 6.66
C SER A 43 -0.04 0.98 7.03
N TYR A 44 0.98 0.97 7.90
CA TYR A 44 1.56 -0.27 8.35
C TYR A 44 0.85 -0.79 9.60
N GLY A 45 1.06 -2.07 9.87
CA GLY A 45 0.44 -2.69 11.03
C GLY A 45 1.52 -3.22 11.99
N GLU A 46 1.30 -4.44 12.46
CA GLU A 46 2.23 -5.07 13.38
C GLU A 46 3.43 -5.63 12.62
N GLY A 47 3.52 -5.25 11.35
CA GLY A 47 4.61 -5.72 10.51
C GLY A 47 4.74 -4.85 9.26
N GLY A 48 5.61 -3.85 9.36
CA GLY A 48 5.84 -2.94 8.25
C GLY A 48 5.78 -3.68 6.91
N ASN A 49 6.18 -4.95 6.95
CA ASN A 49 6.17 -5.78 5.76
C ASN A 49 4.81 -6.47 5.63
N GLY A 50 3.76 -5.69 5.86
CA GLY A 50 2.41 -6.21 5.77
C GLY A 50 1.39 -5.14 6.13
N PHE A 51 1.14 -4.26 5.17
CA PHE A 51 0.18 -3.18 5.36
C PHE A 51 -1.08 -3.69 6.06
N GLN A 52 -1.70 -2.79 6.81
CA GLN A 52 -2.91 -3.13 7.54
C GLN A 52 -3.93 -2.01 7.41
N CYS A 53 -5.00 -2.12 8.20
CA CYS A 53 -6.05 -1.13 8.20
C CYS A 53 -6.29 -0.67 9.64
N PRO A 54 -6.66 0.63 9.78
CA PRO A 54 -6.93 1.19 11.09
C PRO A 54 -8.28 0.72 11.63
N THR A 55 -8.57 1.11 12.87
CA THR A 55 -9.81 0.73 13.50
C THR A 55 -11.00 1.28 12.71
N GLY A 56 -11.96 0.41 12.47
CA GLY A 56 -13.16 0.79 11.73
C GLY A 56 -12.98 0.53 10.23
N TYR A 57 -11.77 0.09 9.88
CA TYR A 57 -11.47 -0.19 8.49
C TYR A 57 -11.03 -1.66 8.32
N ARG A 58 -11.29 -2.17 7.12
CA ARG A 58 -10.94 -3.55 6.82
C ARG A 58 -10.45 -3.66 5.38
N GLN A 59 -9.21 -4.12 5.24
CA GLN A 59 -8.62 -4.28 3.92
C GLN A 59 -9.67 -4.76 2.92
N CYS A 60 -9.78 -4.03 1.82
CA CYS A 60 -10.74 -4.37 0.79
C CYS A 60 -10.15 -5.50 -0.06
N ASP A 1 10.48 -5.19 -24.11
CA ASP A 1 10.24 -5.48 -22.71
C ASP A 1 10.75 -4.33 -21.85
N ARG A 2 10.45 -4.40 -20.55
CA ARG A 2 10.87 -3.38 -19.62
C ARG A 2 10.14 -3.54 -18.29
N CYS A 3 10.68 -2.89 -17.27
CA CYS A 3 10.08 -2.95 -15.95
C CYS A 3 8.64 -2.47 -16.05
N ARG A 4 7.85 -2.86 -15.05
CA ARG A 4 6.45 -2.48 -15.02
C ARG A 4 6.22 -1.39 -13.95
N TYR A 5 6.36 -0.15 -14.40
CA TYR A 5 6.16 0.98 -13.51
C TYR A 5 4.97 0.76 -12.58
N THR A 6 5.27 0.65 -11.29
CA THR A 6 4.23 0.43 -10.30
C THR A 6 4.17 1.61 -9.32
N LEU A 7 3.09 1.66 -8.56
CA LEU A 7 2.90 2.72 -7.59
C LEU A 7 3.20 2.18 -6.18
N CYS A 8 4.34 2.61 -5.66
CA CYS A 8 4.74 2.17 -4.33
C CYS A 8 4.82 3.41 -3.43
N CYS A 9 4.70 3.16 -2.13
CA CYS A 9 4.77 4.24 -1.16
C CYS A 9 6.23 4.44 -0.75
N ASP A 10 6.49 5.61 -0.19
CA ASP A 10 7.84 5.95 0.24
C ASP A 10 8.02 5.50 1.69
N GLY A 11 6.92 5.05 2.29
CA GLY A 11 6.95 4.60 3.67
C GLY A 11 6.70 5.75 4.63
N ALA A 12 7.19 6.92 4.24
CA ALA A 12 7.03 8.11 5.07
C ALA A 12 7.04 9.34 4.17
N LEU A 13 5.98 9.47 3.38
CA LEU A 13 5.87 10.61 2.48
C LEU A 13 4.56 10.50 1.70
N LYS A 14 4.67 9.95 0.50
CA LYS A 14 3.50 9.77 -0.36
C LYS A 14 3.73 8.57 -1.28
N ALA A 15 2.77 8.35 -2.17
CA ALA A 15 2.85 7.26 -3.11
C ALA A 15 3.28 7.78 -4.48
N VAL A 16 4.31 7.15 -5.03
CA VAL A 16 4.82 7.55 -6.33
C VAL A 16 5.04 6.30 -7.19
N SER A 17 5.35 6.53 -8.46
CA SER A 17 5.60 5.44 -9.37
C SER A 17 7.09 5.12 -9.42
N ALA A 18 7.39 3.82 -9.35
CA ALA A 18 8.76 3.37 -9.38
C ALA A 18 8.94 2.35 -10.50
N CYS A 19 10.18 2.18 -10.93
CA CYS A 19 10.49 1.23 -11.99
C CYS A 19 11.04 -0.04 -11.35
N LEU A 20 10.13 -0.95 -11.05
CA LEU A 20 10.51 -2.21 -10.44
C LEU A 20 9.98 -3.37 -11.29
N HIS A 21 10.49 -4.56 -11.00
CA HIS A 21 10.09 -5.74 -11.74
C HIS A 21 9.35 -6.69 -10.80
N GLU A 22 8.93 -7.82 -11.35
CA GLU A 22 8.22 -8.82 -10.58
C GLU A 22 9.16 -9.49 -9.57
N SER A 23 10.44 -9.47 -9.90
CA SER A 23 11.44 -10.06 -9.04
C SER A 23 11.78 -9.11 -7.89
N GLU A 24 11.12 -7.96 -7.91
CA GLU A 24 11.34 -6.96 -6.89
C GLU A 24 10.00 -6.47 -6.33
N SER A 25 10.07 -5.96 -5.11
CA SER A 25 8.87 -5.45 -4.45
C SER A 25 9.17 -4.11 -3.77
N CYS A 26 8.11 -3.47 -3.29
CA CYS A 26 8.25 -2.20 -2.63
C CYS A 26 7.11 -2.05 -1.62
N LEU A 27 7.17 -0.98 -0.84
CA LEU A 27 6.15 -0.72 0.16
C LEU A 27 4.82 -0.44 -0.54
N VAL A 28 4.05 -1.50 -0.72
CA VAL A 28 2.75 -1.38 -1.37
C VAL A 28 1.73 -0.83 -0.37
N PRO A 29 0.82 0.02 -0.89
CA PRO A 29 -0.21 0.61 -0.06
C PRO A 29 -1.31 -0.40 0.29
N GLY A 30 -2.37 0.11 0.89
CA GLY A 30 -3.48 -0.74 1.27
C GLY A 30 -4.81 0.02 1.21
N ASP A 31 -5.88 -0.72 0.99
CA ASP A 31 -7.20 -0.12 0.91
C ASP A 31 -8.09 -0.72 2.01
N CYS A 32 -8.33 0.09 3.03
CA CYS A 32 -9.16 -0.34 4.15
C CYS A 32 -10.62 0.00 3.83
N CYS A 33 -11.47 -1.01 3.88
CA CYS A 33 -12.87 -0.83 3.60
C CYS A 33 -13.67 -1.30 4.81
N ARG A 34 -14.82 -0.68 5.01
CA ARG A 34 -15.68 -1.02 6.14
C ARG A 34 -17.12 -0.59 5.84
N GLY A 35 -18.03 -1.54 5.97
CA GLY A 35 -19.44 -1.28 5.72
C GLY A 35 -19.69 -1.01 4.25
N LYS A 36 -19.64 0.27 3.89
CA LYS A 36 -19.87 0.67 2.51
C LYS A 36 -18.90 1.79 2.14
N SER A 37 -17.78 1.82 2.86
CA SER A 37 -16.78 2.84 2.63
C SER A 37 -15.41 2.17 2.45
N ARG A 38 -14.55 2.86 1.72
CA ARG A 38 -13.21 2.36 1.45
C ARG A 38 -12.22 3.51 1.27
N LEU A 39 -10.98 3.25 1.63
CA LEU A 39 -9.94 4.25 1.51
C LEU A 39 -8.59 3.57 1.30
N THR A 40 -7.78 4.17 0.44
CA THR A 40 -6.47 3.64 0.14
C THR A 40 -5.38 4.64 0.50
N LEU A 41 -4.44 4.19 1.32
CA LEU A 41 -3.34 5.05 1.74
C LEU A 41 -2.11 4.18 2.03
N CYS A 42 -1.11 4.82 2.61
CA CYS A 42 0.13 4.12 2.94
C CYS A 42 0.37 4.24 4.45
N SER A 43 0.29 3.10 5.12
CA SER A 43 0.50 3.07 6.56
C SER A 43 0.81 1.64 7.01
N TYR A 44 1.88 1.53 7.79
CA TYR A 44 2.29 0.23 8.29
C TYR A 44 2.56 0.28 9.80
N GLY A 45 2.97 -0.86 10.33
CA GLY A 45 3.26 -0.95 11.76
C GLY A 45 4.19 -2.13 12.04
N GLU A 46 3.58 -3.28 12.28
CA GLU A 46 4.34 -4.48 12.57
C GLU A 46 3.98 -5.59 11.58
N GLY A 47 4.95 -6.45 11.32
CA GLY A 47 4.74 -7.56 10.40
C GLY A 47 3.35 -8.16 10.57
N GLY A 48 2.99 -8.40 11.82
CA GLY A 48 1.68 -8.97 12.12
C GLY A 48 0.58 -8.32 11.27
N ASN A 49 0.66 -7.00 11.18
CA ASN A 49 -0.31 -6.25 10.39
C ASN A 49 0.42 -5.29 9.46
N GLY A 50 0.81 -5.82 8.31
CA GLY A 50 1.53 -5.03 7.32
C GLY A 50 0.94 -3.60 7.23
N PHE A 51 -0.25 -3.52 6.65
CA PHE A 51 -0.91 -2.24 6.51
C PHE A 51 -1.51 -1.78 7.84
N GLN A 52 -1.67 -0.47 7.95
CA GLN A 52 -2.23 0.11 9.16
C GLN A 52 -3.60 0.73 8.87
N CYS A 53 -4.63 -0.06 9.07
CA CYS A 53 -5.99 0.39 8.83
C CYS A 53 -6.46 1.14 10.08
N PRO A 54 -7.10 2.33 9.83
CA PRO A 54 -7.61 3.14 10.92
C PRO A 54 -8.89 2.54 11.51
N THR A 55 -9.29 3.08 12.65
CA THR A 55 -10.48 2.60 13.33
C THR A 55 -11.71 2.80 12.45
N GLY A 56 -12.47 1.73 12.28
CA GLY A 56 -13.68 1.78 11.47
C GLY A 56 -13.39 1.32 10.04
N TYR A 57 -12.13 0.92 9.82
CA TYR A 57 -11.72 0.46 8.50
C TYR A 57 -11.01 -0.89 8.61
N ARG A 58 -11.24 -1.72 7.60
CA ARG A 58 -10.62 -3.03 7.56
C ARG A 58 -10.23 -3.40 6.13
N GLN A 59 -8.98 -3.79 5.97
CA GLN A 59 -8.46 -4.17 4.67
C GLN A 59 -9.55 -4.91 3.87
N CYS A 60 -9.71 -4.49 2.62
CA CYS A 60 -10.71 -5.10 1.76
C CYS A 60 -10.13 -6.41 1.21
N ASP A 1 13.10 -7.17 -19.90
CA ASP A 1 13.63 -5.86 -19.54
C ASP A 1 12.48 -4.96 -19.05
N ARG A 2 11.42 -4.93 -19.85
CA ARG A 2 10.26 -4.11 -19.51
C ARG A 2 9.97 -4.21 -18.01
N CYS A 3 9.23 -3.22 -17.53
CA CYS A 3 8.88 -3.17 -16.11
C CYS A 3 7.40 -2.82 -16.00
N ARG A 4 6.84 -3.10 -14.83
CA ARG A 4 5.44 -2.83 -14.58
C ARG A 4 5.29 -1.70 -13.56
N TYR A 5 5.12 -0.49 -14.07
CA TYR A 5 4.97 0.68 -13.22
C TYR A 5 3.95 0.41 -12.11
N THR A 6 4.47 0.26 -10.90
CA THR A 6 3.61 0.00 -9.75
C THR A 6 3.57 1.22 -8.84
N LEU A 7 2.59 1.22 -7.94
CA LEU A 7 2.43 2.32 -7.01
C LEU A 7 3.11 1.97 -5.69
N CYS A 8 4.23 2.64 -5.44
CA CYS A 8 4.98 2.42 -4.23
C CYS A 8 4.83 3.65 -3.33
N CYS A 9 5.02 3.43 -2.04
CA CYS A 9 4.91 4.50 -1.06
C CYS A 9 6.32 5.00 -0.74
N ASP A 10 6.37 6.22 -0.23
CA ASP A 10 7.64 6.83 0.13
C ASP A 10 7.96 6.49 1.59
N GLY A 11 7.24 5.51 2.11
CA GLY A 11 7.44 5.08 3.49
C GLY A 11 6.66 5.96 4.46
N ALA A 12 6.22 7.10 3.94
CA ALA A 12 5.47 8.05 4.75
C ALA A 12 4.05 8.21 4.16
N LEU A 13 3.65 9.44 4.00
CA LEU A 13 2.33 9.74 3.46
C LEU A 13 2.43 9.84 1.93
N LYS A 14 3.62 10.17 1.47
CA LYS A 14 3.86 10.30 0.03
C LYS A 14 3.66 8.94 -0.63
N ALA A 15 3.33 9.00 -1.92
CA ALA A 15 3.11 7.78 -2.68
C ALA A 15 3.07 8.13 -4.18
N VAL A 16 3.82 7.35 -4.95
CA VAL A 16 3.88 7.56 -6.39
C VAL A 16 4.10 6.22 -7.09
N SER A 17 4.29 6.29 -8.39
CA SER A 17 4.52 5.09 -9.18
C SER A 17 6.01 4.94 -9.50
N ALA A 18 6.50 3.73 -9.33
CA ALA A 18 7.90 3.44 -9.59
C ALA A 18 8.00 2.33 -10.64
N CYS A 19 9.16 2.26 -11.28
CA CYS A 19 9.39 1.25 -12.30
C CYS A 19 10.08 0.05 -11.64
N LEU A 20 9.25 -0.84 -11.09
CA LEU A 20 9.77 -2.02 -10.42
C LEU A 20 9.31 -3.26 -11.18
N HIS A 21 10.05 -4.34 -10.99
CA HIS A 21 9.74 -5.59 -11.66
C HIS A 21 9.09 -6.56 -10.65
N GLU A 22 8.74 -7.73 -11.16
CA GLU A 22 8.10 -8.74 -10.32
C GLU A 22 9.12 -9.30 -9.33
N SER A 23 10.39 -9.26 -9.73
CA SER A 23 11.46 -9.76 -8.88
C SER A 23 11.80 -8.73 -7.80
N GLU A 24 11.05 -7.64 -7.82
CA GLU A 24 11.26 -6.57 -6.86
C GLU A 24 9.95 -6.26 -6.11
N SER A 25 10.11 -5.70 -4.92
CA SER A 25 8.96 -5.35 -4.11
C SER A 25 9.25 -4.07 -3.32
N CYS A 26 8.37 -3.09 -3.50
CA CYS A 26 8.51 -1.82 -2.82
C CYS A 26 7.43 -1.72 -1.75
N LEU A 27 7.47 -0.61 -1.01
CA LEU A 27 6.50 -0.39 0.04
C LEU A 27 5.13 -0.05 -0.58
N VAL A 28 4.43 -1.10 -1.00
CA VAL A 28 3.13 -0.93 -1.61
C VAL A 28 2.15 -0.43 -0.57
N PRO A 29 1.20 0.45 -1.03
CA PRO A 29 0.20 1.01 -0.14
C PRO A 29 -0.88 -0.02 0.17
N GLY A 30 -1.96 0.46 0.77
CA GLY A 30 -3.07 -0.40 1.14
C GLY A 30 -4.39 0.35 1.07
N ASP A 31 -5.45 -0.40 0.81
CA ASP A 31 -6.78 0.19 0.71
C ASP A 31 -7.58 -0.18 1.97
N CYS A 32 -8.08 0.86 2.63
CA CYS A 32 -8.86 0.68 3.85
C CYS A 32 -10.34 0.83 3.50
N CYS A 33 -11.07 -0.26 3.67
CA CYS A 33 -12.49 -0.26 3.37
C CYS A 33 -13.25 0.05 4.67
N ARG A 34 -14.06 1.10 4.61
CA ARG A 34 -14.85 1.50 5.75
C ARG A 34 -16.34 1.45 5.43
N GLY A 35 -16.93 0.29 5.67
CA GLY A 35 -18.34 0.09 5.40
C GLY A 35 -18.64 0.23 3.91
N LYS A 36 -18.82 1.46 3.48
CA LYS A 36 -19.11 1.74 2.08
C LYS A 36 -18.22 2.87 1.59
N SER A 37 -17.06 3.00 2.23
CA SER A 37 -16.12 4.04 1.87
C SER A 37 -14.70 3.45 1.84
N ARG A 38 -14.20 3.27 0.63
CA ARG A 38 -12.87 2.72 0.44
C ARG A 38 -11.83 3.85 0.38
N LEU A 39 -10.63 3.54 0.85
CA LEU A 39 -9.56 4.52 0.85
C LEU A 39 -8.24 3.82 0.46
N THR A 40 -7.27 4.64 0.08
CA THR A 40 -5.97 4.12 -0.31
C THR A 40 -4.86 5.03 0.21
N LEU A 41 -4.15 4.53 1.21
CA LEU A 41 -3.06 5.28 1.81
C LEU A 41 -2.02 4.31 2.38
N CYS A 42 -0.91 4.88 2.82
CA CYS A 42 0.16 4.08 3.40
C CYS A 42 -0.10 3.93 4.89
N SER A 43 -0.34 2.69 5.31
CA SER A 43 -0.61 2.41 6.71
C SER A 43 -0.38 0.93 7.00
N TYR A 44 0.82 0.63 7.47
CA TYR A 44 1.18 -0.74 7.79
C TYR A 44 1.15 -0.98 9.30
N GLY A 45 1.23 -2.25 9.66
CA GLY A 45 1.22 -2.64 11.07
C GLY A 45 2.63 -2.57 11.66
N GLU A 46 3.52 -1.93 10.92
CA GLU A 46 4.90 -1.79 11.37
C GLU A 46 5.47 -3.15 11.73
N GLY A 47 6.38 -3.62 10.88
CA GLY A 47 7.02 -4.91 11.09
C GLY A 47 6.06 -5.88 11.79
N GLY A 48 4.84 -5.90 11.29
CA GLY A 48 3.82 -6.77 11.85
C GLY A 48 3.63 -8.02 10.97
N ASN A 49 2.49 -8.05 10.29
CA ASN A 49 2.17 -9.17 9.42
C ASN A 49 1.26 -8.68 8.29
N GLY A 50 1.88 -7.96 7.36
CA GLY A 50 1.14 -7.43 6.22
C GLY A 50 0.59 -6.02 6.53
N PHE A 51 -0.73 -5.92 6.46
CA PHE A 51 -1.39 -4.64 6.72
C PHE A 51 -2.21 -4.72 8.01
N GLN A 52 -2.54 -3.54 8.53
CA GLN A 52 -3.31 -3.45 9.75
C GLN A 52 -4.14 -2.16 9.76
N CYS A 53 -5.21 -2.19 8.98
CA CYS A 53 -6.09 -1.04 8.89
C CYS A 53 -6.40 -0.55 10.31
N PRO A 54 -6.67 0.77 10.42
CA PRO A 54 -6.99 1.36 11.71
C PRO A 54 -8.41 1.00 12.15
N THR A 55 -8.75 1.46 13.34
CA THR A 55 -10.08 1.19 13.88
C THR A 55 -11.16 1.78 12.98
N GLY A 56 -12.18 0.98 12.72
CA GLY A 56 -13.28 1.41 11.88
C GLY A 56 -12.96 1.17 10.41
N TYR A 57 -11.76 0.66 10.16
CA TYR A 57 -11.33 0.37 8.81
C TYR A 57 -10.92 -1.09 8.66
N ARG A 58 -11.05 -1.59 7.44
CA ARG A 58 -10.70 -2.98 7.15
C ARG A 58 -10.22 -3.11 5.71
N GLN A 59 -9.03 -3.67 5.56
CA GLN A 59 -8.45 -3.87 4.24
C GLN A 59 -9.55 -4.19 3.22
N CYS A 60 -9.37 -3.65 2.03
CA CYS A 60 -10.33 -3.86 0.96
C CYS A 60 -10.07 -5.24 0.35
N ASP A 1 11.64 -8.34 -21.09
CA ASP A 1 12.63 -7.47 -20.48
C ASP A 1 11.93 -6.24 -19.90
N ARG A 2 12.72 -5.18 -19.71
CA ARG A 2 12.18 -3.95 -19.17
C ARG A 2 11.56 -4.20 -17.80
N CYS A 3 11.44 -3.12 -17.03
CA CYS A 3 10.86 -3.20 -15.70
C CYS A 3 9.36 -2.88 -15.81
N ARG A 4 8.68 -3.05 -14.69
CA ARG A 4 7.26 -2.78 -14.64
C ARG A 4 7.00 -1.31 -14.29
N TYR A 5 5.94 -1.09 -13.53
CA TYR A 5 5.59 0.26 -13.12
C TYR A 5 4.36 0.25 -12.19
N THR A 6 4.60 0.64 -10.95
CA THR A 6 3.53 0.68 -9.97
C THR A 6 3.68 1.91 -9.06
N LEU A 7 2.67 2.12 -8.23
CA LEU A 7 2.67 3.24 -7.31
C LEU A 7 3.06 2.76 -5.92
N CYS A 8 4.31 3.04 -5.56
CA CYS A 8 4.81 2.63 -4.25
C CYS A 8 4.83 3.86 -3.35
N CYS A 9 4.74 3.60 -2.05
CA CYS A 9 4.75 4.67 -1.07
C CYS A 9 6.20 5.15 -0.89
N ASP A 10 6.32 6.38 -0.44
CA ASP A 10 7.63 6.97 -0.21
C ASP A 10 8.04 6.76 1.24
N GLY A 11 7.42 5.78 1.86
CA GLY A 11 7.70 5.46 3.26
C GLY A 11 7.20 6.57 4.17
N ALA A 12 6.54 7.55 3.57
CA ALA A 12 6.01 8.67 4.34
C ALA A 12 4.64 9.05 3.77
N LEU A 13 3.83 8.04 3.51
CA LEU A 13 2.50 8.26 2.97
C LEU A 13 2.61 8.52 1.47
N LYS A 14 3.44 9.49 1.12
CA LYS A 14 3.63 9.84 -0.27
C LYS A 14 3.63 8.57 -1.13
N ALA A 15 3.07 8.69 -2.32
CA ALA A 15 3.00 7.56 -3.24
C ALA A 15 3.41 8.02 -4.64
N VAL A 16 4.51 7.46 -5.11
CA VAL A 16 5.01 7.80 -6.44
C VAL A 16 5.12 6.53 -7.28
N SER A 17 5.20 6.73 -8.59
CA SER A 17 5.31 5.62 -9.51
C SER A 17 6.78 5.23 -9.69
N ALA A 18 7.05 3.96 -9.45
CA ALA A 18 8.41 3.44 -9.56
C ALA A 18 8.43 2.32 -10.60
N CYS A 19 9.62 2.07 -11.15
CA CYS A 19 9.78 1.03 -12.14
C CYS A 19 10.44 -0.17 -11.48
N LEU A 20 9.62 -1.04 -10.92
CA LEU A 20 10.11 -2.24 -10.26
C LEU A 20 9.73 -3.47 -11.07
N HIS A 21 10.44 -4.55 -10.81
CA HIS A 21 10.19 -5.80 -11.51
C HIS A 21 9.24 -6.67 -10.68
N GLU A 22 8.79 -7.76 -11.31
CA GLU A 22 7.89 -8.67 -10.64
C GLU A 22 8.59 -9.38 -9.49
N SER A 23 9.90 -9.60 -9.66
CA SER A 23 10.70 -10.24 -8.65
C SER A 23 11.05 -9.25 -7.53
N GLU A 24 10.52 -8.04 -7.68
CA GLU A 24 10.78 -6.99 -6.71
C GLU A 24 9.46 -6.42 -6.19
N SER A 25 9.48 -6.01 -4.94
CA SER A 25 8.30 -5.43 -4.31
C SER A 25 8.68 -4.21 -3.48
N CYS A 26 7.83 -3.20 -3.55
CA CYS A 26 8.06 -1.96 -2.81
C CYS A 26 6.94 -1.81 -1.79
N LEU A 27 7.07 -0.76 -0.98
CA LEU A 27 6.08 -0.48 0.05
C LEU A 27 4.76 -0.10 -0.62
N VAL A 28 3.95 -1.11 -0.88
CA VAL A 28 2.66 -0.91 -1.51
C VAL A 28 1.65 -0.43 -0.47
N PRO A 29 0.74 0.48 -0.91
CA PRO A 29 -0.27 1.03 -0.03
C PRO A 29 -1.37 0.00 0.23
N GLY A 30 -2.45 0.47 0.85
CA GLY A 30 -3.58 -0.38 1.16
C GLY A 30 -4.89 0.40 1.13
N ASP A 31 -5.97 -0.31 0.82
CA ASP A 31 -7.28 0.30 0.75
C ASP A 31 -8.12 -0.17 1.94
N CYS A 32 -8.35 0.75 2.86
CA CYS A 32 -9.14 0.44 4.05
C CYS A 32 -10.62 0.71 3.72
N CYS A 33 -11.37 -0.37 3.65
CA CYS A 33 -12.80 -0.25 3.36
C CYS A 33 -13.58 -0.78 4.56
N ARG A 34 -14.68 -0.10 4.84
CA ARG A 34 -15.53 -0.50 5.96
C ARG A 34 -16.92 0.11 5.81
N GLY A 35 -17.92 -0.76 5.91
CA GLY A 35 -19.31 -0.33 5.79
C GLY A 35 -19.60 0.14 4.36
N LYS A 36 -19.50 1.44 4.16
CA LYS A 36 -19.76 2.03 2.86
C LYS A 36 -18.72 3.12 2.58
N SER A 37 -17.57 2.97 3.20
CA SER A 37 -16.50 3.93 3.04
C SER A 37 -15.16 3.20 2.82
N ARG A 38 -14.36 3.75 1.92
CA ARG A 38 -13.06 3.17 1.61
C ARG A 38 -12.05 4.27 1.33
N LEU A 39 -10.80 3.96 1.64
CA LEU A 39 -9.71 4.91 1.42
C LEU A 39 -8.41 4.15 1.15
N THR A 40 -7.62 4.68 0.24
CA THR A 40 -6.35 4.07 -0.12
C THR A 40 -5.18 4.97 0.30
N LEU A 41 -4.46 4.52 1.31
CA LEU A 41 -3.33 5.27 1.81
C LEU A 41 -2.30 4.31 2.40
N CYS A 42 -1.15 4.86 2.76
CA CYS A 42 -0.08 4.06 3.35
C CYS A 42 -0.29 4.04 4.87
N SER A 43 -0.54 2.84 5.37
CA SER A 43 -0.75 2.67 6.80
C SER A 43 -0.41 1.23 7.21
N TYR A 44 0.86 1.03 7.55
CA TYR A 44 1.33 -0.29 7.95
C TYR A 44 1.44 -0.37 9.48
N GLY A 45 1.63 -1.60 9.95
CA GLY A 45 1.76 -1.84 11.37
C GLY A 45 3.11 -2.46 11.71
N GLU A 46 3.10 -3.37 12.68
CA GLU A 46 4.31 -4.04 13.10
C GLU A 46 4.19 -5.55 12.83
N GLY A 47 5.31 -6.11 12.34
CA GLY A 47 5.35 -7.53 12.04
C GLY A 47 6.37 -7.82 10.94
N GLY A 48 6.21 -7.13 9.82
CA GLY A 48 7.12 -7.31 8.70
C GLY A 48 6.53 -6.73 7.41
N ASN A 49 5.41 -7.31 7.00
CA ASN A 49 4.74 -6.85 5.79
C ASN A 49 3.24 -7.11 5.93
N GLY A 50 2.54 -6.09 6.42
CA GLY A 50 1.10 -6.19 6.60
C GLY A 50 0.48 -4.82 6.85
N PHE A 51 -0.84 -4.80 6.86
CA PHE A 51 -1.57 -3.55 7.07
C PHE A 51 -2.19 -3.52 8.47
N GLN A 52 -2.63 -2.33 8.87
CA GLN A 52 -3.23 -2.15 10.17
C GLN A 52 -4.40 -1.15 10.07
N CYS A 53 -5.48 -1.61 9.45
CA CYS A 53 -6.65 -0.78 9.28
C CYS A 53 -7.08 -0.27 10.67
N PRO A 54 -7.33 1.06 10.73
CA PRO A 54 -7.74 1.68 11.98
C PRO A 54 -9.20 1.36 12.30
N THR A 55 -9.64 1.83 13.46
CA THR A 55 -11.01 1.60 13.88
C THR A 55 -11.99 2.23 12.89
N GLY A 56 -12.92 1.41 12.44
CA GLY A 56 -13.92 1.87 11.48
C GLY A 56 -13.51 1.54 10.05
N TYR A 57 -12.39 0.83 9.94
CA TYR A 57 -11.88 0.45 8.64
C TYR A 57 -11.58 -1.05 8.58
N ARG A 58 -11.63 -1.59 7.38
CA ARG A 58 -11.35 -3.00 7.18
C ARG A 58 -10.64 -3.23 5.85
N GLN A 59 -9.38 -3.62 5.94
CA GLN A 59 -8.58 -3.87 4.75
C GLN A 59 -9.45 -4.50 3.65
N CYS A 60 -9.41 -3.86 2.49
CA CYS A 60 -10.18 -4.35 1.36
C CYS A 60 -9.42 -5.51 0.72
N ASP A 1 5.26 -1.19 -20.81
CA ASP A 1 6.65 -1.33 -21.23
C ASP A 1 7.34 -2.37 -20.32
N ARG A 2 8.65 -2.22 -20.20
CA ARG A 2 9.44 -3.13 -19.38
C ARG A 2 9.11 -2.91 -17.91
N CYS A 3 9.41 -3.93 -17.11
CA CYS A 3 9.15 -3.87 -15.68
C CYS A 3 7.65 -3.68 -15.47
N ARG A 4 7.23 -3.92 -14.23
CA ARG A 4 5.83 -3.78 -13.88
C ARG A 4 5.60 -2.52 -13.06
N TYR A 5 5.91 -1.39 -13.67
CA TYR A 5 5.74 -0.11 -13.01
C TYR A 5 4.51 -0.11 -12.11
N THR A 6 4.73 0.24 -10.85
CA THR A 6 3.66 0.28 -9.88
C THR A 6 3.84 1.46 -8.93
N LEU A 7 2.83 1.67 -8.10
CA LEU A 7 2.87 2.76 -7.13
C LEU A 7 3.12 2.20 -5.73
N CYS A 8 4.27 2.55 -5.19
CA CYS A 8 4.64 2.08 -3.86
C CYS A 8 4.87 3.31 -2.97
N CYS A 9 4.89 3.05 -1.66
CA CYS A 9 5.10 4.12 -0.70
C CYS A 9 6.48 3.94 -0.08
N ASP A 10 7.10 5.06 0.28
CA ASP A 10 8.43 5.04 0.88
C ASP A 10 8.28 4.92 2.39
N GLY A 11 7.05 5.10 2.86
CA GLY A 11 6.76 5.02 4.28
C GLY A 11 7.00 6.37 4.96
N ALA A 12 7.86 7.17 4.34
CA ALA A 12 8.17 8.49 4.88
C ALA A 12 8.55 9.42 3.73
N LEU A 13 7.54 9.98 3.09
CA LEU A 13 7.75 10.89 1.98
C LEU A 13 6.44 11.09 1.23
N LYS A 14 6.19 10.21 0.27
CA LYS A 14 4.99 10.29 -0.53
C LYS A 14 4.99 9.16 -1.57
N ALA A 15 3.86 8.49 -1.67
CA ALA A 15 3.72 7.39 -2.62
C ALA A 15 4.10 7.88 -4.02
N VAL A 16 4.79 7.02 -4.74
CA VAL A 16 5.22 7.36 -6.09
C VAL A 16 5.30 6.08 -6.93
N SER A 17 5.33 6.27 -8.24
CA SER A 17 5.41 5.14 -9.16
C SER A 17 6.87 4.84 -9.50
N ALA A 18 7.22 3.57 -9.38
CA ALA A 18 8.59 3.14 -9.68
C ALA A 18 8.55 1.97 -10.66
N CYS A 19 9.66 1.79 -11.37
CA CYS A 19 9.76 0.72 -12.34
C CYS A 19 10.37 -0.50 -11.64
N LEU A 20 9.52 -1.24 -10.95
CA LEU A 20 9.96 -2.43 -10.25
C LEU A 20 9.69 -3.67 -11.11
N HIS A 21 10.41 -4.73 -10.82
CA HIS A 21 10.26 -5.98 -11.55
C HIS A 21 9.46 -6.97 -10.71
N GLU A 22 9.29 -8.16 -11.26
CA GLU A 22 8.55 -9.21 -10.59
C GLU A 22 9.27 -9.63 -9.30
N SER A 23 10.58 -9.45 -9.32
CA SER A 23 11.40 -9.81 -8.18
C SER A 23 11.31 -8.71 -7.11
N GLU A 24 12.03 -7.63 -7.35
CA GLU A 24 12.04 -6.51 -6.42
C GLU A 24 10.65 -6.33 -5.81
N SER A 25 10.65 -5.76 -4.60
CA SER A 25 9.41 -5.53 -3.89
C SER A 25 9.47 -4.20 -3.14
N CYS A 26 8.31 -3.61 -2.94
CA CYS A 26 8.22 -2.34 -2.24
C CYS A 26 7.00 -2.38 -1.32
N LEU A 27 6.86 -1.33 -0.52
CA LEU A 27 5.74 -1.23 0.40
C LEU A 27 4.51 -0.74 -0.35
N VAL A 28 3.70 -1.69 -0.81
CA VAL A 28 2.49 -1.36 -1.53
C VAL A 28 1.39 -0.98 -0.54
N PRO A 29 0.56 0.02 -0.97
CA PRO A 29 -0.53 0.49 -0.12
C PRO A 29 -1.69 -0.51 -0.11
N GLY A 30 -2.79 -0.09 0.48
CA GLY A 30 -3.96 -0.94 0.57
C GLY A 30 -5.25 -0.10 0.55
N ASP A 31 -6.35 -0.77 0.25
CA ASP A 31 -7.64 -0.10 0.20
C ASP A 31 -8.49 -0.55 1.38
N CYS A 32 -8.73 0.37 2.29
CA CYS A 32 -9.52 0.09 3.47
C CYS A 32 -10.99 0.37 3.16
N CYS A 33 -11.82 -0.63 3.38
CA CYS A 33 -13.24 -0.49 3.12
C CYS A 33 -13.95 -0.25 4.45
N ARG A 34 -14.88 0.70 4.41
CA ARG A 34 -15.64 1.04 5.60
C ARG A 34 -17.13 1.14 5.27
N GLY A 35 -17.89 0.23 5.85
CA GLY A 35 -19.33 0.21 5.62
C GLY A 35 -19.65 0.19 4.12
N LYS A 36 -19.88 1.36 3.58
CA LYS A 36 -20.20 1.50 2.17
C LYS A 36 -19.25 2.51 1.53
N SER A 37 -17.98 2.41 1.89
CA SER A 37 -16.97 3.31 1.37
C SER A 37 -15.63 2.58 1.28
N ARG A 38 -14.73 3.17 0.49
CA ARG A 38 -13.41 2.60 0.31
C ARG A 38 -12.37 3.70 0.09
N LEU A 39 -11.16 3.44 0.56
CA LEU A 39 -10.09 4.40 0.43
C LEU A 39 -8.75 3.66 0.36
N THR A 40 -7.84 4.19 -0.45
CA THR A 40 -6.54 3.59 -0.61
C THR A 40 -5.45 4.54 -0.10
N LEU A 41 -4.68 4.05 0.85
CA LEU A 41 -3.61 4.85 1.44
C LEU A 41 -2.50 3.91 1.92
N CYS A 42 -1.49 4.51 2.55
CA CYS A 42 -0.36 3.75 3.05
C CYS A 42 -0.39 3.83 4.58
N SER A 43 -0.41 2.66 5.20
CA SER A 43 -0.43 2.58 6.65
C SER A 43 0.03 1.20 7.10
N TYR A 44 0.77 1.19 8.20
CA TYR A 44 1.28 -0.05 8.76
C TYR A 44 0.44 -0.52 9.94
N GLY A 45 0.75 -1.72 10.41
CA GLY A 45 0.02 -2.29 11.54
C GLY A 45 0.52 -3.70 11.85
N GLU A 46 1.71 -3.76 12.44
CA GLU A 46 2.29 -5.04 12.79
C GLU A 46 3.65 -4.82 13.46
N GLY A 47 4.05 -5.79 14.26
CA GLY A 47 5.32 -5.73 14.96
C GLY A 47 6.48 -6.13 14.05
N GLY A 48 6.48 -5.55 12.86
CA GLY A 48 7.51 -5.84 11.88
C GLY A 48 7.40 -4.91 10.66
N ASN A 49 6.89 -5.48 9.58
CA ASN A 49 6.72 -4.72 8.36
C ASN A 49 5.54 -5.28 7.56
N GLY A 50 4.44 -4.55 7.59
CA GLY A 50 3.25 -4.97 6.89
C GLY A 50 2.19 -3.87 6.89
N PHE A 51 1.17 -4.06 6.07
CA PHE A 51 0.09 -3.09 5.97
C PHE A 51 -1.11 -3.51 6.82
N GLN A 52 -1.83 -2.52 7.32
CA GLN A 52 -2.99 -2.77 8.14
C GLN A 52 -4.01 -1.63 7.99
N CYS A 53 -5.26 -1.97 8.26
CA CYS A 53 -6.33 -0.99 8.15
C CYS A 53 -6.51 -0.32 9.52
N PRO A 54 -7.01 0.94 9.48
CA PRO A 54 -7.24 1.69 10.71
C PRO A 54 -8.48 1.18 11.44
N THR A 55 -8.61 1.63 12.69
CA THR A 55 -9.74 1.22 13.51
C THR A 55 -11.04 1.75 12.92
N GLY A 56 -11.99 0.83 12.74
CA GLY A 56 -13.27 1.20 12.18
C GLY A 56 -13.34 0.90 10.69
N TYR A 57 -12.20 0.47 10.15
CA TYR A 57 -12.11 0.14 8.74
C TYR A 57 -11.86 -1.35 8.54
N ARG A 58 -11.82 -1.75 7.28
CA ARG A 58 -11.57 -3.14 6.94
C ARG A 58 -10.81 -3.24 5.62
N GLN A 59 -10.55 -4.47 5.22
CA GLN A 59 -9.82 -4.72 3.99
C GLN A 59 -10.79 -4.82 2.81
N CYS A 60 -10.57 -3.97 1.83
CA CYS A 60 -11.42 -3.95 0.64
C CYS A 60 -10.95 -5.06 -0.30
N ASP A 1 8.07 -9.06 -17.75
CA ASP A 1 9.04 -9.03 -18.84
C ASP A 1 10.01 -7.88 -18.61
N ARG A 2 9.46 -6.74 -18.23
CA ARG A 2 10.27 -5.56 -17.98
C ARG A 2 9.74 -4.81 -16.74
N CYS A 3 10.63 -4.04 -16.13
CA CYS A 3 10.29 -3.28 -14.95
C CYS A 3 8.92 -2.63 -15.18
N ARG A 4 8.11 -2.64 -14.13
CA ARG A 4 6.78 -2.06 -14.20
C ARG A 4 6.82 -0.58 -13.84
N TYR A 5 5.75 -0.12 -13.21
CA TYR A 5 5.65 1.27 -12.79
C TYR A 5 4.34 1.52 -12.05
N THR A 6 4.47 1.68 -10.74
CA THR A 6 3.31 1.94 -9.90
C THR A 6 3.65 2.97 -8.81
N LEU A 7 2.60 3.47 -8.18
CA LEU A 7 2.78 4.46 -7.13
C LEU A 7 3.02 3.75 -5.80
N CYS A 8 4.29 3.67 -5.42
CA CYS A 8 4.67 3.02 -4.18
C CYS A 8 4.85 4.10 -3.11
N CYS A 9 4.81 3.65 -1.86
CA CYS A 9 4.98 4.56 -0.74
C CYS A 9 6.42 4.47 -0.25
N ASP A 10 6.95 5.61 0.18
CA ASP A 10 8.31 5.67 0.66
C ASP A 10 8.32 5.38 2.16
N GLY A 11 7.15 5.41 2.75
CA GLY A 11 7.00 5.15 4.17
C GLY A 11 7.22 6.43 4.99
N ALA A 12 7.96 7.35 4.39
CA ALA A 12 8.25 8.61 5.05
C ALA A 12 8.45 9.71 3.99
N LEU A 13 7.35 10.07 3.35
CA LEU A 13 7.39 11.09 2.32
C LEU A 13 5.99 11.25 1.71
N LYS A 14 5.76 10.52 0.62
CA LYS A 14 4.48 10.57 -0.05
C LYS A 14 4.49 9.60 -1.23
N ALA A 15 3.42 8.82 -1.33
CA ALA A 15 3.31 7.84 -2.40
C ALA A 15 3.70 8.50 -3.72
N VAL A 16 4.67 7.87 -4.39
CA VAL A 16 5.14 8.39 -5.66
C VAL A 16 5.32 7.21 -6.64
N SER A 17 5.41 7.56 -7.91
CA SER A 17 5.58 6.55 -8.96
C SER A 17 7.02 6.02 -8.93
N ALA A 18 7.12 4.70 -9.00
CA ALA A 18 8.42 4.06 -8.99
C ALA A 18 8.42 2.90 -9.99
N CYS A 19 9.62 2.54 -10.43
CA CYS A 19 9.77 1.47 -11.39
C CYS A 19 10.35 0.25 -10.67
N LEU A 20 9.50 -0.76 -10.49
CA LEU A 20 9.91 -1.97 -9.81
C LEU A 20 9.55 -3.18 -10.68
N HIS A 21 10.24 -4.28 -10.42
CA HIS A 21 10.01 -5.50 -11.18
C HIS A 21 8.99 -6.37 -10.43
N GLU A 22 8.54 -7.42 -11.11
CA GLU A 22 7.56 -8.32 -10.52
C GLU A 22 8.20 -9.11 -9.38
N SER A 23 9.49 -9.36 -9.52
CA SER A 23 10.23 -10.10 -8.50
C SER A 23 10.57 -9.18 -7.33
N GLU A 24 10.07 -7.95 -7.41
CA GLU A 24 10.31 -6.98 -6.37
C GLU A 24 8.99 -6.43 -5.84
N SER A 25 9.02 -6.00 -4.59
CA SER A 25 7.83 -5.46 -3.96
C SER A 25 8.19 -4.19 -3.17
N CYS A 26 7.42 -3.13 -3.42
CA CYS A 26 7.66 -1.87 -2.75
C CYS A 26 6.54 -1.66 -1.72
N LEU A 27 6.67 -0.58 -0.97
CA LEU A 27 5.68 -0.27 0.06
C LEU A 27 4.36 0.12 -0.61
N VAL A 28 3.66 -0.90 -1.08
CA VAL A 28 2.38 -0.68 -1.74
C VAL A 28 1.33 -0.33 -0.70
N PRO A 29 0.33 0.49 -1.13
CA PRO A 29 -0.74 0.92 -0.25
C PRO A 29 -1.74 -0.23 -0.01
N GLY A 30 -2.85 0.13 0.60
CA GLY A 30 -3.89 -0.84 0.88
C GLY A 30 -5.28 -0.20 0.85
N ASP A 31 -6.22 -0.94 0.29
CA ASP A 31 -7.59 -0.46 0.18
C ASP A 31 -8.37 -0.85 1.44
N CYS A 32 -8.63 0.14 2.27
CA CYS A 32 -9.36 -0.09 3.50
C CYS A 32 -10.85 0.10 3.22
N CYS A 33 -11.60 -0.96 3.48
CA CYS A 33 -13.04 -0.94 3.26
C CYS A 33 -13.73 -0.80 4.63
N ARG A 34 -14.83 -0.06 4.62
CA ARG A 34 -15.59 0.16 5.84
C ARG A 34 -17.07 0.37 5.50
N GLY A 35 -17.91 -0.42 6.16
CA GLY A 35 -19.34 -0.33 5.94
C GLY A 35 -19.68 -0.29 4.45
N LYS A 36 -19.91 0.93 3.96
CA LYS A 36 -20.23 1.11 2.56
C LYS A 36 -19.30 2.17 1.96
N SER A 37 -18.01 1.96 2.18
CA SER A 37 -17.01 2.88 1.66
C SER A 37 -15.65 2.17 1.54
N ARG A 38 -14.81 2.71 0.68
CA ARG A 38 -13.49 2.14 0.46
C ARG A 38 -12.51 3.24 0.05
N LEU A 39 -11.26 3.05 0.49
CA LEU A 39 -10.22 4.01 0.17
C LEU A 39 -8.87 3.30 0.14
N THR A 40 -7.97 3.83 -0.68
CA THR A 40 -6.64 3.25 -0.80
C THR A 40 -5.59 4.22 -0.27
N LEU A 41 -4.94 3.81 0.81
CA LEU A 41 -3.91 4.62 1.42
C LEU A 41 -2.79 3.71 1.94
N CYS A 42 -1.83 4.34 2.62
CA CYS A 42 -0.70 3.61 3.16
C CYS A 42 -0.81 3.62 4.68
N SER A 43 -0.81 2.43 5.26
CA SER A 43 -0.90 2.29 6.70
C SER A 43 -0.30 0.96 7.15
N TYR A 44 0.99 1.00 7.45
CA TYR A 44 1.70 -0.19 7.88
C TYR A 44 1.98 -0.14 9.38
N GLY A 45 2.36 -1.29 9.92
CA GLY A 45 2.66 -1.39 11.33
C GLY A 45 3.88 -2.29 11.57
N GLU A 46 4.68 -1.89 12.56
CA GLU A 46 5.88 -2.64 12.89
C GLU A 46 5.53 -4.11 13.13
N GLY A 47 6.50 -4.96 12.85
CA GLY A 47 6.32 -6.40 13.02
C GLY A 47 5.14 -6.91 12.19
N GLY A 48 5.42 -7.11 10.91
CA GLY A 48 4.40 -7.59 9.99
C GLY A 48 4.46 -6.84 8.65
N ASN A 49 4.89 -7.56 7.63
CA ASN A 49 5.00 -6.97 6.31
C ASN A 49 3.68 -7.15 5.57
N GLY A 50 2.69 -6.38 6.00
CA GLY A 50 1.38 -6.43 5.39
C GLY A 50 0.54 -5.21 5.76
N PHE A 51 -0.19 -4.70 4.77
CA PHE A 51 -1.02 -3.54 4.98
C PHE A 51 -1.65 -3.55 6.38
N GLN A 52 -1.91 -2.35 6.89
CA GLN A 52 -2.51 -2.21 8.20
C GLN A 52 -3.65 -1.21 8.16
N CYS A 53 -4.86 -1.72 8.29
CA CYS A 53 -6.05 -0.89 8.26
C CYS A 53 -6.25 -0.30 9.67
N PRO A 54 -6.56 1.02 9.70
CA PRO A 54 -6.78 1.71 10.96
C PRO A 54 -8.13 1.34 11.56
N THR A 55 -8.38 1.86 12.75
CA THR A 55 -9.63 1.59 13.45
C THR A 55 -10.82 2.10 12.62
N GLY A 56 -11.81 1.23 12.46
CA GLY A 56 -12.99 1.58 11.70
C GLY A 56 -12.85 1.17 10.24
N TYR A 57 -11.68 0.62 9.93
CA TYR A 57 -11.40 0.19 8.56
C TYR A 57 -11.03 -1.29 8.53
N ARG A 58 -11.28 -1.90 7.38
CA ARG A 58 -10.98 -3.31 7.21
C ARG A 58 -10.59 -3.61 5.75
N GLN A 59 -9.40 -4.16 5.59
CA GLN A 59 -8.90 -4.48 4.27
C GLN A 59 -10.04 -4.97 3.37
N CYS A 60 -9.99 -4.53 2.12
CA CYS A 60 -11.01 -4.92 1.16
C CYS A 60 -10.70 -6.32 0.66
N ASP A 1 17.29 -4.07 -18.50
CA ASP A 1 16.66 -3.76 -17.23
C ASP A 1 15.23 -4.30 -17.22
N ARG A 2 14.36 -3.59 -17.93
CA ARG A 2 12.97 -3.98 -18.01
C ARG A 2 12.35 -4.06 -16.62
N CYS A 3 11.03 -3.98 -16.57
CA CYS A 3 10.31 -4.03 -15.32
C CYS A 3 8.90 -3.52 -15.55
N ARG A 4 8.05 -3.74 -14.55
CA ARG A 4 6.67 -3.29 -14.64
C ARG A 4 6.44 -2.10 -13.70
N TYR A 5 6.53 -0.91 -14.28
CA TYR A 5 6.33 0.31 -13.52
C TYR A 5 5.01 0.26 -12.73
N THR A 6 5.10 0.63 -11.46
CA THR A 6 3.94 0.63 -10.60
C THR A 6 3.98 1.81 -9.64
N LEU A 7 2.83 2.11 -9.05
CA LEU A 7 2.74 3.21 -8.11
C LEU A 7 2.85 2.67 -6.68
N CYS A 8 3.91 3.10 -6.00
CA CYS A 8 4.15 2.66 -4.65
C CYS A 8 4.33 3.90 -3.77
N CYS A 9 4.24 3.69 -2.46
CA CYS A 9 4.39 4.78 -1.51
C CYS A 9 5.88 4.99 -1.24
N ASP A 10 6.20 6.18 -0.76
CA ASP A 10 7.58 6.52 -0.45
C ASP A 10 7.82 6.37 1.05
N GLY A 11 7.27 5.30 1.60
CA GLY A 11 7.42 5.03 3.02
C GLY A 11 6.26 5.65 3.81
N ALA A 12 5.67 6.68 3.23
CA ALA A 12 4.56 7.37 3.86
C ALA A 12 3.35 7.34 2.93
N LEU A 13 2.72 8.51 2.80
CA LEU A 13 1.56 8.64 1.95
C LEU A 13 2.00 9.09 0.55
N LYS A 14 3.06 9.88 0.53
CA LYS A 14 3.59 10.38 -0.73
C LYS A 14 3.78 9.21 -1.69
N ALA A 15 2.83 9.09 -2.61
CA ALA A 15 2.88 8.03 -3.60
C ALA A 15 3.76 8.47 -4.78
N VAL A 16 4.69 7.60 -5.14
CA VAL A 16 5.59 7.89 -6.24
C VAL A 16 5.65 6.68 -7.17
N SER A 17 5.98 6.95 -8.43
CA SER A 17 6.07 5.90 -9.43
C SER A 17 7.48 5.30 -9.42
N ALA A 18 7.51 3.97 -9.43
CA ALA A 18 8.79 3.26 -9.43
C ALA A 18 8.71 2.09 -10.40
N CYS A 19 9.88 1.57 -10.75
CA CYS A 19 9.97 0.45 -11.66
C CYS A 19 10.56 -0.75 -10.92
N LEU A 20 9.68 -1.62 -10.45
CA LEU A 20 10.11 -2.80 -9.71
C LEU A 20 9.70 -4.05 -10.51
N HIS A 21 10.41 -5.13 -10.23
CA HIS A 21 10.14 -6.40 -10.90
C HIS A 21 9.13 -7.20 -10.08
N GLU A 22 8.71 -8.31 -10.66
CA GLU A 22 7.74 -9.17 -10.01
C GLU A 22 8.34 -9.78 -8.74
N SER A 23 9.64 -10.01 -8.80
CA SER A 23 10.36 -10.58 -7.67
C SER A 23 10.64 -9.51 -6.62
N GLU A 24 10.14 -8.31 -6.91
CA GLU A 24 10.33 -7.19 -6.01
C GLU A 24 8.98 -6.58 -5.62
N SER A 25 8.98 -5.90 -4.48
CA SER A 25 7.76 -5.26 -4.00
C SER A 25 8.11 -4.00 -3.21
N CYS A 26 7.32 -2.96 -3.45
CA CYS A 26 7.53 -1.69 -2.78
C CYS A 26 6.37 -1.45 -1.82
N LEU A 27 6.49 -0.40 -1.03
CA LEU A 27 5.46 -0.05 -0.06
C LEU A 27 4.15 0.18 -0.80
N VAL A 28 3.44 -0.91 -1.04
CA VAL A 28 2.16 -0.83 -1.74
C VAL A 28 1.09 -0.37 -0.76
N PRO A 29 0.14 0.45 -1.29
CA PRO A 29 -0.95 0.97 -0.47
C PRO A 29 -1.99 -0.11 -0.20
N GLY A 30 -3.07 0.31 0.44
CA GLY A 30 -4.15 -0.62 0.76
C GLY A 30 -5.50 0.11 0.79
N ASP A 31 -6.56 -0.69 0.78
CA ASP A 31 -7.91 -0.14 0.80
C ASP A 31 -8.53 -0.38 2.17
N CYS A 32 -8.99 0.70 2.79
CA CYS A 32 -9.62 0.61 4.09
C CYS A 32 -11.13 0.81 3.92
N CYS A 33 -11.87 -0.23 4.27
CA CYS A 33 -13.32 -0.18 4.17
C CYS A 33 -13.89 0.08 5.56
N ARG A 34 -14.80 1.04 5.62
CA ARG A 34 -15.44 1.40 6.87
C ARG A 34 -16.96 1.50 6.69
N GLY A 35 -17.67 0.79 7.54
CA GLY A 35 -19.12 0.78 7.49
C GLY A 35 -19.62 0.79 6.04
N LYS A 36 -19.88 1.98 5.54
CA LYS A 36 -20.36 2.14 4.18
C LYS A 36 -19.48 3.15 3.43
N SER A 37 -18.18 2.88 3.46
CA SER A 37 -17.22 3.74 2.80
C SER A 37 -15.93 2.98 2.52
N ARG A 38 -15.17 3.51 1.57
CA ARG A 38 -13.91 2.89 1.18
C ARG A 38 -12.81 3.95 1.06
N LEU A 39 -11.59 3.52 1.31
CA LEU A 39 -10.45 4.41 1.23
C LEU A 39 -9.25 3.66 0.64
N THR A 40 -8.28 4.43 0.17
CA THR A 40 -7.09 3.84 -0.42
C THR A 40 -5.86 4.69 -0.06
N LEU A 41 -5.08 4.17 0.88
CA LEU A 41 -3.88 4.86 1.32
C LEU A 41 -2.86 3.84 1.81
N CYS A 42 -1.78 4.35 2.38
CA CYS A 42 -0.72 3.49 2.88
C CYS A 42 -0.76 3.53 4.41
N SER A 43 -0.71 2.35 5.01
CA SER A 43 -0.74 2.23 6.46
C SER A 43 -0.22 0.86 6.89
N TYR A 44 1.04 0.84 7.28
CA TYR A 44 1.67 -0.40 7.73
C TYR A 44 1.77 -0.46 9.26
N GLY A 45 2.27 -1.58 9.75
CA GLY A 45 2.43 -1.77 11.17
C GLY A 45 3.72 -2.52 11.49
N GLU A 46 3.59 -3.53 12.33
CA GLU A 46 4.74 -4.34 12.72
C GLU A 46 4.49 -5.80 12.39
N GLY A 47 5.48 -6.41 11.73
CA GLY A 47 5.38 -7.80 11.36
C GLY A 47 6.41 -8.15 10.27
N GLY A 48 6.20 -7.58 9.09
CA GLY A 48 7.09 -7.82 7.98
C GLY A 48 6.65 -7.03 6.75
N ASN A 49 5.60 -7.51 6.12
CA ASN A 49 5.07 -6.86 4.92
C ASN A 49 3.56 -7.10 4.84
N GLY A 50 2.81 -6.07 5.21
CA GLY A 50 1.36 -6.15 5.18
C GLY A 50 0.73 -4.82 5.55
N PHE A 51 -0.57 -4.71 5.28
CA PHE A 51 -1.30 -3.49 5.58
C PHE A 51 -1.75 -3.48 7.04
N GLN A 52 -2.06 -2.27 7.51
CA GLN A 52 -2.50 -2.10 8.89
C GLN A 52 -3.57 -1.00 8.96
N CYS A 53 -4.74 -1.33 8.45
CA CYS A 53 -5.85 -0.39 8.46
C CYS A 53 -5.93 0.24 9.85
N PRO A 54 -6.50 1.48 9.88
CA PRO A 54 -6.64 2.20 11.13
C PRO A 54 -7.78 1.62 11.97
N THR A 55 -7.84 2.08 13.21
CA THR A 55 -8.87 1.61 14.13
C THR A 55 -10.25 2.02 13.63
N GLY A 56 -11.14 1.04 13.58
CA GLY A 56 -12.50 1.28 13.12
C GLY A 56 -12.65 0.93 11.64
N TYR A 57 -11.50 0.72 11.00
CA TYR A 57 -11.49 0.37 9.58
C TYR A 57 -11.14 -1.09 9.38
N ARG A 58 -11.39 -1.56 8.16
CA ARG A 58 -11.10 -2.94 7.81
C ARG A 58 -10.76 -3.06 6.32
N GLN A 59 -9.59 -3.63 6.07
CA GLN A 59 -9.13 -3.81 4.70
C GLN A 59 -10.29 -4.22 3.80
N CYS A 60 -10.45 -3.49 2.71
CA CYS A 60 -11.52 -3.77 1.76
C CYS A 60 -11.09 -4.93 0.87
N ASP A 1 6.83 -1.77 -22.06
CA ASP A 1 8.01 -2.22 -22.80
C ASP A 1 8.95 -2.96 -21.86
N ARG A 2 9.32 -2.29 -20.78
CA ARG A 2 10.20 -2.87 -19.79
C ARG A 2 9.86 -2.36 -18.40
N CYS A 3 10.23 -3.16 -17.40
CA CYS A 3 9.97 -2.79 -16.01
C CYS A 3 8.46 -2.79 -15.80
N ARG A 4 8.05 -3.36 -14.69
CA ARG A 4 6.63 -3.43 -14.35
C ARG A 4 6.25 -2.27 -13.43
N TYR A 5 6.10 -1.10 -14.03
CA TYR A 5 5.75 0.10 -13.28
C TYR A 5 4.52 -0.17 -12.40
N THR A 6 4.74 -0.04 -11.10
CA THR A 6 3.66 -0.26 -10.14
C THR A 6 3.61 0.88 -9.13
N LEU A 7 2.48 0.97 -8.44
CA LEU A 7 2.30 2.01 -7.45
C LEU A 7 2.77 1.50 -6.09
N CYS A 8 3.77 2.19 -5.55
CA CYS A 8 4.32 1.81 -4.25
C CYS A 8 4.38 3.07 -3.38
N CYS A 9 4.61 2.84 -2.09
CA CYS A 9 4.68 3.94 -1.14
C CYS A 9 6.17 4.19 -0.83
N ASP A 10 6.47 5.45 -0.56
CA ASP A 10 7.84 5.83 -0.25
C ASP A 10 8.06 5.72 1.26
N GLY A 11 6.97 5.44 1.96
CA GLY A 11 7.04 5.31 3.42
C GLY A 11 6.81 6.66 4.10
N ALA A 12 7.28 7.71 3.44
CA ALA A 12 7.14 9.06 3.96
C ALA A 12 7.08 10.06 2.81
N LEU A 13 5.86 10.28 2.32
CA LEU A 13 5.65 11.21 1.23
C LEU A 13 4.21 11.06 0.71
N LYS A 14 4.05 10.16 -0.23
CA LYS A 14 2.73 9.91 -0.82
C LYS A 14 2.85 8.83 -1.89
N ALA A 15 2.06 7.78 -1.72
CA ALA A 15 2.06 6.68 -2.66
C ALA A 15 2.25 7.21 -4.07
N VAL A 16 3.33 6.79 -4.70
CA VAL A 16 3.63 7.21 -6.06
C VAL A 16 3.94 5.99 -6.92
N SER A 17 4.43 6.26 -8.12
CA SER A 17 4.77 5.20 -9.05
C SER A 17 6.20 4.74 -8.81
N ALA A 18 6.46 3.49 -9.17
CA ALA A 18 7.79 2.91 -9.01
C ALA A 18 8.11 2.02 -10.21
N CYS A 19 9.39 1.89 -10.49
CA CYS A 19 9.84 1.08 -11.61
C CYS A 19 10.63 -0.10 -11.05
N LEU A 20 9.91 -1.20 -10.84
CA LEU A 20 10.52 -2.41 -10.32
C LEU A 20 10.17 -3.60 -11.22
N HIS A 21 10.96 -4.65 -11.10
CA HIS A 21 10.74 -5.84 -11.89
C HIS A 21 9.83 -6.81 -11.14
N GLU A 22 9.59 -7.96 -11.76
CA GLU A 22 8.74 -8.97 -11.15
C GLU A 22 9.34 -9.44 -9.82
N SER A 23 10.66 -9.38 -9.74
CA SER A 23 11.36 -9.79 -8.54
C SER A 23 11.30 -8.68 -7.50
N GLU A 24 12.15 -7.69 -7.69
CA GLU A 24 12.20 -6.56 -6.78
C GLU A 24 10.80 -6.19 -6.31
N SER A 25 10.74 -5.64 -5.10
CA SER A 25 9.47 -5.23 -4.52
C SER A 25 9.63 -3.91 -3.77
N CYS A 26 8.50 -3.29 -3.48
CA CYS A 26 8.50 -2.02 -2.78
C CYS A 26 7.39 -2.07 -1.72
N LEU A 27 7.39 -1.05 -0.87
CA LEU A 27 6.39 -0.96 0.19
C LEU A 27 5.03 -0.66 -0.44
N VAL A 28 4.31 -1.73 -0.74
CA VAL A 28 2.99 -1.61 -1.33
C VAL A 28 2.04 -0.96 -0.33
N PRO A 29 1.13 -0.10 -0.88
CA PRO A 29 0.17 0.60 -0.04
C PRO A 29 -0.95 -0.34 0.43
N GLY A 30 -1.98 0.25 0.98
CA GLY A 30 -3.11 -0.53 1.48
C GLY A 30 -4.41 0.26 1.35
N ASP A 31 -5.47 -0.45 0.97
CA ASP A 31 -6.78 0.18 0.81
C ASP A 31 -7.67 -0.24 1.98
N CYS A 32 -8.10 0.76 2.73
CA CYS A 32 -8.97 0.51 3.88
C CYS A 32 -10.41 0.82 3.47
N CYS A 33 -11.23 -0.22 3.47
CA CYS A 33 -12.62 -0.07 3.10
C CYS A 33 -13.45 0.12 4.38
N ARG A 34 -14.16 1.23 4.43
CA ARG A 34 -14.99 1.54 5.57
C ARG A 34 -16.47 1.54 5.18
N GLY A 35 -17.17 0.51 5.66
CA GLY A 35 -18.59 0.39 5.36
C GLY A 35 -18.84 0.38 3.85
N LYS A 36 -18.96 1.57 3.30
CA LYS A 36 -19.21 1.71 1.88
C LYS A 36 -18.26 2.77 1.31
N SER A 37 -17.03 2.75 1.81
CA SER A 37 -16.03 3.70 1.36
C SER A 37 -14.66 3.03 1.33
N ARG A 38 -13.73 3.69 0.65
CA ARG A 38 -12.37 3.17 0.54
C ARG A 38 -11.35 4.27 0.80
N LEU A 39 -10.20 3.86 1.32
CA LEU A 39 -9.14 4.80 1.62
C LEU A 39 -7.78 4.14 1.38
N THR A 40 -7.17 4.52 0.27
CA THR A 40 -5.87 3.97 -0.10
C THR A 40 -4.75 4.86 0.41
N LEU A 41 -4.03 4.36 1.41
CA LEU A 41 -2.92 5.10 1.99
C LEU A 41 -1.88 4.12 2.52
N CYS A 42 -0.75 4.68 2.92
CA CYS A 42 0.34 3.87 3.45
C CYS A 42 0.14 3.71 4.96
N SER A 43 -0.09 2.47 5.36
CA SER A 43 -0.31 2.18 6.77
C SER A 43 -0.04 0.69 7.04
N TYR A 44 1.19 0.42 7.46
CA TYR A 44 1.58 -0.95 7.76
C TYR A 44 1.29 -1.31 9.22
N GLY A 45 1.29 -2.60 9.50
CA GLY A 45 1.04 -3.08 10.84
C GLY A 45 1.83 -2.27 11.87
N GLU A 46 2.92 -1.69 11.41
CA GLU A 46 3.77 -0.89 12.27
C GLU A 46 4.35 -1.75 13.40
N GLY A 47 4.15 -3.06 13.26
CA GLY A 47 4.64 -4.00 14.26
C GLY A 47 5.21 -5.25 13.59
N GLY A 48 4.44 -6.33 13.67
CA GLY A 48 4.85 -7.59 13.09
C GLY A 48 3.65 -8.34 12.50
N ASN A 49 2.85 -7.60 11.74
CA ASN A 49 1.67 -8.17 11.11
C ASN A 49 1.43 -7.50 9.77
N GLY A 50 2.46 -7.54 8.92
CA GLY A 50 2.36 -6.94 7.61
C GLY A 50 1.59 -5.62 7.66
N PHE A 51 0.37 -5.68 7.14
CA PHE A 51 -0.49 -4.50 7.12
C PHE A 51 -1.68 -4.68 8.06
N GLN A 52 -2.18 -3.56 8.56
CA GLN A 52 -3.32 -3.57 9.46
C GLN A 52 -4.14 -2.29 9.31
N CYS A 53 -5.42 -2.47 9.04
CA CYS A 53 -6.32 -1.34 8.87
C CYS A 53 -6.70 -0.82 10.25
N PRO A 54 -7.05 0.50 10.29
CA PRO A 54 -7.43 1.14 11.54
C PRO A 54 -8.83 0.72 11.97
N THR A 55 -9.23 1.19 13.14
CA THR A 55 -10.54 0.87 13.66
C THR A 55 -11.64 1.43 12.75
N GLY A 56 -12.63 0.59 12.48
CA GLY A 56 -13.73 0.99 11.62
C GLY A 56 -13.38 0.78 10.14
N TYR A 57 -12.13 0.38 9.91
CA TYR A 57 -11.65 0.15 8.56
C TYR A 57 -11.28 -1.31 8.35
N ARG A 58 -11.43 -1.77 7.13
CA ARG A 58 -11.11 -3.14 6.78
C ARG A 58 -10.57 -3.22 5.36
N GLN A 59 -9.38 -3.81 5.24
CA GLN A 59 -8.74 -3.96 3.95
C GLN A 59 -9.78 -4.27 2.87
N CYS A 60 -9.74 -3.47 1.82
CA CYS A 60 -10.68 -3.65 0.71
C CYS A 60 -10.16 -4.79 -0.16
N ASP A 1 10.03 -1.68 -22.59
CA ASP A 1 11.10 -1.99 -21.66
C ASP A 1 10.65 -3.11 -20.71
N ARG A 2 11.60 -3.57 -19.90
CA ARG A 2 11.32 -4.63 -18.96
C ARG A 2 10.79 -4.04 -17.64
N CYS A 3 10.21 -4.91 -16.83
CA CYS A 3 9.67 -4.49 -15.55
C CYS A 3 8.30 -3.86 -15.79
N ARG A 4 7.50 -3.84 -14.74
CA ARG A 4 6.17 -3.26 -14.82
C ARG A 4 6.05 -2.05 -13.90
N TYR A 5 6.30 -0.88 -14.47
CA TYR A 5 6.23 0.35 -13.72
C TYR A 5 5.03 0.35 -12.77
N THR A 6 5.31 0.54 -11.49
CA THR A 6 4.27 0.56 -10.49
C THR A 6 4.49 1.72 -9.51
N LEU A 7 3.48 1.97 -8.70
CA LEU A 7 3.55 3.04 -7.72
C LEU A 7 3.72 2.44 -6.32
N CYS A 8 4.65 3.02 -5.58
CA CYS A 8 4.92 2.55 -4.23
C CYS A 8 5.02 3.77 -3.32
N CYS A 9 4.95 3.52 -2.02
CA CYS A 9 5.02 4.57 -1.03
C CYS A 9 6.40 4.50 -0.35
N ASP A 10 6.90 5.67 0.03
CA ASP A 10 8.18 5.76 0.68
C ASP A 10 8.01 5.61 2.19
N GLY A 11 6.75 5.73 2.62
CA GLY A 11 6.43 5.61 4.03
C GLY A 11 6.59 6.96 4.74
N ALA A 12 7.44 7.79 4.17
CA ALA A 12 7.70 9.11 4.73
C ALA A 12 8.07 10.08 3.61
N LEU A 13 7.07 10.42 2.81
CA LEU A 13 7.28 11.33 1.70
C LEU A 13 6.02 11.41 0.86
N LYS A 14 5.94 10.54 -0.14
CA LYS A 14 4.79 10.51 -1.02
C LYS A 14 4.91 9.29 -1.95
N ALA A 15 3.75 8.81 -2.40
CA ALA A 15 3.71 7.66 -3.28
C ALA A 15 4.22 8.07 -4.66
N VAL A 16 5.29 7.42 -5.09
CA VAL A 16 5.88 7.70 -6.38
C VAL A 16 5.87 6.42 -7.23
N SER A 17 6.32 6.58 -8.47
CA SER A 17 6.37 5.45 -9.39
C SER A 17 7.82 5.02 -9.60
N ALA A 18 7.99 3.73 -9.86
CA ALA A 18 9.33 3.18 -10.08
C ALA A 18 9.22 1.97 -11.01
N CYS A 19 10.36 1.58 -11.55
CA CYS A 19 10.42 0.45 -12.46
C CYS A 19 10.64 -0.83 -11.64
N LEU A 20 9.54 -1.40 -11.18
CA LEU A 20 9.61 -2.61 -10.38
C LEU A 20 9.47 -3.82 -11.30
N HIS A 21 9.67 -4.99 -10.71
CA HIS A 21 9.57 -6.24 -11.46
C HIS A 21 8.70 -7.23 -10.67
N GLU A 22 8.58 -8.43 -11.24
CA GLU A 22 7.79 -9.47 -10.62
C GLU A 22 8.21 -9.66 -9.15
N SER A 23 9.51 -9.52 -8.93
CA SER A 23 10.05 -9.67 -7.58
C SER A 23 9.92 -8.35 -6.82
N GLU A 24 9.14 -7.44 -7.39
CA GLU A 24 8.93 -6.14 -6.78
C GLU A 24 8.93 -6.27 -5.25
N SER A 25 9.52 -5.27 -4.61
CA SER A 25 9.60 -5.26 -3.16
C SER A 25 9.64 -3.82 -2.64
N CYS A 26 8.46 -3.29 -2.37
CA CYS A 26 8.34 -1.93 -1.87
C CYS A 26 7.17 -1.87 -0.89
N LEU A 27 6.93 -0.67 -0.38
CA LEU A 27 5.85 -0.46 0.56
C LEU A 27 4.58 -0.07 -0.19
N VAL A 28 3.85 -1.09 -0.63
CA VAL A 28 2.62 -0.88 -1.36
C VAL A 28 1.51 -0.45 -0.39
N PRO A 29 0.56 0.36 -0.92
CA PRO A 29 -0.54 0.85 -0.11
C PRO A 29 -1.57 -0.26 0.13
N GLY A 30 -2.68 0.14 0.73
CA GLY A 30 -3.76 -0.81 1.03
C GLY A 30 -5.12 -0.12 1.01
N ASP A 31 -6.15 -0.91 0.79
CA ASP A 31 -7.50 -0.40 0.75
C ASP A 31 -8.25 -0.81 2.02
N CYS A 32 -8.51 0.17 2.86
CA CYS A 32 -9.22 -0.08 4.11
C CYS A 32 -10.71 0.06 3.84
N CYS A 33 -11.43 -1.04 4.05
CA CYS A 33 -12.86 -1.06 3.85
C CYS A 33 -13.55 -0.78 5.18
N ARG A 34 -14.30 0.31 5.22
CA ARG A 34 -15.01 0.69 6.42
C ARG A 34 -16.53 0.56 6.22
N GLY A 35 -17.03 -0.62 6.51
CA GLY A 35 -18.44 -0.90 6.37
C GLY A 35 -18.87 -0.86 4.89
N LYS A 36 -19.03 0.37 4.39
CA LYS A 36 -19.43 0.55 3.01
C LYS A 36 -18.63 1.72 2.41
N SER A 37 -17.48 1.98 3.01
CA SER A 37 -16.62 3.05 2.55
C SER A 37 -15.18 2.58 2.46
N ARG A 38 -14.73 2.34 1.24
CA ARG A 38 -13.37 1.88 1.00
C ARG A 38 -12.45 3.07 0.71
N LEU A 39 -11.23 2.95 1.19
CA LEU A 39 -10.24 4.00 0.99
C LEU A 39 -8.85 3.38 0.85
N THR A 40 -8.16 3.78 -0.21
CA THR A 40 -6.83 3.27 -0.48
C THR A 40 -5.78 4.33 -0.17
N LEU A 41 -4.98 4.05 0.84
CA LEU A 41 -3.93 4.96 1.24
C LEU A 41 -2.77 4.18 1.88
N CYS A 42 -1.71 4.91 2.19
CA CYS A 42 -0.54 4.29 2.80
C CYS A 42 -0.59 4.53 4.31
N SER A 43 -0.73 3.44 5.04
CA SER A 43 -0.80 3.52 6.50
C SER A 43 -0.40 2.18 7.11
N TYR A 44 0.88 2.08 7.46
CA TYR A 44 1.40 0.87 8.06
C TYR A 44 1.66 1.06 9.55
N GLY A 45 2.05 -0.03 10.20
CA GLY A 45 2.33 0.00 11.62
C GLY A 45 2.40 -1.41 12.19
N GLU A 46 2.10 -1.51 13.49
CA GLU A 46 2.13 -2.80 14.17
C GLU A 46 1.63 -3.91 13.23
N GLY A 47 2.39 -5.00 13.21
CA GLY A 47 2.04 -6.13 12.38
C GLY A 47 2.70 -6.01 10.99
N GLY A 48 3.69 -6.86 10.77
CA GLY A 48 4.41 -6.86 9.51
C GLY A 48 3.65 -7.69 8.46
N ASN A 49 2.35 -7.44 8.39
CA ASN A 49 1.52 -8.15 7.43
C ASN A 49 1.20 -7.22 6.24
N GLY A 50 2.12 -6.30 6.01
CA GLY A 50 1.96 -5.35 4.92
C GLY A 50 1.15 -4.13 5.38
N PHE A 51 -0.17 -4.26 5.32
CA PHE A 51 -1.05 -3.19 5.71
C PHE A 51 -1.50 -3.35 7.16
N GLN A 52 -2.03 -2.27 7.72
CA GLN A 52 -2.50 -2.29 9.09
C GLN A 52 -3.70 -1.36 9.25
N CYS A 53 -4.84 -1.82 8.73
CA CYS A 53 -6.06 -1.05 8.81
C CYS A 53 -6.31 -0.69 10.27
N PRO A 54 -6.57 0.64 10.50
CA PRO A 54 -6.81 1.13 11.84
C PRO A 54 -8.22 0.74 12.31
N THR A 55 -8.56 1.21 13.50
CA THR A 55 -9.87 0.93 14.08
C THR A 55 -10.98 1.48 13.19
N GLY A 56 -11.98 0.66 12.98
CA GLY A 56 -13.12 1.05 12.14
C GLY A 56 -12.85 0.73 10.67
N TYR A 57 -11.65 0.23 10.41
CA TYR A 57 -11.25 -0.11 9.06
C TYR A 57 -10.84 -1.58 8.97
N ARG A 58 -11.12 -2.17 7.82
CA ARG A 58 -10.79 -3.57 7.59
C ARG A 58 -10.37 -3.79 6.13
N GLN A 59 -9.17 -4.31 5.96
CA GLN A 59 -8.64 -4.58 4.64
C GLN A 59 -9.76 -5.06 3.71
N CYS A 60 -9.89 -4.37 2.58
CA CYS A 60 -10.91 -4.73 1.61
C CYS A 60 -10.40 -5.93 0.79
N ASP A 1 15.58 0.57 -18.37
CA ASP A 1 15.64 -0.31 -19.52
C ASP A 1 14.32 -1.08 -19.64
N ARG A 2 13.96 -1.74 -18.55
CA ARG A 2 12.73 -2.52 -18.52
C ARG A 2 12.25 -2.69 -17.07
N CYS A 3 10.94 -2.65 -16.91
CA CYS A 3 10.35 -2.80 -15.59
C CYS A 3 8.82 -2.72 -15.74
N ARG A 4 8.14 -3.21 -14.72
CA ARG A 4 6.68 -3.19 -14.72
C ARG A 4 6.16 -2.05 -13.85
N TYR A 5 6.42 -0.84 -14.30
CA TYR A 5 5.99 0.35 -13.59
C TYR A 5 4.62 0.12 -12.95
N THR A 6 4.59 0.21 -11.63
CA THR A 6 3.35 0.03 -10.89
C THR A 6 3.29 0.99 -9.70
N LEU A 7 2.13 1.01 -9.06
CA LEU A 7 1.93 1.88 -7.91
C LEU A 7 2.32 1.12 -6.64
N CYS A 8 3.27 1.70 -5.91
CA CYS A 8 3.74 1.10 -4.67
C CYS A 8 3.92 2.21 -3.64
N CYS A 9 4.16 1.80 -2.40
CA CYS A 9 4.35 2.74 -1.32
C CYS A 9 5.85 2.87 -1.05
N ASP A 10 6.32 4.11 -1.04
CA ASP A 10 7.73 4.37 -0.80
C ASP A 10 7.96 4.54 0.71
N GLY A 11 6.86 4.65 1.44
CA GLY A 11 6.93 4.82 2.87
C GLY A 11 7.14 6.29 3.25
N ALA A 12 7.64 7.04 2.29
CA ALA A 12 7.88 8.45 2.50
C ALA A 12 7.69 9.21 1.18
N LEU A 13 6.45 9.60 0.93
CA LEU A 13 6.12 10.33 -0.29
C LEU A 13 4.66 10.09 -0.63
N LYS A 14 4.14 8.97 -0.15
CA LYS A 14 2.75 8.62 -0.41
C LYS A 14 2.69 7.66 -1.61
N ALA A 15 1.88 6.62 -1.44
CA ALA A 15 1.72 5.62 -2.49
C ALA A 15 1.73 6.32 -3.84
N VAL A 16 2.72 5.96 -4.65
CA VAL A 16 2.86 6.54 -5.97
C VAL A 16 3.40 5.48 -6.93
N SER A 17 3.65 5.91 -8.16
CA SER A 17 4.17 5.01 -9.18
C SER A 17 5.67 4.82 -8.99
N ALA A 18 6.12 3.61 -9.28
CA ALA A 18 7.53 3.28 -9.15
C ALA A 18 7.93 2.30 -10.25
N CYS A 19 9.24 2.27 -10.52
CA CYS A 19 9.75 1.38 -11.55
C CYS A 19 10.54 0.27 -10.86
N LEU A 20 9.84 -0.82 -10.59
CA LEU A 20 10.45 -1.96 -9.94
C LEU A 20 10.46 -3.14 -10.90
N HIS A 21 11.24 -4.16 -10.54
CA HIS A 21 11.35 -5.36 -11.36
C HIS A 21 10.57 -6.50 -10.71
N GLU A 22 10.45 -7.58 -11.46
CA GLU A 22 9.74 -8.76 -10.98
C GLU A 22 10.54 -9.45 -9.87
N SER A 23 11.86 -9.33 -9.99
CA SER A 23 12.74 -9.93 -9.01
C SER A 23 12.79 -9.08 -7.73
N GLU A 24 12.01 -8.00 -7.75
CA GLU A 24 11.95 -7.11 -6.61
C GLU A 24 10.50 -6.86 -6.21
N SER A 25 10.31 -6.56 -4.92
CA SER A 25 9.00 -6.31 -4.40
C SER A 25 8.95 -4.93 -3.72
N CYS A 26 7.74 -4.46 -3.48
CA CYS A 26 7.55 -3.18 -2.84
C CYS A 26 6.43 -3.30 -1.81
N LEU A 27 6.16 -2.20 -1.13
CA LEU A 27 5.12 -2.19 -0.11
C LEU A 27 3.81 -1.71 -0.74
N VAL A 28 2.97 -2.67 -1.10
CA VAL A 28 1.69 -2.36 -1.71
C VAL A 28 0.78 -1.70 -0.68
N PRO A 29 -0.04 -0.73 -1.17
CA PRO A 29 -0.95 -0.03 -0.30
C PRO A 29 -2.16 -0.90 0.07
N GLY A 30 -3.14 -0.27 0.71
CA GLY A 30 -4.33 -0.98 1.13
C GLY A 30 -5.55 -0.05 1.11
N ASP A 31 -6.71 -0.66 0.92
CA ASP A 31 -7.95 0.10 0.89
C ASP A 31 -8.78 -0.22 2.13
N CYS A 32 -8.85 0.77 3.02
CA CYS A 32 -9.61 0.60 4.25
C CYS A 32 -11.05 1.02 3.99
N CYS A 33 -11.96 0.07 4.21
CA CYS A 33 -13.38 0.32 3.99
C CYS A 33 -14.05 0.40 5.37
N ARG A 34 -14.94 1.38 5.50
CA ARG A 34 -15.65 1.58 6.75
C ARG A 34 -17.10 2.02 6.46
N GLY A 35 -18.03 1.29 7.07
CA GLY A 35 -19.44 1.58 6.88
C GLY A 35 -19.79 1.70 5.40
N LYS A 36 -19.83 2.95 4.93
CA LYS A 36 -20.15 3.20 3.53
C LYS A 36 -19.11 4.16 2.95
N SER A 37 -17.86 3.83 3.19
CA SER A 37 -16.76 4.65 2.69
C SER A 37 -15.50 3.79 2.52
N ARG A 38 -14.62 4.26 1.64
CA ARG A 38 -13.38 3.54 1.38
C ARG A 38 -12.24 4.54 1.15
N LEU A 39 -11.04 4.09 1.51
CA LEU A 39 -9.86 4.94 1.34
C LEU A 39 -8.64 4.05 1.11
N THR A 40 -7.85 4.43 0.11
CA THR A 40 -6.66 3.67 -0.23
C THR A 40 -5.41 4.49 0.10
N LEU A 41 -4.67 4.00 1.09
CA LEU A 41 -3.45 4.67 1.51
C LEU A 41 -2.48 3.64 2.08
N CYS A 42 -1.26 4.09 2.33
CA CYS A 42 -0.24 3.22 2.88
C CYS A 42 -0.32 3.28 4.41
N SER A 43 -0.58 2.12 5.00
CA SER A 43 -0.69 2.02 6.44
C SER A 43 -0.34 0.60 6.90
N TYR A 44 0.81 0.48 7.54
CA TYR A 44 1.27 -0.80 8.03
C TYR A 44 0.76 -1.06 9.45
N GLY A 45 0.79 -2.33 9.84
CA GLY A 45 0.35 -2.71 11.17
C GLY A 45 1.50 -3.26 12.00
N GLU A 46 1.61 -4.59 12.01
CA GLU A 46 2.66 -5.25 12.76
C GLU A 46 3.97 -4.45 12.65
N GLY A 47 4.81 -4.62 13.66
CA GLY A 47 6.09 -3.94 13.69
C GLY A 47 7.10 -4.62 12.77
N GLY A 48 6.67 -4.85 11.53
CA GLY A 48 7.52 -5.48 10.54
C GLY A 48 7.08 -5.15 9.12
N ASN A 49 6.09 -5.91 8.65
CA ASN A 49 5.56 -5.69 7.32
C ASN A 49 4.04 -5.91 7.33
N GLY A 50 3.51 -6.26 6.17
CA GLY A 50 2.09 -6.50 6.04
C GLY A 50 1.30 -5.21 6.24
N PHE A 51 0.08 -5.21 5.72
CA PHE A 51 -0.79 -4.05 5.83
C PHE A 51 -2.00 -4.34 6.72
N GLN A 52 -2.47 -3.30 7.39
CA GLN A 52 -3.61 -3.44 8.27
C GLN A 52 -4.53 -2.22 8.15
N CYS A 53 -5.59 -2.23 8.96
CA CYS A 53 -6.54 -1.13 8.94
C CYS A 53 -6.61 -0.53 10.34
N PRO A 54 -6.69 0.83 10.38
CA PRO A 54 -6.75 1.53 11.65
C PRO A 54 -8.14 1.41 12.28
N THR A 55 -8.26 1.95 13.48
CA THR A 55 -9.53 1.90 14.20
C THR A 55 -10.62 2.62 13.40
N GLY A 56 -11.75 1.94 13.26
CA GLY A 56 -12.87 2.51 12.53
C GLY A 56 -12.80 2.13 11.04
N TYR A 57 -11.74 1.42 10.69
CA TYR A 57 -11.55 1.00 9.32
C TYR A 57 -11.41 -0.52 9.23
N ARG A 58 -11.73 -1.04 8.05
CA ARG A 58 -11.65 -2.47 7.81
C ARG A 58 -11.29 -2.76 6.35
N GLN A 59 -10.17 -3.44 6.17
CA GLN A 59 -9.70 -3.77 4.84
C GLN A 59 -10.89 -4.10 3.93
N CYS A 60 -10.82 -3.60 2.71
CA CYS A 60 -11.88 -3.83 1.74
C CYS A 60 -11.69 -5.22 1.14
N ASP A 1 14.38 -1.65 -21.53
CA ASP A 1 14.22 -2.77 -20.61
C ASP A 1 12.73 -2.95 -20.28
N ARG A 2 12.44 -3.99 -19.54
CA ARG A 2 11.07 -4.29 -19.16
C ARG A 2 10.87 -4.04 -17.66
N CYS A 3 9.61 -3.78 -17.30
CA CYS A 3 9.28 -3.53 -15.91
C CYS A 3 7.80 -3.12 -15.85
N ARG A 4 7.19 -3.44 -14.72
CA ARG A 4 5.79 -3.11 -14.50
C ARG A 4 5.66 -1.89 -13.60
N TYR A 5 5.65 -0.72 -14.22
CA TYR A 5 5.52 0.53 -13.48
C TYR A 5 4.32 0.48 -12.53
N THR A 6 4.63 0.51 -11.24
CA THR A 6 3.58 0.47 -10.23
C THR A 6 3.73 1.65 -9.27
N LEU A 7 2.67 1.92 -8.53
CA LEU A 7 2.67 3.01 -7.58
C LEU A 7 3.08 2.48 -6.20
N CYS A 8 4.28 2.85 -5.78
CA CYS A 8 4.79 2.42 -4.50
C CYS A 8 4.73 3.61 -3.53
N CYS A 9 4.73 3.28 -2.24
CA CYS A 9 4.68 4.30 -1.22
C CYS A 9 6.11 4.71 -0.87
N ASP A 10 6.24 5.93 -0.36
CA ASP A 10 7.54 6.45 0.02
C ASP A 10 7.83 6.09 1.47
N GLY A 11 6.77 5.68 2.17
CA GLY A 11 6.90 5.30 3.56
C GLY A 11 6.78 6.53 4.48
N ALA A 12 7.15 7.67 3.92
CA ALA A 12 7.09 8.92 4.68
C ALA A 12 6.87 10.08 3.70
N LEU A 13 5.75 10.02 3.01
CA LEU A 13 5.41 11.06 2.05
C LEU A 13 4.06 10.73 1.40
N LYS A 14 4.14 10.19 0.19
CA LYS A 14 2.95 9.81 -0.54
C LYS A 14 3.26 8.62 -1.45
N ALA A 15 2.26 8.24 -2.24
CA ALA A 15 2.42 7.12 -3.16
C ALA A 15 2.80 7.66 -4.54
N VAL A 16 3.98 7.28 -4.99
CA VAL A 16 4.46 7.71 -6.28
C VAL A 16 4.65 6.49 -7.19
N SER A 17 4.97 6.76 -8.44
CA SER A 17 5.18 5.70 -9.41
C SER A 17 6.63 5.23 -9.37
N ALA A 18 6.82 3.96 -9.69
CA ALA A 18 8.16 3.39 -9.70
C ALA A 18 8.22 2.26 -10.74
N CYS A 19 9.43 1.95 -11.16
CA CYS A 19 9.64 0.91 -12.15
C CYS A 19 10.32 -0.28 -11.46
N LEU A 20 9.49 -1.19 -10.98
CA LEU A 20 10.01 -2.36 -10.29
C LEU A 20 9.55 -3.62 -11.04
N HIS A 21 10.29 -4.70 -10.82
CA HIS A 21 9.96 -5.97 -11.48
C HIS A 21 9.17 -6.85 -10.51
N GLU A 22 8.72 -7.98 -11.04
CA GLU A 22 7.94 -8.91 -10.24
C GLU A 22 8.82 -9.52 -9.13
N SER A 23 10.10 -9.65 -9.44
CA SER A 23 11.06 -10.20 -8.49
C SER A 23 11.44 -9.14 -7.45
N GLU A 24 10.83 -7.98 -7.60
CA GLU A 24 11.10 -6.88 -6.68
C GLU A 24 9.80 -6.38 -6.06
N SER A 25 9.91 -5.92 -4.81
CA SER A 25 8.75 -5.41 -4.10
C SER A 25 9.09 -4.07 -3.44
N CYS A 26 8.09 -3.21 -3.37
CA CYS A 26 8.27 -1.91 -2.76
C CYS A 26 7.19 -1.70 -1.71
N LEU A 27 7.25 -0.56 -1.05
CA LEU A 27 6.28 -0.23 -0.02
C LEU A 27 4.89 -0.09 -0.65
N VAL A 28 4.32 -1.23 -0.99
CA VAL A 28 3.00 -1.25 -1.60
C VAL A 28 1.96 -0.72 -0.60
N PRO A 29 0.99 0.04 -1.14
CA PRO A 29 -0.06 0.61 -0.31
C PRO A 29 -1.08 -0.46 0.10
N GLY A 30 -2.18 0.01 0.68
CA GLY A 30 -3.23 -0.88 1.12
C GLY A 30 -4.61 -0.22 1.02
N ASP A 31 -5.63 -1.05 0.94
CA ASP A 31 -6.99 -0.55 0.83
C ASP A 31 -7.72 -0.79 2.16
N CYS A 32 -8.25 0.30 2.71
CA CYS A 32 -8.97 0.22 3.97
C CYS A 32 -10.47 0.26 3.68
N CYS A 33 -11.15 -0.77 4.12
CA CYS A 33 -12.58 -0.87 3.92
C CYS A 33 -13.28 -0.35 5.17
N ARG A 34 -14.27 0.51 4.95
CA ARG A 34 -15.02 1.09 6.05
C ARG A 34 -16.52 0.98 5.78
N GLY A 35 -17.09 -0.13 6.20
CA GLY A 35 -18.52 -0.36 6.02
C GLY A 35 -18.84 -0.56 4.53
N LYS A 36 -18.99 0.56 3.84
CA LYS A 36 -19.31 0.53 2.42
C LYS A 36 -18.47 1.58 1.69
N SER A 37 -17.37 1.95 2.33
CA SER A 37 -16.47 2.94 1.75
C SER A 37 -15.04 2.40 1.74
N ARG A 38 -14.50 2.29 0.53
CA ARG A 38 -13.14 1.79 0.37
C ARG A 38 -12.16 2.97 0.23
N LEU A 39 -10.96 2.74 0.73
CA LEU A 39 -9.92 3.77 0.68
C LEU A 39 -8.58 3.10 0.36
N THR A 40 -7.66 3.92 -0.13
CA THR A 40 -6.34 3.44 -0.49
C THR A 40 -5.26 4.43 -0.03
N LEU A 41 -4.45 3.99 0.91
CA LEU A 41 -3.39 4.82 1.44
C LEU A 41 -2.23 3.94 1.90
N CYS A 42 -1.26 4.57 2.54
CA CYS A 42 -0.09 3.85 3.03
C CYS A 42 -0.16 3.82 4.56
N SER A 43 -0.15 2.61 5.10
CA SER A 43 -0.21 2.43 6.54
C SER A 43 0.28 1.02 6.91
N TYR A 44 1.39 1.00 7.62
CA TYR A 44 1.98 -0.27 8.04
C TYR A 44 1.96 -0.40 9.57
N GLY A 45 2.46 -1.52 10.05
CA GLY A 45 2.51 -1.79 11.48
C GLY A 45 3.85 -2.44 11.87
N GLU A 46 3.77 -3.27 12.90
CA GLU A 46 4.96 -3.96 13.39
C GLU A 46 5.26 -5.16 12.50
N GLY A 47 4.56 -5.24 11.38
CA GLY A 47 4.74 -6.33 10.44
C GLY A 47 3.96 -7.56 10.88
N GLY A 48 2.65 -7.39 10.98
CA GLY A 48 1.77 -8.48 11.38
C GLY A 48 0.84 -8.89 10.25
N ASN A 49 -0.11 -8.01 9.97
CA ASN A 49 -1.08 -8.26 8.91
C ASN A 49 -0.76 -7.37 7.72
N GLY A 50 0.53 -7.18 7.50
CA GLY A 50 0.98 -6.35 6.39
C GLY A 50 0.55 -4.90 6.57
N PHE A 51 -0.74 -4.66 6.32
CA PHE A 51 -1.29 -3.32 6.45
C PHE A 51 -1.73 -3.05 7.89
N GLN A 52 -1.87 -1.77 8.20
CA GLN A 52 -2.28 -1.37 9.52
C GLN A 52 -3.40 -0.32 9.44
N CYS A 53 -4.55 -0.77 8.95
CA CYS A 53 -5.70 0.11 8.80
C CYS A 53 -5.92 0.83 10.15
N PRO A 54 -6.50 2.06 10.05
CA PRO A 54 -6.77 2.84 11.25
C PRO A 54 -7.98 2.29 12.01
N THR A 55 -8.15 2.78 13.22
CA THR A 55 -9.26 2.35 14.05
C THR A 55 -10.59 2.74 13.41
N GLY A 56 -11.45 1.74 13.25
CA GLY A 56 -12.75 1.96 12.66
C GLY A 56 -12.77 1.50 11.20
N TYR A 57 -11.61 1.11 10.71
CA TYR A 57 -11.48 0.65 9.34
C TYR A 57 -11.10 -0.83 9.30
N ARG A 58 -11.03 -1.36 8.08
CA ARG A 58 -10.69 -2.75 7.89
C ARG A 58 -9.90 -2.93 6.58
N GLN A 59 -9.63 -4.19 6.26
CA GLN A 59 -8.89 -4.50 5.05
C GLN A 59 -9.86 -4.72 3.88
N CYS A 60 -9.64 -3.97 2.82
CA CYS A 60 -10.48 -4.08 1.64
C CYS A 60 -10.02 -5.29 0.83
N ASP A 1 13.80 -5.20 -19.62
CA ASP A 1 13.55 -3.93 -20.29
C ASP A 1 12.25 -3.34 -19.77
N ARG A 2 11.19 -4.14 -19.86
CA ARG A 2 9.89 -3.72 -19.41
C ARG A 2 9.76 -3.90 -17.89
N CYS A 3 8.86 -3.13 -17.30
CA CYS A 3 8.63 -3.20 -15.87
C CYS A 3 7.15 -2.97 -15.60
N ARG A 4 6.72 -3.36 -14.42
CA ARG A 4 5.33 -3.21 -14.02
C ARG A 4 5.18 -2.03 -13.06
N TYR A 5 5.20 -0.83 -13.62
CA TYR A 5 5.06 0.38 -12.82
C TYR A 5 3.91 0.25 -11.82
N THR A 6 4.27 0.31 -10.55
CA THR A 6 3.28 0.20 -9.49
C THR A 6 3.45 1.33 -8.47
N LEU A 7 2.45 1.50 -7.64
CA LEU A 7 2.47 2.54 -6.62
C LEU A 7 2.93 1.93 -5.30
N CYS A 8 4.11 2.34 -4.87
CA CYS A 8 4.67 1.84 -3.61
C CYS A 8 4.69 2.99 -2.61
N CYS A 9 4.83 2.63 -1.34
CA CYS A 9 4.88 3.62 -0.28
C CYS A 9 6.33 3.79 0.16
N ASP A 10 6.74 5.05 0.27
CA ASP A 10 8.10 5.36 0.68
C ASP A 10 8.09 5.85 2.14
N GLY A 11 7.03 5.47 2.85
CA GLY A 11 6.89 5.87 4.24
C GLY A 11 7.31 7.33 4.44
N ALA A 12 7.18 8.10 3.38
CA ALA A 12 7.54 9.51 3.43
C ALA A 12 6.37 10.35 2.92
N LEU A 13 6.67 11.20 1.96
CA LEU A 13 5.65 12.06 1.38
C LEU A 13 4.33 11.30 1.29
N LYS A 14 4.33 10.28 0.44
CA LYS A 14 3.15 9.46 0.25
C LYS A 14 3.43 8.40 -0.82
N ALA A 15 2.45 7.55 -1.04
CA ALA A 15 2.58 6.49 -2.03
C ALA A 15 2.88 7.11 -3.40
N VAL A 16 4.04 6.73 -3.92
CA VAL A 16 4.46 7.24 -5.22
C VAL A 16 4.68 6.07 -6.18
N SER A 17 4.57 6.37 -7.46
CA SER A 17 4.75 5.35 -8.49
C SER A 17 6.23 4.99 -8.61
N ALA A 18 6.48 3.76 -9.02
CA ALA A 18 7.84 3.27 -9.18
C ALA A 18 7.87 2.22 -10.28
N CYS A 19 9.04 2.09 -10.90
CA CYS A 19 9.22 1.13 -11.98
C CYS A 19 9.91 -0.10 -11.40
N LEU A 20 9.09 -1.01 -10.86
CA LEU A 20 9.61 -2.23 -10.28
C LEU A 20 9.19 -3.42 -11.13
N HIS A 21 9.82 -4.55 -10.87
CA HIS A 21 9.51 -5.77 -11.61
C HIS A 21 9.00 -6.84 -10.63
N GLU A 22 8.70 -8.00 -11.19
CA GLU A 22 8.20 -9.11 -10.39
C GLU A 22 9.30 -9.65 -9.49
N SER A 23 10.54 -9.43 -9.92
CA SER A 23 11.69 -9.90 -9.16
C SER A 23 11.96 -8.93 -8.00
N GLU A 24 11.16 -7.88 -7.94
CA GLU A 24 11.31 -6.88 -6.90
C GLU A 24 9.96 -6.59 -6.24
N SER A 25 10.01 -6.11 -5.01
CA SER A 25 8.81 -5.78 -4.27
C SER A 25 9.09 -4.65 -3.29
N CYS A 26 8.18 -3.69 -3.26
CA CYS A 26 8.31 -2.54 -2.38
C CYS A 26 7.13 -2.55 -1.40
N LEU A 27 7.23 -1.69 -0.40
CA LEU A 27 6.18 -1.58 0.60
C LEU A 27 4.89 -1.12 -0.06
N VAL A 28 4.13 -2.09 -0.54
CA VAL A 28 2.86 -1.80 -1.19
C VAL A 28 1.87 -1.25 -0.16
N PRO A 29 1.03 -0.28 -0.63
CA PRO A 29 0.04 0.32 0.25
C PRO A 29 -1.14 -0.62 0.47
N GLY A 30 -2.20 -0.06 1.04
CA GLY A 30 -3.39 -0.84 1.31
C GLY A 30 -4.65 0.03 1.22
N ASP A 31 -5.75 -0.61 0.84
CA ASP A 31 -7.02 0.09 0.71
C ASP A 31 -7.93 -0.30 1.87
N CYS A 32 -8.35 0.71 2.61
CA CYS A 32 -9.23 0.49 3.75
C CYS A 32 -10.67 0.75 3.30
N CYS A 33 -11.47 -0.29 3.36
CA CYS A 33 -12.87 -0.20 2.97
C CYS A 33 -13.73 -0.43 4.20
N ARG A 34 -14.82 0.34 4.28
CA ARG A 34 -15.72 0.23 5.41
C ARG A 34 -17.13 0.67 4.99
N GLY A 35 -18.05 -0.29 5.01
CA GLY A 35 -19.43 -0.01 4.64
C GLY A 35 -19.53 0.38 3.16
N LYS A 36 -19.59 1.68 2.93
CA LYS A 36 -19.69 2.20 1.57
C LYS A 36 -18.58 3.22 1.33
N SER A 37 -17.52 3.08 2.11
CA SER A 37 -16.39 3.99 2.00
C SER A 37 -15.11 3.21 1.74
N ARG A 38 -14.16 3.87 1.08
CA ARG A 38 -12.89 3.24 0.76
C ARG A 38 -11.77 4.28 0.79
N LEU A 39 -10.57 3.80 1.09
CA LEU A 39 -9.41 4.67 1.15
C LEU A 39 -8.15 3.88 0.77
N THR A 40 -7.12 4.61 0.41
CA THR A 40 -5.86 3.99 0.02
C THR A 40 -4.68 4.78 0.58
N LEU A 41 -4.01 4.18 1.56
CA LEU A 41 -2.86 4.82 2.18
C LEU A 41 -1.89 3.75 2.68
N CYS A 42 -0.91 4.19 3.45
CA CYS A 42 0.08 3.28 3.99
C CYS A 42 -0.24 3.05 5.48
N SER A 43 -0.43 1.78 5.82
CA SER A 43 -0.73 1.42 7.20
C SER A 43 -0.41 -0.06 7.42
N TYR A 44 0.80 -0.31 7.89
CA TYR A 44 1.23 -1.68 8.15
C TYR A 44 1.18 -1.99 9.64
N GLY A 45 1.41 -3.25 9.97
CA GLY A 45 1.40 -3.69 11.35
C GLY A 45 2.77 -3.54 11.99
N GLU A 46 3.46 -2.48 11.60
CA GLU A 46 4.79 -2.21 12.14
C GLU A 46 5.74 -3.38 11.82
N GLY A 47 7.01 -3.03 11.69
CA GLY A 47 8.02 -4.04 11.39
C GLY A 47 8.13 -4.27 9.88
N GLY A 48 6.97 -4.48 9.26
CA GLY A 48 6.93 -4.72 7.82
C GLY A 48 6.16 -6.00 7.51
N ASN A 49 4.84 -5.91 7.66
CA ASN A 49 3.98 -7.03 7.39
C ASN A 49 2.76 -6.57 6.59
N GLY A 50 1.67 -7.31 6.73
CA GLY A 50 0.45 -6.98 6.03
C GLY A 50 -0.03 -5.57 6.38
N PHE A 51 -1.31 -5.34 6.18
CA PHE A 51 -1.90 -4.04 6.46
C PHE A 51 -2.53 -4.02 7.86
N GLN A 52 -2.77 -2.81 8.35
CA GLN A 52 -3.37 -2.65 9.66
C GLN A 52 -4.42 -1.54 9.62
N CYS A 53 -5.53 -1.84 8.95
CA CYS A 53 -6.62 -0.88 8.83
C CYS A 53 -6.91 -0.32 10.22
N PRO A 54 -7.10 1.03 10.27
CA PRO A 54 -7.39 1.71 11.51
C PRO A 54 -8.83 1.45 11.95
N THR A 55 -9.20 2.07 13.06
CA THR A 55 -10.54 1.93 13.60
C THR A 55 -11.56 2.57 12.66
N GLY A 56 -12.52 1.77 12.24
CA GLY A 56 -13.56 2.25 11.35
C GLY A 56 -13.27 1.84 9.90
N TYR A 57 -12.09 1.28 9.71
CA TYR A 57 -11.67 0.84 8.39
C TYR A 57 -11.52 -0.67 8.33
N ARG A 58 -11.74 -1.22 7.14
CA ARG A 58 -11.64 -2.65 6.94
C ARG A 58 -10.95 -2.95 5.61
N GLN A 59 -9.74 -3.49 5.71
CA GLN A 59 -8.97 -3.82 4.53
C GLN A 59 -9.89 -4.32 3.42
N CYS A 60 -9.62 -3.84 2.21
CA CYS A 60 -10.42 -4.22 1.06
C CYS A 60 -9.94 -5.59 0.58
N ASP A 1 13.47 -1.40 -21.75
CA ASP A 1 13.67 -2.63 -21.01
C ASP A 1 12.35 -3.07 -20.36
N ARG A 2 12.44 -4.12 -19.57
CA ARG A 2 11.27 -4.64 -18.88
C ARG A 2 11.16 -4.04 -17.48
N CYS A 3 9.97 -4.17 -16.92
CA CYS A 3 9.71 -3.65 -15.59
C CYS A 3 8.20 -3.58 -15.38
N ARG A 4 7.79 -3.78 -14.13
CA ARG A 4 6.38 -3.74 -13.79
C ARG A 4 6.03 -2.40 -13.12
N TYR A 5 6.06 -1.35 -13.93
CA TYR A 5 5.76 -0.02 -13.43
C TYR A 5 4.49 -0.04 -12.57
N THR A 6 4.66 0.32 -11.31
CA THR A 6 3.54 0.35 -10.38
C THR A 6 3.69 1.52 -9.41
N LEU A 7 2.66 1.72 -8.61
CA LEU A 7 2.65 2.79 -7.63
C LEU A 7 3.04 2.23 -6.26
N CYS A 8 4.14 2.76 -5.73
CA CYS A 8 4.62 2.33 -4.43
C CYS A 8 4.57 3.51 -3.48
N CYS A 9 4.62 3.21 -2.19
CA CYS A 9 4.59 4.23 -1.17
C CYS A 9 6.02 4.47 -0.67
N ASP A 10 6.37 5.74 -0.59
CA ASP A 10 7.71 6.12 -0.13
C ASP A 10 7.58 6.97 1.14
N GLY A 11 6.55 6.66 1.91
CA GLY A 11 6.31 7.39 3.15
C GLY A 11 6.58 8.89 2.97
N ALA A 12 6.44 9.35 1.74
CA ALA A 12 6.67 10.74 1.42
C ALA A 12 5.31 11.46 1.26
N LEU A 13 5.19 12.17 0.16
CA LEU A 13 3.96 12.89 -0.12
C LEU A 13 2.81 11.91 -0.28
N LYS A 14 3.13 10.78 -0.90
CA LYS A 14 2.12 9.74 -1.14
C LYS A 14 2.73 8.65 -2.03
N ALA A 15 1.85 7.78 -2.49
CA ALA A 15 2.28 6.69 -3.36
C ALA A 15 2.73 7.26 -4.70
N VAL A 16 4.00 7.07 -5.01
CA VAL A 16 4.56 7.56 -6.25
C VAL A 16 4.92 6.37 -7.15
N SER A 17 4.77 6.58 -8.44
CA SER A 17 5.08 5.54 -9.41
C SER A 17 6.54 5.12 -9.28
N ALA A 18 6.80 3.86 -9.61
CA ALA A 18 8.15 3.33 -9.54
C ALA A 18 8.31 2.23 -10.59
N CYS A 19 9.56 1.98 -10.94
CA CYS A 19 9.87 0.97 -11.94
C CYS A 19 10.63 -0.17 -11.24
N LEU A 20 9.88 -1.19 -10.86
CA LEU A 20 10.46 -2.33 -10.19
C LEU A 20 10.06 -3.62 -10.93
N HIS A 21 10.73 -4.70 -10.58
CA HIS A 21 10.46 -5.98 -11.19
C HIS A 21 9.86 -6.93 -10.16
N GLU A 22 9.57 -8.15 -10.61
CA GLU A 22 9.00 -9.16 -9.74
C GLU A 22 10.03 -9.61 -8.70
N SER A 23 11.29 -9.47 -9.07
CA SER A 23 12.38 -9.87 -8.19
C SER A 23 12.61 -8.78 -7.13
N GLU A 24 11.82 -7.73 -7.23
CA GLU A 24 11.93 -6.63 -6.30
C GLU A 24 10.55 -6.27 -5.74
N SER A 25 10.56 -5.63 -4.58
CA SER A 25 9.31 -5.22 -3.94
C SER A 25 9.48 -3.83 -3.32
N CYS A 26 8.34 -3.18 -3.08
CA CYS A 26 8.35 -1.86 -2.49
C CYS A 26 7.23 -1.79 -1.46
N LEU A 27 7.15 -0.65 -0.80
CA LEU A 27 6.13 -0.44 0.22
C LEU A 27 4.78 -0.22 -0.46
N VAL A 28 4.11 -1.33 -0.75
CA VAL A 28 2.81 -1.28 -1.40
C VAL A 28 1.78 -0.72 -0.41
N PRO A 29 0.83 0.08 -0.97
CA PRO A 29 -0.21 0.68 -0.16
C PRO A 29 -1.27 -0.35 0.23
N GLY A 30 -2.34 0.13 0.84
CA GLY A 30 -3.42 -0.73 1.26
C GLY A 30 -4.76 0.00 1.23
N ASP A 31 -5.82 -0.77 1.04
CA ASP A 31 -7.16 -0.20 0.98
C ASP A 31 -7.91 -0.56 2.26
N CYS A 32 -8.14 0.46 3.08
CA CYS A 32 -8.84 0.27 4.33
C CYS A 32 -10.35 0.44 4.08
N CYS A 33 -11.08 -0.61 4.38
CA CYS A 33 -12.53 -0.59 4.19
C CYS A 33 -13.18 -0.28 5.53
N ARG A 34 -14.08 0.70 5.50
CA ARG A 34 -14.78 1.12 6.70
C ARG A 34 -16.30 1.12 6.45
N GLY A 35 -16.95 0.07 6.93
CA GLY A 35 -18.38 -0.06 6.77
C GLY A 35 -18.76 -0.10 5.28
N LYS A 36 -18.84 1.07 4.69
CA LYS A 36 -19.19 1.18 3.29
C LYS A 36 -18.35 2.28 2.63
N SER A 37 -17.20 2.53 3.24
CA SER A 37 -16.29 3.54 2.73
C SER A 37 -14.87 2.99 2.66
N ARG A 38 -14.39 2.83 1.43
CA ARG A 38 -13.04 2.32 1.22
C ARG A 38 -12.09 3.44 0.86
N LEU A 39 -10.85 3.31 1.30
CA LEU A 39 -9.83 4.30 1.04
C LEU A 39 -8.46 3.62 0.98
N THR A 40 -7.67 4.05 0.00
CA THR A 40 -6.34 3.49 -0.18
C THR A 40 -5.27 4.51 0.23
N LEU A 41 -4.49 4.13 1.23
CA LEU A 41 -3.43 5.00 1.73
C LEU A 41 -2.30 4.14 2.28
N CYS A 42 -1.18 4.80 2.56
CA CYS A 42 -0.01 4.11 3.09
C CYS A 42 -0.11 4.11 4.62
N SER A 43 -0.13 2.92 5.17
CA SER A 43 -0.22 2.77 6.63
C SER A 43 0.40 1.43 7.05
N TYR A 44 1.33 1.51 7.98
CA TYR A 44 1.99 0.32 8.48
C TYR A 44 1.24 -0.26 9.67
N GLY A 45 1.58 -1.50 10.01
CA GLY A 45 0.95 -2.19 11.12
C GLY A 45 1.23 -3.69 11.08
N GLU A 46 1.77 -4.19 12.19
CA GLU A 46 2.10 -5.59 12.29
C GLU A 46 0.84 -6.40 12.68
N GLY A 47 0.70 -7.55 12.03
CA GLY A 47 -0.43 -8.42 12.30
C GLY A 47 -0.80 -9.22 11.06
N GLY A 48 -0.90 -8.52 9.94
CA GLY A 48 -1.25 -9.16 8.68
C GLY A 48 0.01 -9.41 7.83
N ASN A 49 0.36 -8.39 7.05
CA ASN A 49 1.52 -8.48 6.19
C ASN A 49 2.23 -7.13 6.13
N GLY A 50 2.89 -6.79 7.22
CA GLY A 50 3.60 -5.52 7.31
C GLY A 50 2.62 -4.36 7.45
N PHE A 51 1.77 -4.22 6.45
CA PHE A 51 0.78 -3.15 6.45
C PHE A 51 -0.48 -3.57 7.18
N GLN A 52 -1.14 -2.59 7.79
CA GLN A 52 -2.36 -2.85 8.53
C GLN A 52 -3.34 -1.69 8.35
N CYS A 53 -4.47 -1.80 9.04
CA CYS A 53 -5.50 -0.77 8.97
C CYS A 53 -5.64 -0.14 10.35
N PRO A 54 -5.93 1.19 10.35
CA PRO A 54 -6.09 1.93 11.59
C PRO A 54 -7.43 1.60 12.26
N THR A 55 -7.64 2.20 13.42
CA THR A 55 -8.87 1.98 14.16
C THR A 55 -10.08 2.45 13.34
N GLY A 56 -11.11 1.62 13.34
CA GLY A 56 -12.32 1.95 12.60
C GLY A 56 -12.20 1.52 11.14
N TYR A 57 -11.02 1.04 10.79
CA TYR A 57 -10.76 0.60 9.44
C TYR A 57 -10.38 -0.89 9.40
N ARG A 58 -10.66 -1.51 8.27
CA ARG A 58 -10.35 -2.91 8.10
C ARG A 58 -9.99 -3.21 6.64
N GLN A 59 -8.79 -3.75 6.45
CA GLN A 59 -8.31 -4.08 5.13
C GLN A 59 -9.46 -4.62 4.26
N CYS A 60 -9.59 -4.05 3.07
CA CYS A 60 -10.63 -4.47 2.15
C CYS A 60 -10.18 -5.76 1.47
N ASP A 1 7.48 -4.12 -23.25
CA ASP A 1 8.16 -3.36 -22.23
C ASP A 1 8.61 -4.30 -21.11
N ARG A 2 9.39 -3.75 -20.19
CA ARG A 2 9.89 -4.54 -19.07
C ARG A 2 9.46 -3.90 -17.74
N CYS A 3 9.41 -4.73 -16.71
CA CYS A 3 9.03 -4.27 -15.39
C CYS A 3 7.58 -3.77 -15.47
N ARG A 4 6.94 -3.73 -14.30
CA ARG A 4 5.56 -3.27 -14.22
C ARG A 4 5.46 -2.04 -13.34
N TYR A 5 5.39 -0.89 -13.99
CA TYR A 5 5.29 0.38 -13.27
C TYR A 5 4.24 0.29 -12.17
N THR A 6 4.72 0.45 -10.93
CA THR A 6 3.84 0.39 -9.78
C THR A 6 4.04 1.62 -8.89
N LEU A 7 3.10 1.82 -7.98
CA LEU A 7 3.17 2.94 -7.06
C LEU A 7 3.50 2.43 -5.65
N CYS A 8 4.64 2.87 -5.15
CA CYS A 8 5.08 2.47 -3.82
C CYS A 8 5.20 3.72 -2.95
N CYS A 9 5.13 3.51 -1.65
CA CYS A 9 5.23 4.61 -0.71
C CYS A 9 6.69 5.04 -0.62
N ASP A 10 6.88 6.33 -0.35
CA ASP A 10 8.23 6.87 -0.23
C ASP A 10 8.66 6.86 1.24
N GLY A 11 8.12 5.90 1.96
CA GLY A 11 8.44 5.76 3.38
C GLY A 11 7.82 6.91 4.19
N ALA A 12 7.07 7.75 3.49
CA ALA A 12 6.42 8.88 4.13
C ALA A 12 5.07 9.13 3.46
N LEU A 13 4.33 8.04 3.26
CA LEU A 13 3.03 8.14 2.63
C LEU A 13 3.20 8.46 1.15
N LYS A 14 3.92 9.55 0.89
CA LYS A 14 4.16 9.98 -0.47
C LYS A 14 4.38 8.76 -1.35
N ALA A 15 3.38 8.44 -2.15
CA ALA A 15 3.45 7.30 -3.05
C ALA A 15 3.97 7.77 -4.41
N VAL A 16 5.06 7.15 -4.83
CA VAL A 16 5.66 7.49 -6.11
C VAL A 16 5.71 6.24 -7.00
N SER A 17 5.52 6.45 -8.28
CA SER A 17 5.54 5.36 -9.24
C SER A 17 6.99 5.06 -9.67
N ALA A 18 7.31 3.78 -9.70
CA ALA A 18 8.65 3.36 -10.08
C ALA A 18 8.54 2.13 -11.00
N CYS A 19 9.60 1.92 -11.77
CA CYS A 19 9.64 0.79 -12.68
C CYS A 19 10.34 -0.38 -11.97
N LEU A 20 9.56 -1.09 -11.17
CA LEU A 20 10.09 -2.22 -10.43
C LEU A 20 9.66 -3.52 -11.11
N HIS A 21 10.41 -4.57 -10.85
CA HIS A 21 10.11 -5.87 -11.43
C HIS A 21 9.54 -6.79 -10.37
N GLU A 22 9.22 -8.01 -10.78
CA GLU A 22 8.67 -9.00 -9.87
C GLU A 22 9.72 -9.45 -8.85
N SER A 23 10.98 -9.34 -9.27
CA SER A 23 12.09 -9.73 -8.42
C SER A 23 12.38 -8.63 -7.41
N GLU A 24 11.57 -7.59 -7.47
CA GLU A 24 11.73 -6.45 -6.57
C GLU A 24 10.42 -6.16 -5.84
N SER A 25 10.54 -5.52 -4.68
CA SER A 25 9.38 -5.18 -3.89
C SER A 25 9.63 -3.89 -3.13
N CYS A 26 8.56 -3.12 -2.94
CA CYS A 26 8.65 -1.86 -2.23
C CYS A 26 7.48 -1.77 -1.25
N LEU A 27 7.51 -0.74 -0.42
CA LEU A 27 6.46 -0.53 0.56
C LEU A 27 5.16 -0.18 -0.17
N VAL A 28 4.37 -1.22 -0.43
CA VAL A 28 3.10 -1.03 -1.11
C VAL A 28 2.05 -0.58 -0.10
N PRO A 29 1.14 0.32 -0.59
CA PRO A 29 0.08 0.84 0.25
C PRO A 29 -1.01 -0.21 0.47
N GLY A 30 -2.12 0.25 1.04
CA GLY A 30 -3.24 -0.63 1.31
C GLY A 30 -4.56 0.13 1.23
N ASP A 31 -5.61 -0.59 0.84
CA ASP A 31 -6.93 0.00 0.73
C ASP A 31 -7.86 -0.63 1.76
N CYS A 32 -8.09 0.12 2.83
CA CYS A 32 -8.96 -0.34 3.90
C CYS A 32 -10.39 0.08 3.59
N CYS A 33 -11.26 -0.91 3.50
CA CYS A 33 -12.67 -0.65 3.20
C CYS A 33 -13.51 -1.19 4.35
N ARG A 34 -14.63 -0.53 4.58
CA ARG A 34 -15.53 -0.93 5.64
C ARG A 34 -16.94 -0.41 5.38
N GLY A 35 -17.88 -1.34 5.28
CA GLY A 35 -19.26 -1.00 5.02
C GLY A 35 -19.43 -0.46 3.60
N LYS A 36 -19.26 0.85 3.47
CA LYS A 36 -19.39 1.50 2.18
C LYS A 36 -18.38 2.64 2.08
N SER A 37 -17.30 2.51 2.83
CA SER A 37 -16.26 3.52 2.84
C SER A 37 -14.89 2.86 2.66
N ARG A 38 -14.21 3.28 1.60
CA ARG A 38 -12.89 2.75 1.30
C ARG A 38 -11.85 3.87 1.24
N LEU A 39 -10.64 3.53 1.63
CA LEU A 39 -9.55 4.50 1.63
C LEU A 39 -8.22 3.77 1.39
N THR A 40 -7.44 4.33 0.49
CA THR A 40 -6.14 3.74 0.16
C THR A 40 -5.01 4.69 0.56
N LEU A 41 -4.25 4.27 1.55
CA LEU A 41 -3.13 5.07 2.03
C LEU A 41 -2.06 4.15 2.61
N CYS A 42 -0.92 4.74 2.94
CA CYS A 42 0.18 3.99 3.50
C CYS A 42 0.11 4.09 5.02
N SER A 43 0.08 2.93 5.66
CA SER A 43 0.00 2.86 7.11
C SER A 43 0.46 1.50 7.60
N TYR A 44 1.63 1.49 8.24
CA TYR A 44 2.19 0.26 8.75
C TYR A 44 1.83 0.07 10.24
N GLY A 45 2.01 -1.15 10.70
CA GLY A 45 1.71 -1.47 12.08
C GLY A 45 1.30 -2.94 12.24
N GLU A 46 1.16 -3.35 13.49
CA GLU A 46 0.77 -4.72 13.77
C GLU A 46 1.84 -5.70 13.27
N GLY A 47 2.95 -5.13 12.84
CA GLY A 47 4.05 -5.94 12.33
C GLY A 47 3.53 -7.15 11.57
N GLY A 48 2.55 -6.89 10.71
CA GLY A 48 1.96 -7.95 9.90
C GLY A 48 2.34 -7.81 8.43
N ASN A 49 1.36 -7.39 7.64
CA ASN A 49 1.59 -7.22 6.22
C ASN A 49 2.05 -5.78 5.96
N GLY A 50 2.99 -5.33 6.78
CA GLY A 50 3.52 -3.99 6.65
C GLY A 50 2.40 -2.96 6.48
N PHE A 51 1.21 -3.35 6.95
CA PHE A 51 0.06 -2.48 6.85
C PHE A 51 -0.76 -2.51 8.15
N GLN A 52 -1.44 -1.41 8.41
CA GLN A 52 -2.26 -1.30 9.61
C GLN A 52 -3.48 -0.40 9.34
N CYS A 53 -4.55 -1.04 8.90
CA CYS A 53 -5.79 -0.32 8.60
C CYS A 53 -6.25 0.37 9.88
N PRO A 54 -6.89 1.56 9.70
CA PRO A 54 -7.39 2.32 10.83
C PRO A 54 -8.66 1.69 11.40
N THR A 55 -9.05 2.18 12.57
CA THR A 55 -10.24 1.66 13.23
C THR A 55 -11.49 1.96 12.39
N GLY A 56 -12.29 0.93 12.19
CA GLY A 56 -13.51 1.06 11.42
C GLY A 56 -13.26 0.72 9.94
N TYR A 57 -12.00 0.40 9.65
CA TYR A 57 -11.62 0.06 8.29
C TYR A 57 -10.95 -1.31 8.25
N ARG A 58 -11.17 -2.01 7.13
CA ARG A 58 -10.59 -3.33 6.95
C ARG A 58 -10.24 -3.56 5.48
N GLN A 59 -9.01 -3.98 5.25
CA GLN A 59 -8.54 -4.24 3.91
C GLN A 59 -9.66 -4.86 3.06
N CYS A 60 -9.85 -4.30 1.88
CA CYS A 60 -10.88 -4.77 0.97
C CYS A 60 -10.35 -6.01 0.26
N ASP A 1 10.53 -6.00 -23.31
CA ASP A 1 9.66 -5.21 -22.46
C ASP A 1 10.51 -4.38 -21.49
N ARG A 2 9.82 -3.56 -20.72
CA ARG A 2 10.50 -2.70 -19.76
C ARG A 2 9.85 -2.85 -18.37
N CYS A 3 10.58 -2.39 -17.37
CA CYS A 3 10.09 -2.46 -16.00
C CYS A 3 8.60 -2.09 -16.00
N ARG A 4 7.92 -2.53 -14.96
CA ARG A 4 6.49 -2.27 -14.84
C ARG A 4 6.25 -1.22 -13.73
N TYR A 5 6.29 0.03 -14.14
CA TYR A 5 6.08 1.13 -13.20
C TYR A 5 4.82 0.89 -12.35
N THR A 6 5.05 0.74 -11.06
CA THR A 6 3.95 0.50 -10.14
C THR A 6 3.90 1.61 -9.07
N LEU A 7 2.76 1.69 -8.41
CA LEU A 7 2.57 2.69 -7.37
C LEU A 7 2.93 2.08 -6.01
N CYS A 8 4.12 2.41 -5.54
CA CYS A 8 4.59 1.90 -4.27
C CYS A 8 4.66 3.08 -3.29
N CYS A 9 4.76 2.73 -2.01
CA CYS A 9 4.83 3.73 -0.96
C CYS A 9 6.30 4.08 -0.72
N ASP A 10 6.53 5.27 -0.20
CA ASP A 10 7.88 5.72 0.09
C ASP A 10 8.27 5.29 1.50
N GLY A 11 7.27 4.85 2.25
CA GLY A 11 7.48 4.42 3.61
C GLY A 11 7.18 5.55 4.60
N ALA A 12 7.52 6.76 4.18
CA ALA A 12 7.28 7.93 5.02
C ALA A 12 7.10 9.16 4.13
N LEU A 13 5.99 9.16 3.40
CA LEU A 13 5.68 10.26 2.51
C LEU A 13 4.34 10.01 1.83
N LYS A 14 4.42 9.46 0.62
CA LYS A 14 3.23 9.15 -0.14
C LYS A 14 3.52 8.00 -1.10
N ALA A 15 2.51 7.65 -1.89
CA ALA A 15 2.65 6.58 -2.86
C ALA A 15 3.00 7.16 -4.22
N VAL A 16 4.17 6.78 -4.71
CA VAL A 16 4.64 7.26 -6.00
C VAL A 16 4.83 6.07 -6.94
N SER A 17 5.22 6.38 -8.17
CA SER A 17 5.44 5.36 -9.17
C SER A 17 6.92 4.96 -9.22
N ALA A 18 7.17 3.71 -8.88
CA ALA A 18 8.54 3.20 -8.88
C ALA A 18 8.73 2.28 -10.09
N CYS A 19 9.97 2.23 -10.56
CA CYS A 19 10.30 1.40 -11.70
C CYS A 19 10.92 0.10 -11.19
N LEU A 20 10.05 -0.83 -10.84
CA LEU A 20 10.50 -2.12 -10.34
C LEU A 20 10.05 -3.22 -11.29
N HIS A 21 10.74 -4.36 -11.21
CA HIS A 21 10.42 -5.49 -12.05
C HIS A 21 9.48 -6.45 -11.31
N GLU A 22 9.04 -7.47 -12.01
CA GLU A 22 8.15 -8.45 -11.43
C GLU A 22 8.87 -9.24 -10.34
N SER A 23 10.17 -9.39 -10.52
CA SER A 23 10.98 -10.12 -9.56
C SER A 23 11.30 -9.22 -8.36
N GLU A 24 10.75 -8.02 -8.40
CA GLU A 24 10.96 -7.06 -7.32
C GLU A 24 9.62 -6.63 -6.72
N SER A 25 9.69 -6.20 -5.47
CA SER A 25 8.49 -5.76 -4.76
C SER A 25 8.84 -4.61 -3.82
N CYS A 26 7.91 -3.67 -3.72
CA CYS A 26 8.11 -2.52 -2.85
C CYS A 26 6.94 -2.46 -1.87
N LEU A 27 7.08 -1.58 -0.88
CA LEU A 27 6.05 -1.42 0.13
C LEU A 27 4.78 -0.89 -0.53
N VAL A 28 3.91 -1.82 -0.90
CA VAL A 28 2.66 -1.47 -1.55
C VAL A 28 1.66 -0.99 -0.48
N PRO A 29 0.75 -0.07 -0.92
CA PRO A 29 -0.25 0.47 -0.02
C PRO A 29 -1.35 -0.56 0.25
N GLY A 30 -2.43 -0.08 0.87
CA GLY A 30 -3.55 -0.94 1.19
C GLY A 30 -4.87 -0.16 1.13
N ASP A 31 -5.92 -0.86 0.73
CA ASP A 31 -7.24 -0.26 0.63
C ASP A 31 -8.13 -0.78 1.76
N CYS A 32 -8.33 0.06 2.75
CA CYS A 32 -9.16 -0.31 3.89
C CYS A 32 -10.60 0.08 3.58
N CYS A 33 -11.49 -0.90 3.68
CA CYS A 33 -12.89 -0.67 3.42
C CYS A 33 -13.63 -0.56 4.77
N ARG A 34 -14.61 0.32 4.79
CA ARG A 34 -15.39 0.54 6.00
C ARG A 34 -16.87 0.75 5.65
N GLY A 35 -17.65 -0.29 5.87
CA GLY A 35 -19.07 -0.23 5.58
C GLY A 35 -19.33 -0.15 4.07
N LYS A 36 -19.30 1.07 3.57
CA LYS A 36 -19.52 1.31 2.16
C LYS A 36 -18.57 2.41 1.66
N SER A 37 -17.47 2.56 2.39
CA SER A 37 -16.48 3.56 2.04
C SER A 37 -15.08 2.95 2.07
N ARG A 38 -14.39 3.07 0.94
CA ARG A 38 -13.05 2.53 0.82
C ARG A 38 -12.02 3.66 0.85
N LEU A 39 -10.82 3.32 1.31
CA LEU A 39 -9.75 4.30 1.38
C LEU A 39 -8.41 3.58 1.21
N THR A 40 -7.63 4.07 0.26
CA THR A 40 -6.33 3.50 -0.02
C THR A 40 -5.21 4.45 0.42
N LEU A 41 -4.39 3.96 1.33
CA LEU A 41 -3.29 4.76 1.84
C LEU A 41 -2.14 3.84 2.26
N CYS A 42 -1.07 4.45 2.74
CA CYS A 42 0.09 3.70 3.19
C CYS A 42 0.17 3.77 4.71
N SER A 43 0.09 2.60 5.35
CA SER A 43 0.16 2.53 6.79
C SER A 43 0.53 1.11 7.23
N TYR A 44 1.34 1.05 8.26
CA TYR A 44 1.78 -0.24 8.79
C TYR A 44 0.99 -0.62 10.04
N GLY A 45 1.26 -1.83 10.52
CA GLY A 45 0.57 -2.31 11.71
C GLY A 45 1.56 -2.53 12.86
N GLU A 46 2.13 -1.42 13.31
CA GLU A 46 3.10 -1.47 14.40
C GLU A 46 4.30 -2.34 14.02
N GLY A 47 4.35 -2.70 12.74
CA GLY A 47 5.42 -3.52 12.24
C GLY A 47 5.20 -5.00 12.58
N GLY A 48 4.26 -5.60 11.88
CA GLY A 48 3.93 -6.99 12.09
C GLY A 48 3.02 -7.53 10.99
N ASN A 49 1.82 -6.97 10.95
CA ASN A 49 0.84 -7.37 9.95
C ASN A 49 0.98 -6.50 8.71
N GLY A 50 2.24 -6.20 8.37
CA GLY A 50 2.52 -5.37 7.22
C GLY A 50 1.67 -4.09 7.24
N PHE A 51 0.70 -4.06 6.35
CA PHE A 51 -0.19 -2.90 6.25
C PHE A 51 -1.32 -2.99 7.29
N GLN A 52 -1.76 -1.82 7.72
CA GLN A 52 -2.82 -1.75 8.71
C GLN A 52 -3.76 -0.58 8.39
N CYS A 53 -4.46 -0.13 9.42
CA CYS A 53 -5.39 0.98 9.27
C CYS A 53 -6.04 1.24 10.62
N PRO A 54 -6.81 2.37 10.68
CA PRO A 54 -7.49 2.75 11.91
C PRO A 54 -8.71 1.86 12.16
N THR A 55 -9.30 2.04 13.32
CA THR A 55 -10.48 1.26 13.69
C THR A 55 -11.63 1.56 12.74
N GLY A 56 -12.17 0.50 12.17
CA GLY A 56 -13.29 0.63 11.25
C GLY A 56 -12.83 0.42 9.80
N TYR A 57 -11.52 0.36 9.64
CA TYR A 57 -10.94 0.16 8.33
C TYR A 57 -10.35 -1.25 8.19
N ARG A 58 -10.92 -2.01 7.26
CA ARG A 58 -10.47 -3.36 7.02
C ARG A 58 -10.26 -3.60 5.53
N GLN A 59 -9.05 -4.03 5.19
CA GLN A 59 -8.72 -4.30 3.80
C GLN A 59 -9.94 -4.83 3.06
N CYS A 60 -10.12 -4.33 1.84
CA CYS A 60 -11.24 -4.75 1.01
C CYS A 60 -10.90 -6.09 0.38
N ASP A 1 8.50 -6.05 -21.46
CA ASP A 1 9.26 -4.88 -21.85
C ASP A 1 9.92 -4.26 -20.62
N ARG A 2 10.18 -2.97 -20.71
CA ARG A 2 10.81 -2.26 -19.62
C ARG A 2 10.12 -2.58 -18.29
N CYS A 3 10.74 -2.17 -17.21
CA CYS A 3 10.20 -2.42 -15.89
C CYS A 3 8.68 -2.17 -15.93
N ARG A 4 7.99 -2.77 -14.98
CA ARG A 4 6.54 -2.63 -14.90
C ARG A 4 6.18 -1.51 -13.94
N TYR A 5 6.40 -0.28 -14.38
CA TYR A 5 6.09 0.88 -13.56
C TYR A 5 4.82 0.65 -12.75
N THR A 6 4.97 0.77 -11.43
CA THR A 6 3.84 0.58 -10.53
C THR A 6 3.87 1.63 -9.42
N LEU A 7 2.81 1.63 -8.62
CA LEU A 7 2.71 2.57 -7.52
C LEU A 7 3.20 1.89 -6.24
N CYS A 8 4.25 2.46 -5.68
CA CYS A 8 4.83 1.93 -4.45
C CYS A 8 4.81 3.03 -3.39
N CYS A 9 4.94 2.60 -2.14
CA CYS A 9 4.94 3.55 -1.03
C CYS A 9 6.37 3.69 -0.53
N ASP A 10 6.68 4.90 -0.06
CA ASP A 10 8.01 5.19 0.45
C ASP A 10 8.05 4.88 1.94
N GLY A 11 6.89 4.56 2.48
CA GLY A 11 6.78 4.24 3.90
C GLY A 11 6.53 5.50 4.73
N ALA A 12 7.09 6.61 4.27
CA ALA A 12 6.93 7.88 4.95
C ALA A 12 7.02 9.02 3.94
N LEU A 13 5.88 9.30 3.31
CA LEU A 13 5.82 10.36 2.32
C LEU A 13 4.44 10.34 1.66
N LYS A 14 4.35 9.60 0.56
CA LYS A 14 3.10 9.51 -0.18
C LYS A 14 3.28 8.54 -1.34
N ALA A 15 2.45 7.51 -1.36
CA ALA A 15 2.51 6.51 -2.42
C ALA A 15 2.78 7.21 -3.76
N VAL A 16 3.92 6.85 -4.34
CA VAL A 16 4.31 7.43 -5.62
C VAL A 16 4.67 6.31 -6.59
N SER A 17 4.90 6.71 -7.84
CA SER A 17 5.26 5.75 -8.87
C SER A 17 6.69 5.25 -8.65
N ALA A 18 6.92 4.03 -9.10
CA ALA A 18 8.24 3.42 -8.96
C ALA A 18 8.50 2.51 -10.16
N CYS A 19 9.79 2.26 -10.40
CA CYS A 19 10.19 1.41 -11.51
C CYS A 19 10.77 0.11 -10.93
N LEU A 20 9.90 -0.87 -10.78
CA LEU A 20 10.32 -2.16 -10.25
C LEU A 20 9.86 -3.27 -11.21
N HIS A 21 10.53 -4.42 -11.09
CA HIS A 21 10.21 -5.55 -11.93
C HIS A 21 9.44 -6.59 -11.11
N GLU A 22 9.09 -7.68 -11.77
CA GLU A 22 8.35 -8.75 -11.13
C GLU A 22 9.24 -9.48 -10.11
N SER A 23 10.54 -9.42 -10.37
CA SER A 23 11.51 -10.06 -9.49
C SER A 23 11.78 -9.19 -8.28
N GLU A 24 11.08 -8.06 -8.24
CA GLU A 24 11.23 -7.12 -7.14
C GLU A 24 9.87 -6.79 -6.53
N SER A 25 9.89 -6.46 -5.24
CA SER A 25 8.68 -6.12 -4.54
C SER A 25 8.91 -4.90 -3.64
N CYS A 26 8.04 -3.91 -3.81
CA CYS A 26 8.15 -2.69 -3.02
C CYS A 26 7.02 -2.69 -1.99
N LEU A 27 7.04 -1.66 -1.15
CA LEU A 27 6.02 -1.54 -0.11
C LEU A 27 4.73 -1.00 -0.73
N VAL A 28 3.84 -1.93 -1.06
CA VAL A 28 2.57 -1.57 -1.65
C VAL A 28 1.58 -1.16 -0.55
N PRO A 29 0.74 -0.15 -0.87
CA PRO A 29 -0.24 0.33 0.08
C PRO A 29 -1.41 -0.65 0.22
N GLY A 30 -2.45 -0.18 0.89
CA GLY A 30 -3.63 -1.02 1.10
C GLY A 30 -4.89 -0.16 1.15
N ASP A 31 -5.99 -0.72 0.66
CA ASP A 31 -7.26 -0.02 0.64
C ASP A 31 -8.18 -0.63 1.71
N CYS A 32 -8.42 0.15 2.75
CA CYS A 32 -9.29 -0.31 3.83
C CYS A 32 -10.71 0.15 3.53
N CYS A 33 -11.62 -0.82 3.51
CA CYS A 33 -13.01 -0.53 3.25
C CYS A 33 -13.83 -0.93 4.48
N ARG A 34 -14.90 -0.18 4.70
CA ARG A 34 -15.77 -0.44 5.84
C ARG A 34 -17.14 0.18 5.61
N GLY A 35 -18.17 -0.65 5.77
CA GLY A 35 -19.54 -0.20 5.58
C GLY A 35 -19.80 0.14 4.10
N LYS A 36 -19.55 1.39 3.76
CA LYS A 36 -19.77 1.85 2.40
C LYS A 36 -18.72 2.91 2.05
N SER A 37 -17.57 2.80 2.71
CA SER A 37 -16.48 3.73 2.48
C SER A 37 -15.15 3.00 2.48
N ARG A 38 -14.30 3.37 1.54
CA ARG A 38 -12.98 2.76 1.41
C ARG A 38 -11.94 3.81 1.06
N LEU A 39 -10.71 3.55 1.48
CA LEU A 39 -9.61 4.45 1.21
C LEU A 39 -8.30 3.66 1.12
N THR A 40 -7.39 4.18 0.32
CA THR A 40 -6.09 3.53 0.15
C THR A 40 -4.97 4.45 0.65
N LEU A 41 -4.15 3.90 1.53
CA LEU A 41 -3.03 4.65 2.07
C LEU A 41 -1.90 3.69 2.43
N CYS A 42 -0.85 4.24 3.02
CA CYS A 42 0.30 3.44 3.42
C CYS A 42 0.38 3.45 4.94
N SER A 43 0.23 2.25 5.51
CA SER A 43 0.28 2.10 6.96
C SER A 43 0.58 0.65 7.32
N TYR A 44 1.48 0.48 8.27
CA TYR A 44 1.86 -0.85 8.72
C TYR A 44 1.10 -1.24 9.99
N GLY A 45 1.31 -2.48 10.40
CA GLY A 45 0.66 -2.99 11.60
C GLY A 45 1.45 -4.15 12.21
N GLU A 46 1.19 -4.40 13.48
CA GLU A 46 1.87 -5.48 14.19
C GLU A 46 3.38 -5.21 14.23
N GLY A 47 3.75 -4.01 13.81
CA GLY A 47 5.15 -3.63 13.79
C GLY A 47 5.80 -4.01 12.47
N GLY A 48 5.57 -3.17 11.46
CA GLY A 48 6.13 -3.41 10.14
C GLY A 48 6.00 -4.89 9.76
N ASN A 49 4.78 -5.40 9.90
CA ASN A 49 4.52 -6.78 9.57
C ASN A 49 3.46 -6.84 8.46
N GLY A 50 3.45 -5.80 7.64
CA GLY A 50 2.50 -5.73 6.54
C GLY A 50 1.76 -4.38 6.56
N PHE A 51 0.50 -4.44 6.17
CA PHE A 51 -0.32 -3.24 6.13
C PHE A 51 -1.48 -3.34 7.14
N GLN A 52 -1.87 -2.18 7.64
CA GLN A 52 -2.94 -2.11 8.62
C GLN A 52 -4.08 -1.25 8.08
N CYS A 53 -5.04 -0.97 8.97
CA CYS A 53 -6.19 -0.17 8.59
C CYS A 53 -6.57 0.70 9.79
N PRO A 54 -7.02 1.95 9.48
CA PRO A 54 -7.42 2.88 10.52
C PRO A 54 -8.77 2.50 11.12
N THR A 55 -9.08 3.10 12.26
CA THR A 55 -10.34 2.84 12.94
C THR A 55 -11.51 3.25 12.06
N GLY A 56 -12.44 2.31 11.90
CA GLY A 56 -13.62 2.57 11.08
C GLY A 56 -13.45 1.99 9.67
N TYR A 57 -12.30 1.37 9.45
CA TYR A 57 -12.00 0.77 8.17
C TYR A 57 -11.61 -0.70 8.32
N ARG A 58 -11.73 -1.43 7.22
CA ARG A 58 -11.39 -2.83 7.22
C ARG A 58 -10.80 -3.24 5.87
N GLN A 59 -9.56 -3.70 5.90
CA GLN A 59 -8.88 -4.11 4.70
C GLN A 59 -9.85 -4.81 3.74
N CYS A 60 -9.85 -4.35 2.50
CA CYS A 60 -10.73 -4.91 1.49
C CYS A 60 -10.10 -6.20 0.98
N ASP A 1 8.58 -3.28 -23.44
CA ASP A 1 9.09 -2.72 -22.20
C ASP A 1 9.36 -3.85 -21.21
N ARG A 2 9.71 -3.46 -19.99
CA ARG A 2 10.00 -4.43 -18.94
C ARG A 2 9.58 -3.87 -17.58
N CYS A 3 9.37 -4.80 -16.64
CA CYS A 3 8.98 -4.41 -15.30
C CYS A 3 7.55 -3.85 -15.36
N ARG A 4 6.86 -3.96 -14.23
CA ARG A 4 5.49 -3.46 -14.14
C ARG A 4 5.41 -2.30 -13.16
N TYR A 5 5.59 -1.09 -13.70
CA TYR A 5 5.54 0.11 -12.89
C TYR A 5 4.37 0.07 -11.92
N THR A 6 4.69 0.19 -10.64
CA THR A 6 3.67 0.17 -9.61
C THR A 6 3.82 1.38 -8.69
N LEU A 7 2.75 1.65 -7.94
CA LEU A 7 2.75 2.79 -7.03
C LEU A 7 3.26 2.32 -5.65
N CYS A 8 4.41 2.86 -5.28
CA CYS A 8 5.01 2.51 -4.00
C CYS A 8 4.88 3.72 -3.07
N CYS A 9 4.94 3.45 -1.77
CA CYS A 9 4.84 4.49 -0.78
C CYS A 9 6.25 4.86 -0.32
N ASP A 10 6.36 6.04 0.26
CA ASP A 10 7.65 6.52 0.75
C ASP A 10 7.83 6.08 2.20
N GLY A 11 7.00 5.13 2.61
CA GLY A 11 7.05 4.61 3.97
C GLY A 11 6.29 5.52 4.93
N ALA A 12 5.96 6.71 4.44
CA ALA A 12 5.23 7.67 5.24
C ALA A 12 3.90 7.99 4.57
N LEU A 13 3.62 9.28 4.47
CA LEU A 13 2.39 9.74 3.84
C LEU A 13 2.61 9.92 2.35
N LYS A 14 3.86 10.15 1.99
CA LYS A 14 4.23 10.34 0.60
C LYS A 14 3.98 9.04 -0.18
N ALA A 15 3.94 9.17 -1.50
CA ALA A 15 3.72 8.02 -2.36
C ALA A 15 4.04 8.39 -3.80
N VAL A 16 4.86 7.56 -4.43
CA VAL A 16 5.25 7.80 -5.81
C VAL A 16 5.25 6.46 -6.56
N SER A 17 5.49 6.56 -7.86
CA SER A 17 5.52 5.38 -8.71
C SER A 17 6.96 4.85 -8.82
N ALA A 18 7.05 3.56 -9.11
CA ALA A 18 8.36 2.92 -9.25
C ALA A 18 8.26 1.78 -10.26
N CYS A 19 9.41 1.38 -10.76
CA CYS A 19 9.48 0.30 -11.74
C CYS A 19 10.24 -0.88 -11.12
N LEU A 20 9.47 -1.79 -10.54
CA LEU A 20 10.05 -2.97 -9.91
C LEU A 20 9.50 -4.23 -10.58
N HIS A 21 10.24 -5.31 -10.43
CA HIS A 21 9.84 -6.57 -11.02
C HIS A 21 9.15 -7.43 -9.96
N GLU A 22 8.74 -8.63 -10.38
CA GLU A 22 8.06 -9.54 -9.49
C GLU A 22 9.02 -10.01 -8.38
N SER A 23 10.30 -10.04 -8.73
CA SER A 23 11.31 -10.46 -7.78
C SER A 23 11.64 -9.32 -6.82
N GLU A 24 10.95 -8.21 -7.01
CA GLU A 24 11.15 -7.04 -6.17
C GLU A 24 9.81 -6.55 -5.60
N SER A 25 9.90 -5.89 -4.45
CA SER A 25 8.71 -5.38 -3.80
C SER A 25 9.06 -4.12 -3.00
N CYS A 26 8.23 -3.09 -3.18
CA CYS A 26 8.44 -1.83 -2.48
C CYS A 26 7.32 -1.66 -1.45
N LEU A 27 7.41 -0.58 -0.71
CA LEU A 27 6.41 -0.28 0.31
C LEU A 27 5.06 -0.02 -0.36
N VAL A 28 4.45 -1.09 -0.83
CA VAL A 28 3.17 -0.99 -1.50
C VAL A 28 2.13 -0.44 -0.51
N PRO A 29 1.22 0.42 -1.04
CA PRO A 29 0.19 1.02 -0.22
C PRO A 29 -0.92 0.00 0.08
N GLY A 30 -2.00 0.51 0.66
CA GLY A 30 -3.13 -0.34 1.01
C GLY A 30 -4.45 0.44 0.93
N ASP A 31 -5.50 -0.28 0.60
CA ASP A 31 -6.82 0.32 0.49
C ASP A 31 -7.69 -0.14 1.65
N CYS A 32 -8.06 0.83 2.48
CA CYS A 32 -8.90 0.54 3.64
C CYS A 32 -10.36 0.68 3.22
N CYS A 33 -11.06 -0.45 3.25
CA CYS A 33 -12.46 -0.47 2.88
C CYS A 33 -13.28 -0.85 4.11
N ARG A 34 -14.43 -0.20 4.24
CA ARG A 34 -15.31 -0.44 5.37
C ARG A 34 -16.76 -0.16 4.98
N GLY A 35 -17.61 -1.16 5.20
CA GLY A 35 -19.01 -1.02 4.88
C GLY A 35 -19.20 -0.41 3.49
N LYS A 36 -19.47 0.89 3.48
CA LYS A 36 -19.67 1.60 2.22
C LYS A 36 -18.67 2.76 2.14
N SER A 37 -17.41 2.42 2.34
CA SER A 37 -16.34 3.42 2.28
C SER A 37 -15.02 2.76 1.90
N ARG A 38 -14.16 3.55 1.29
CA ARG A 38 -12.86 3.05 0.87
C ARG A 38 -11.83 4.19 0.89
N LEU A 39 -10.58 3.80 1.14
CA LEU A 39 -9.49 4.77 1.20
C LEU A 39 -8.20 4.09 0.78
N THR A 40 -7.21 4.91 0.44
CA THR A 40 -5.92 4.41 0.02
C THR A 40 -4.80 5.24 0.64
N LEU A 41 -4.03 4.60 1.51
CA LEU A 41 -2.93 5.28 2.18
C LEU A 41 -1.84 4.26 2.51
N CYS A 42 -0.83 4.73 3.23
CA CYS A 42 0.27 3.87 3.62
C CYS A 42 0.14 3.57 5.12
N SER A 43 -0.03 2.29 5.42
CA SER A 43 -0.16 1.86 6.80
C SER A 43 0.14 0.36 6.91
N TYR A 44 1.20 0.06 7.64
CA TYR A 44 1.61 -1.32 7.84
C TYR A 44 1.42 -1.74 9.30
N GLY A 45 1.77 -3.00 9.57
CA GLY A 45 1.64 -3.54 10.91
C GLY A 45 2.82 -3.09 11.79
N GLU A 46 3.03 -1.78 11.81
CA GLU A 46 4.11 -1.21 12.60
C GLU A 46 5.45 -1.78 12.15
N GLY A 47 5.42 -2.47 11.02
CA GLY A 47 6.63 -3.07 10.46
C GLY A 47 6.39 -3.53 9.02
N GLY A 48 6.24 -4.83 8.85
CA GLY A 48 6.02 -5.40 7.54
C GLY A 48 5.04 -6.56 7.60
N ASN A 49 3.87 -6.27 8.17
CA ASN A 49 2.83 -7.28 8.29
C ASN A 49 1.60 -6.85 7.50
N GLY A 50 1.62 -7.16 6.22
CA GLY A 50 0.52 -6.80 5.35
C GLY A 50 0.10 -5.35 5.55
N PHE A 51 -1.07 -5.18 6.12
CA PHE A 51 -1.61 -3.84 6.39
C PHE A 51 -2.21 -3.75 7.79
N GLN A 52 -2.34 -2.52 8.26
CA GLN A 52 -2.89 -2.29 9.58
C GLN A 52 -4.01 -1.24 9.51
N CYS A 53 -5.07 -1.59 8.81
CA CYS A 53 -6.21 -0.70 8.65
C CYS A 53 -6.60 -0.18 10.04
N PRO A 54 -6.89 1.15 10.08
CA PRO A 54 -7.29 1.78 11.33
C PRO A 54 -8.71 1.41 11.71
N THR A 55 -9.15 1.94 12.85
CA THR A 55 -10.49 1.67 13.34
C THR A 55 -11.53 2.15 12.34
N GLY A 56 -12.50 1.29 12.06
CA GLY A 56 -13.55 1.62 11.12
C GLY A 56 -13.10 1.36 9.68
N TYR A 57 -11.92 0.78 9.56
CA TYR A 57 -11.36 0.48 8.24
C TYR A 57 -10.84 -0.96 8.19
N ARG A 58 -11.01 -1.57 7.03
CA ARG A 58 -10.56 -2.94 6.83
C ARG A 58 -10.02 -3.12 5.41
N GLN A 59 -8.78 -3.57 5.34
CA GLN A 59 -8.15 -3.79 4.05
C GLN A 59 -9.16 -4.32 3.03
N CYS A 60 -9.02 -3.85 1.80
CA CYS A 60 -9.92 -4.26 0.74
C CYS A 60 -9.46 -5.63 0.24
#